data_4MTH
# 
_entry.id   4MTH 
# 
_audit_conform.dict_name       mmcif_pdbx.dic 
_audit_conform.dict_version    5.398 
_audit_conform.dict_location   http://mmcif.pdb.org/dictionaries/ascii/mmcif_pdbx.dic 
# 
loop_
_database_2.database_id 
_database_2.database_code 
_database_2.pdbx_database_accession 
_database_2.pdbx_DOI 
PDB   4MTH         pdb_00004mth 10.2210/pdb4mth/pdb 
RCSB  RCSB082344   ?            ?                   
WWPDB D_1000082344 ?            ?                   
# 
loop_
_pdbx_audit_revision_history.ordinal 
_pdbx_audit_revision_history.data_content_type 
_pdbx_audit_revision_history.major_revision 
_pdbx_audit_revision_history.minor_revision 
_pdbx_audit_revision_history.revision_date 
1 'Structure model' 1 0 2013-11-27 
2 'Structure model' 1 1 2013-12-25 
3 'Structure model' 1 2 2017-11-15 
4 'Structure model' 1 3 2024-11-06 
# 
_pdbx_audit_revision_details.ordinal             1 
_pdbx_audit_revision_details.revision_ordinal    1 
_pdbx_audit_revision_details.data_content_type   'Structure model' 
_pdbx_audit_revision_details.provider            repository 
_pdbx_audit_revision_details.type                'Initial release' 
_pdbx_audit_revision_details.description         ? 
_pdbx_audit_revision_details.details             ? 
# 
loop_
_pdbx_audit_revision_group.ordinal 
_pdbx_audit_revision_group.revision_ordinal 
_pdbx_audit_revision_group.data_content_type 
_pdbx_audit_revision_group.group 
1 2 'Structure model' 'Database references'    
2 3 'Structure model' 'Refinement description' 
3 4 'Structure model' 'Data collection'        
4 4 'Structure model' 'Database references'    
5 4 'Structure model' 'Derived calculations'   
6 4 'Structure model' 'Structure summary'      
# 
loop_
_pdbx_audit_revision_category.ordinal 
_pdbx_audit_revision_category.revision_ordinal 
_pdbx_audit_revision_category.data_content_type 
_pdbx_audit_revision_category.category 
1  3 'Structure model' software                  
2  4 'Structure model' chem_comp_atom            
3  4 'Structure model' chem_comp_bond            
4  4 'Structure model' database_2                
5  4 'Structure model' pdbx_entry_details        
6  4 'Structure model' pdbx_modification_feature 
7  4 'Structure model' pdbx_struct_conn_angle    
8  4 'Structure model' struct_conn               
9  4 'Structure model' struct_ref_seq_dif        
10 4 'Structure model' struct_site               
# 
loop_
_pdbx_audit_revision_item.ordinal 
_pdbx_audit_revision_item.revision_ordinal 
_pdbx_audit_revision_item.data_content_type 
_pdbx_audit_revision_item.item 
1  3 'Structure model' '_software.classification'                    
2  3 'Structure model' '_software.contact_author'                    
3  3 'Structure model' '_software.contact_author_email'              
4  3 'Structure model' '_software.date'                              
5  3 'Structure model' '_software.language'                          
6  3 'Structure model' '_software.location'                          
7  3 'Structure model' '_software.name'                              
8  3 'Structure model' '_software.type'                              
9  3 'Structure model' '_software.version'                           
10 4 'Structure model' '_database_2.pdbx_DOI'                        
11 4 'Structure model' '_database_2.pdbx_database_accession'         
12 4 'Structure model' '_pdbx_struct_conn_angle.ptnr1_auth_comp_id'  
13 4 'Structure model' '_pdbx_struct_conn_angle.ptnr1_auth_seq_id'   
14 4 'Structure model' '_pdbx_struct_conn_angle.ptnr1_label_asym_id' 
15 4 'Structure model' '_pdbx_struct_conn_angle.ptnr1_label_atom_id' 
16 4 'Structure model' '_pdbx_struct_conn_angle.ptnr1_label_comp_id' 
17 4 'Structure model' '_pdbx_struct_conn_angle.ptnr1_label_seq_id'  
18 4 'Structure model' '_pdbx_struct_conn_angle.ptnr3_auth_comp_id'  
19 4 'Structure model' '_pdbx_struct_conn_angle.ptnr3_auth_seq_id'   
20 4 'Structure model' '_pdbx_struct_conn_angle.ptnr3_label_asym_id' 
21 4 'Structure model' '_pdbx_struct_conn_angle.ptnr3_label_atom_id' 
22 4 'Structure model' '_pdbx_struct_conn_angle.ptnr3_label_comp_id' 
23 4 'Structure model' '_pdbx_struct_conn_angle.ptnr3_label_seq_id'  
24 4 'Structure model' '_pdbx_struct_conn_angle.value'               
25 4 'Structure model' '_struct_conn.pdbx_dist_value'                
26 4 'Structure model' '_struct_conn.ptnr1_auth_comp_id'             
27 4 'Structure model' '_struct_conn.ptnr1_auth_seq_id'              
28 4 'Structure model' '_struct_conn.ptnr1_label_asym_id'            
29 4 'Structure model' '_struct_conn.ptnr1_label_atom_id'            
30 4 'Structure model' '_struct_conn.ptnr1_label_comp_id'            
31 4 'Structure model' '_struct_conn.ptnr1_label_seq_id'             
32 4 'Structure model' '_struct_conn.ptnr2_auth_comp_id'             
33 4 'Structure model' '_struct_conn.ptnr2_auth_seq_id'              
34 4 'Structure model' '_struct_conn.ptnr2_label_asym_id'            
35 4 'Structure model' '_struct_conn.ptnr2_label_atom_id'            
36 4 'Structure model' '_struct_conn.ptnr2_label_comp_id'            
37 4 'Structure model' '_struct_ref_seq_dif.details'                 
38 4 'Structure model' '_struct_site.pdbx_auth_asym_id'              
39 4 'Structure model' '_struct_site.pdbx_auth_comp_id'              
40 4 'Structure model' '_struct_site.pdbx_auth_seq_id'               
# 
_pdbx_database_status.entry_id                        4MTH 
_pdbx_database_status.deposit_site                    RCSB 
_pdbx_database_status.process_site                    RCSB 
_pdbx_database_status.recvd_initial_deposition_date   2013-09-19 
_pdbx_database_status.status_code                     REL 
_pdbx_database_status.status_code_sf                  REL 
_pdbx_database_status.status_code_mr                  ? 
_pdbx_database_status.SG_entry                        ? 
_pdbx_database_status.status_code_cs                  ? 
_pdbx_database_status.methods_development_category    ? 
_pdbx_database_status.pdb_format_compatible           Y 
_pdbx_database_status.status_code_nmr_data            ? 
# 
_audit_author.name           'Derebe, M.G.' 
_audit_author.pdbx_ordinal   1 
# 
_citation.id                        primary 
_citation.title                     'Antibacterial membrane attack by a pore-forming intestinal C-type lectin.' 
_citation.journal_abbrev            Nature 
_citation.journal_volume            505 
_citation.page_first                103 
_citation.page_last                 107 
_citation.year                      2013 
_citation.journal_id_ASTM           NATUAS 
_citation.country                   UK 
_citation.journal_id_ISSN           0028-0836 
_citation.journal_id_CSD            0006 
_citation.book_publisher            ? 
_citation.pdbx_database_id_PubMed   24256734 
_citation.pdbx_database_id_DOI      10.1038/nature12729 
# 
loop_
_citation_author.citation_id 
_citation_author.name 
_citation_author.ordinal 
_citation_author.identifier_ORCID 
primary 'Mukherjee, S.'    1  ? 
primary 'Zheng, H.'        2  ? 
primary 'Derebe, M.G.'     3  ? 
primary 'Callenberg, K.M.' 4  ? 
primary 'Partch, C.L.'     5  ? 
primary 'Rollins, D.'      6  ? 
primary 'Propheter, D.C.'  7  ? 
primary 'Rizo, J.'         8  ? 
primary 'Grabe, M.'        9  ? 
primary 'Jiang, Q.X.'      10 ? 
primary 'Hooper, L.V.'     11 ? 
# 
loop_
_entity.id 
_entity.type 
_entity.src_method 
_entity.pdbx_description 
_entity.formula_weight 
_entity.pdbx_number_of_molecules 
_entity.pdbx_ec 
_entity.pdbx_mutation 
_entity.pdbx_fragment 
_entity.details 
1 polymer     man 'Regenerating islet-derived protein 3-alpha 15 kDa form' 15420.242 1   ? ? ? ? 
2 non-polymer syn 'ZINC ION'                                               65.409    3   ? ? ? ? 
3 water       nat water                                                    18.015    181 ? ? ? ? 
# 
_entity_name_com.entity_id   1 
_entity_name_com.name        
;REG-3-alpha, Hepatointestinal pancreatic protein, HIP/PAP, Human proislet peptide, Pancreatitis-associated protein 1, Regenerating islet-derived protein III-alpha, Reg III-alpha
;
# 
_entity_poly.entity_id                      1 
_entity_poly.type                           'polypeptide(L)' 
_entity_poly.nstd_linkage                   no 
_entity_poly.nstd_monomer                   no 
_entity_poly.pdbx_seq_one_letter_code       
;MIRCPKGSKAYGSHCYALFLSPKSWTDADLACQKRPSGNLVSVLSGAEGSFVSSLVKSIGNSYSYVWIGLHDPTQGTEPN
GEGWEWSSSDVMNYFAWERNPSTISSPGHCASLSRSTAFLRWKDYNCNVRLPYVCKFTD
;
_entity_poly.pdbx_seq_one_letter_code_can   
;MIRCPKGSKAYGSHCYALFLSPKSWTDADLACQKRPSGNLVSVLSGAEGSFVSSLVKSIGNSYSYVWIGLHDPTQGTEPN
GEGWEWSSSDVMNYFAWERNPSTISSPGHCASLSRSTAFLRWKDYNCNVRLPYVCKFTD
;
_entity_poly.pdbx_strand_id                 A 
_entity_poly.pdbx_target_identifier         ? 
# 
loop_
_pdbx_entity_nonpoly.entity_id 
_pdbx_entity_nonpoly.name 
_pdbx_entity_nonpoly.comp_id 
2 'ZINC ION' ZN  
3 water      HOH 
# 
loop_
_entity_poly_seq.entity_id 
_entity_poly_seq.num 
_entity_poly_seq.mon_id 
_entity_poly_seq.hetero 
1 1   MET n 
1 2   ILE n 
1 3   ARG n 
1 4   CYS n 
1 5   PRO n 
1 6   LYS n 
1 7   GLY n 
1 8   SER n 
1 9   LYS n 
1 10  ALA n 
1 11  TYR n 
1 12  GLY n 
1 13  SER n 
1 14  HIS n 
1 15  CYS n 
1 16  TYR n 
1 17  ALA n 
1 18  LEU n 
1 19  PHE n 
1 20  LEU n 
1 21  SER n 
1 22  PRO n 
1 23  LYS n 
1 24  SER n 
1 25  TRP n 
1 26  THR n 
1 27  ASP n 
1 28  ALA n 
1 29  ASP n 
1 30  LEU n 
1 31  ALA n 
1 32  CYS n 
1 33  GLN n 
1 34  LYS n 
1 35  ARG n 
1 36  PRO n 
1 37  SER n 
1 38  GLY n 
1 39  ASN n 
1 40  LEU n 
1 41  VAL n 
1 42  SER n 
1 43  VAL n 
1 44  LEU n 
1 45  SER n 
1 46  GLY n 
1 47  ALA n 
1 48  GLU n 
1 49  GLY n 
1 50  SER n 
1 51  PHE n 
1 52  VAL n 
1 53  SER n 
1 54  SER n 
1 55  LEU n 
1 56  VAL n 
1 57  LYS n 
1 58  SER n 
1 59  ILE n 
1 60  GLY n 
1 61  ASN n 
1 62  SER n 
1 63  TYR n 
1 64  SER n 
1 65  TYR n 
1 66  VAL n 
1 67  TRP n 
1 68  ILE n 
1 69  GLY n 
1 70  LEU n 
1 71  HIS n 
1 72  ASP n 
1 73  PRO n 
1 74  THR n 
1 75  GLN n 
1 76  GLY n 
1 77  THR n 
1 78  GLU n 
1 79  PRO n 
1 80  ASN n 
1 81  GLY n 
1 82  GLU n 
1 83  GLY n 
1 84  TRP n 
1 85  GLU n 
1 86  TRP n 
1 87  SER n 
1 88  SER n 
1 89  SER n 
1 90  ASP n 
1 91  VAL n 
1 92  MET n 
1 93  ASN n 
1 94  TYR n 
1 95  PHE n 
1 96  ALA n 
1 97  TRP n 
1 98  GLU n 
1 99  ARG n 
1 100 ASN n 
1 101 PRO n 
1 102 SER n 
1 103 THR n 
1 104 ILE n 
1 105 SER n 
1 106 SER n 
1 107 PRO n 
1 108 GLY n 
1 109 HIS n 
1 110 CYS n 
1 111 ALA n 
1 112 SER n 
1 113 LEU n 
1 114 SER n 
1 115 ARG n 
1 116 SER n 
1 117 THR n 
1 118 ALA n 
1 119 PHE n 
1 120 LEU n 
1 121 ARG n 
1 122 TRP n 
1 123 LYS n 
1 124 ASP n 
1 125 TYR n 
1 126 ASN n 
1 127 CYS n 
1 128 ASN n 
1 129 VAL n 
1 130 ARG n 
1 131 LEU n 
1 132 PRO n 
1 133 TYR n 
1 134 VAL n 
1 135 CYS n 
1 136 LYS n 
1 137 PHE n 
1 138 THR n 
1 139 ASP n 
# 
_entity_src_gen.entity_id                          1 
_entity_src_gen.pdbx_src_id                        1 
_entity_src_gen.pdbx_alt_source_flag               sample 
_entity_src_gen.pdbx_seq_type                      ? 
_entity_src_gen.pdbx_beg_seq_num                   ? 
_entity_src_gen.pdbx_end_seq_num                   ? 
_entity_src_gen.gene_src_common_name               human 
_entity_src_gen.gene_src_genus                     ? 
_entity_src_gen.pdbx_gene_src_gene                 'HIP, PAP, PAP1, REG3A' 
_entity_src_gen.gene_src_species                   ? 
_entity_src_gen.gene_src_strain                    ? 
_entity_src_gen.gene_src_tissue                    ? 
_entity_src_gen.gene_src_tissue_fraction           ? 
_entity_src_gen.gene_src_details                   ? 
_entity_src_gen.pdbx_gene_src_fragment             ? 
_entity_src_gen.pdbx_gene_src_scientific_name      'Homo sapiens' 
_entity_src_gen.pdbx_gene_src_ncbi_taxonomy_id     9606 
_entity_src_gen.pdbx_gene_src_variant              ? 
_entity_src_gen.pdbx_gene_src_cell_line            ? 
_entity_src_gen.pdbx_gene_src_atcc                 ? 
_entity_src_gen.pdbx_gene_src_organ                ? 
_entity_src_gen.pdbx_gene_src_organelle            ? 
_entity_src_gen.pdbx_gene_src_cell                 ? 
_entity_src_gen.pdbx_gene_src_cellular_location    ? 
_entity_src_gen.host_org_common_name               ? 
_entity_src_gen.pdbx_host_org_scientific_name      'Escherichia coli' 
_entity_src_gen.pdbx_host_org_ncbi_taxonomy_id     562 
_entity_src_gen.host_org_genus                     ? 
_entity_src_gen.pdbx_host_org_gene                 ? 
_entity_src_gen.pdbx_host_org_organ                ? 
_entity_src_gen.host_org_species                   ? 
_entity_src_gen.pdbx_host_org_tissue               ? 
_entity_src_gen.pdbx_host_org_tissue_fraction      ? 
_entity_src_gen.pdbx_host_org_strain               'BL21(DE3)-RIPL' 
_entity_src_gen.pdbx_host_org_variant              ? 
_entity_src_gen.pdbx_host_org_cell_line            ? 
_entity_src_gen.pdbx_host_org_atcc                 ? 
_entity_src_gen.pdbx_host_org_culture_collection   ? 
_entity_src_gen.pdbx_host_org_cell                 ? 
_entity_src_gen.pdbx_host_org_organelle            ? 
_entity_src_gen.pdbx_host_org_cellular_location    ? 
_entity_src_gen.pdbx_host_org_vector_type          PLASMID 
_entity_src_gen.pdbx_host_org_vector               ? 
_entity_src_gen.host_org_details                   ? 
_entity_src_gen.expression_system_id               ? 
_entity_src_gen.plasmid_name                       'PET 3(A)' 
_entity_src_gen.plasmid_details                    ? 
_entity_src_gen.pdbx_description                   ? 
# 
loop_
_chem_comp.id 
_chem_comp.type 
_chem_comp.mon_nstd_flag 
_chem_comp.name 
_chem_comp.pdbx_synonyms 
_chem_comp.formula 
_chem_comp.formula_weight 
ALA 'L-peptide linking' y ALANINE         ? 'C3 H7 N O2'     89.093  
ARG 'L-peptide linking' y ARGININE        ? 'C6 H15 N4 O2 1' 175.209 
ASN 'L-peptide linking' y ASPARAGINE      ? 'C4 H8 N2 O3'    132.118 
ASP 'L-peptide linking' y 'ASPARTIC ACID' ? 'C4 H7 N O4'     133.103 
CYS 'L-peptide linking' y CYSTEINE        ? 'C3 H7 N O2 S'   121.158 
GLN 'L-peptide linking' y GLUTAMINE       ? 'C5 H10 N2 O3'   146.144 
GLU 'L-peptide linking' y 'GLUTAMIC ACID' ? 'C5 H9 N O4'     147.129 
GLY 'peptide linking'   y GLYCINE         ? 'C2 H5 N O2'     75.067  
HIS 'L-peptide linking' y HISTIDINE       ? 'C6 H10 N3 O2 1' 156.162 
HOH non-polymer         . WATER           ? 'H2 O'           18.015  
ILE 'L-peptide linking' y ISOLEUCINE      ? 'C6 H13 N O2'    131.173 
LEU 'L-peptide linking' y LEUCINE         ? 'C6 H13 N O2'    131.173 
LYS 'L-peptide linking' y LYSINE          ? 'C6 H15 N2 O2 1' 147.195 
MET 'L-peptide linking' y METHIONINE      ? 'C5 H11 N O2 S'  149.211 
PHE 'L-peptide linking' y PHENYLALANINE   ? 'C9 H11 N O2'    165.189 
PRO 'L-peptide linking' y PROLINE         ? 'C5 H9 N O2'     115.130 
SER 'L-peptide linking' y SERINE          ? 'C3 H7 N O3'     105.093 
THR 'L-peptide linking' y THREONINE       ? 'C4 H9 N O3'     119.119 
TRP 'L-peptide linking' y TRYPTOPHAN      ? 'C11 H12 N2 O2'  204.225 
TYR 'L-peptide linking' y TYROSINE        ? 'C9 H11 N O3'    181.189 
VAL 'L-peptide linking' y VALINE          ? 'C5 H11 N O2'    117.146 
ZN  non-polymer         . 'ZINC ION'      ? 'Zn 2'           65.409  
# 
loop_
_pdbx_poly_seq_scheme.asym_id 
_pdbx_poly_seq_scheme.entity_id 
_pdbx_poly_seq_scheme.seq_id 
_pdbx_poly_seq_scheme.mon_id 
_pdbx_poly_seq_scheme.ndb_seq_num 
_pdbx_poly_seq_scheme.pdb_seq_num 
_pdbx_poly_seq_scheme.auth_seq_num 
_pdbx_poly_seq_scheme.pdb_mon_id 
_pdbx_poly_seq_scheme.auth_mon_id 
_pdbx_poly_seq_scheme.pdb_strand_id 
_pdbx_poly_seq_scheme.pdb_ins_code 
_pdbx_poly_seq_scheme.hetero 
A 1 1   MET 1   37  11  MET MET A . n 
A 1 2   ILE 2   38  12  ILE ILE A . n 
A 1 3   ARG 3   39  13  ARG ARG A . n 
A 1 4   CYS 4   40  14  CYS CYS A . n 
A 1 5   PRO 5   41  15  PRO PRO A . n 
A 1 6   LYS 6   42  16  LYS LYS A . n 
A 1 7   GLY 7   43  17  GLY GLY A . n 
A 1 8   SER 8   44  18  SER SER A . n 
A 1 9   LYS 9   45  19  LYS LYS A . n 
A 1 10  ALA 10  46  20  ALA ALA A . n 
A 1 11  TYR 11  47  21  TYR TYR A . n 
A 1 12  GLY 12  48  22  GLY GLY A . n 
A 1 13  SER 13  49  23  SER SER A . n 
A 1 14  HIS 14  50  24  HIS HIS A . n 
A 1 15  CYS 15  51  25  CYS CYS A . n 
A 1 16  TYR 16  52  26  TYR TYR A . n 
A 1 17  ALA 17  53  27  ALA ALA A . n 
A 1 18  LEU 18  54  28  LEU LEU A . n 
A 1 19  PHE 19  55  29  PHE PHE A . n 
A 1 20  LEU 20  56  30  LEU LEU A . n 
A 1 21  SER 21  57  31  SER SER A . n 
A 1 22  PRO 22  58  32  PRO PRO A . n 
A 1 23  LYS 23  59  33  LYS LYS A . n 
A 1 24  SER 24  60  34  SER SER A . n 
A 1 25  TRP 25  61  35  TRP TRP A . n 
A 1 26  THR 26  62  36  THR THR A . n 
A 1 27  ASP 27  63  37  ASP ASP A . n 
A 1 28  ALA 28  64  38  ALA ALA A . n 
A 1 29  ASP 29  65  39  ASP ASP A . n 
A 1 30  LEU 30  66  40  LEU LEU A . n 
A 1 31  ALA 31  67  41  ALA ALA A . n 
A 1 32  CYS 32  68  42  CYS CYS A . n 
A 1 33  GLN 33  69  43  GLN GLN A . n 
A 1 34  LYS 34  70  44  LYS LYS A . n 
A 1 35  ARG 35  71  45  ARG ARG A . n 
A 1 36  PRO 36  72  46  PRO PRO A . n 
A 1 37  SER 37  73  47  SER SER A . n 
A 1 38  GLY 38  74  48  GLY GLY A . n 
A 1 39  ASN 39  75  49  ASN ASN A . n 
A 1 40  LEU 40  76  50  LEU LEU A . n 
A 1 41  VAL 41  77  51  VAL VAL A . n 
A 1 42  SER 42  78  52  SER SER A . n 
A 1 43  VAL 43  79  53  VAL VAL A . n 
A 1 44  LEU 44  80  54  LEU LEU A . n 
A 1 45  SER 45  81  55  SER SER A . n 
A 1 46  GLY 46  82  56  GLY GLY A . n 
A 1 47  ALA 47  83  57  ALA ALA A . n 
A 1 48  GLU 48  84  58  GLU GLU A . n 
A 1 49  GLY 49  85  59  GLY GLY A . n 
A 1 50  SER 50  86  60  SER SER A . n 
A 1 51  PHE 51  87  61  PHE PHE A . n 
A 1 52  VAL 52  88  62  VAL VAL A . n 
A 1 53  SER 53  89  63  SER SER A . n 
A 1 54  SER 54  90  64  SER SER A . n 
A 1 55  LEU 55  91  65  LEU LEU A . n 
A 1 56  VAL 56  92  66  VAL VAL A . n 
A 1 57  LYS 57  93  67  LYS LYS A . n 
A 1 58  SER 58  94  68  SER SER A . n 
A 1 59  ILE 59  95  69  ILE ILE A . n 
A 1 60  GLY 60  96  70  GLY GLY A . n 
A 1 61  ASN 61  97  71  ASN ASN A . n 
A 1 62  SER 62  98  72  SER SER A . n 
A 1 63  TYR 63  99  73  TYR TYR A . n 
A 1 64  SER 64  100 74  SER SER A . n 
A 1 65  TYR 65  101 75  TYR TYR A . n 
A 1 66  VAL 66  102 76  VAL VAL A . n 
A 1 67  TRP 67  103 77  TRP TRP A . n 
A 1 68  ILE 68  104 78  ILE ILE A . n 
A 1 69  GLY 69  105 79  GLY GLY A . n 
A 1 70  LEU 70  106 80  LEU LEU A . n 
A 1 71  HIS 71  107 81  HIS HIS A . n 
A 1 72  ASP 72  108 82  ASP ASP A . n 
A 1 73  PRO 73  109 83  PRO PRO A . n 
A 1 74  THR 74  110 84  THR THR A . n 
A 1 75  GLN 75  111 85  GLN GLN A . n 
A 1 76  GLY 76  112 86  GLY GLY A . n 
A 1 77  THR 77  113 87  THR THR A . n 
A 1 78  GLU 78  114 88  GLU GLU A . n 
A 1 79  PRO 79  115 89  PRO PRO A . n 
A 1 80  ASN 80  116 90  ASN ASN A . n 
A 1 81  GLY 81  117 91  GLY GLY A . n 
A 1 82  GLU 82  118 92  GLU GLU A . n 
A 1 83  GLY 83  119 93  GLY GLY A . n 
A 1 84  TRP 84  120 94  TRP TRP A . n 
A 1 85  GLU 85  121 95  GLU GLU A . n 
A 1 86  TRP 86  122 96  TRP TRP A . n 
A 1 87  SER 87  123 97  SER SER A . n 
A 1 88  SER 88  124 98  SER SER A . n 
A 1 89  SER 89  125 99  SER SER A . n 
A 1 90  ASP 90  126 100 ASP ASP A . n 
A 1 91  VAL 91  127 101 VAL VAL A . n 
A 1 92  MET 92  128 102 MET MET A . n 
A 1 93  ASN 93  129 103 ASN ASN A . n 
A 1 94  TYR 94  130 104 TYR TYR A . n 
A 1 95  PHE 95  131 105 PHE PHE A . n 
A 1 96  ALA 96  132 106 ALA ALA A . n 
A 1 97  TRP 97  133 107 TRP TRP A . n 
A 1 98  GLU 98  134 108 GLU GLU A . n 
A 1 99  ARG 99  135 109 ARG ARG A . n 
A 1 100 ASN 100 136 110 ASN ASN A . n 
A 1 101 PRO 101 137 111 PRO PRO A . n 
A 1 102 SER 102 138 112 SER SER A . n 
A 1 103 THR 103 139 113 THR THR A . n 
A 1 104 ILE 104 140 114 ILE ILE A . n 
A 1 105 SER 105 141 115 SER SER A . n 
A 1 106 SER 106 142 116 SER SER A . n 
A 1 107 PRO 107 143 117 PRO PRO A . n 
A 1 108 GLY 108 144 118 GLY GLY A . n 
A 1 109 HIS 109 145 119 HIS HIS A . n 
A 1 110 CYS 110 146 120 CYS CYS A . n 
A 1 111 ALA 111 147 121 ALA ALA A . n 
A 1 112 SER 112 148 122 SER SER A . n 
A 1 113 LEU 113 149 123 LEU LEU A . n 
A 1 114 SER 114 150 124 SER SER A . n 
A 1 115 ARG 115 151 125 ARG ARG A . n 
A 1 116 SER 116 152 126 SER SER A . n 
A 1 117 THR 117 153 127 THR THR A . n 
A 1 118 ALA 118 154 128 ALA ALA A . n 
A 1 119 PHE 119 155 129 PHE PHE A . n 
A 1 120 LEU 120 156 130 LEU LEU A . n 
A 1 121 ARG 121 157 131 ARG ARG A . n 
A 1 122 TRP 122 158 132 TRP TRP A . n 
A 1 123 LYS 123 159 133 LYS LYS A . n 
A 1 124 ASP 124 160 134 ASP ASP A . n 
A 1 125 TYR 125 161 135 TYR TYR A . n 
A 1 126 ASN 126 162 136 ASN ASN A . n 
A 1 127 CYS 127 163 137 CYS CYS A . n 
A 1 128 ASN 128 164 138 ASN ASN A . n 
A 1 129 VAL 129 165 139 VAL VAL A . n 
A 1 130 ARG 130 166 140 ARG ARG A . n 
A 1 131 LEU 131 167 141 LEU LEU A . n 
A 1 132 PRO 132 168 142 PRO PRO A . n 
A 1 133 TYR 133 169 143 TYR TYR A . n 
A 1 134 VAL 134 170 144 VAL VAL A . n 
A 1 135 CYS 135 171 145 CYS CYS A . n 
A 1 136 LYS 136 172 146 LYS LYS A . n 
A 1 137 PHE 137 173 147 PHE PHE A . n 
A 1 138 THR 138 174 148 THR THR A . n 
A 1 139 ASP 139 175 149 ASP ASP A . n 
# 
loop_
_pdbx_nonpoly_scheme.asym_id 
_pdbx_nonpoly_scheme.entity_id 
_pdbx_nonpoly_scheme.mon_id 
_pdbx_nonpoly_scheme.ndb_seq_num 
_pdbx_nonpoly_scheme.pdb_seq_num 
_pdbx_nonpoly_scheme.auth_seq_num 
_pdbx_nonpoly_scheme.pdb_mon_id 
_pdbx_nonpoly_scheme.auth_mon_id 
_pdbx_nonpoly_scheme.pdb_strand_id 
_pdbx_nonpoly_scheme.pdb_ins_code 
B 2 ZN  1   201 1150 ZN  ZN  A . 
C 2 ZN  1   202 1151 ZN  ZN  A . 
D 2 ZN  1   203 1152 ZN  ZN  A . 
E 3 HOH 1   301 1    HOH HOH A . 
E 3 HOH 2   302 2    HOH HOH A . 
E 3 HOH 3   303 3    HOH HOH A . 
E 3 HOH 4   304 4    HOH HOH A . 
E 3 HOH 5   305 5    HOH HOH A . 
E 3 HOH 6   306 6    HOH HOH A . 
E 3 HOH 7   307 7    HOH HOH A . 
E 3 HOH 8   308 8    HOH HOH A . 
E 3 HOH 9   309 9    HOH HOH A . 
E 3 HOH 10  310 10   HOH HOH A . 
E 3 HOH 11  311 150  HOH HOH A . 
E 3 HOH 12  312 151  HOH HOH A . 
E 3 HOH 13  313 152  HOH HOH A . 
E 3 HOH 14  314 153  HOH HOH A . 
E 3 HOH 15  315 154  HOH HOH A . 
E 3 HOH 16  316 155  HOH HOH A . 
E 3 HOH 17  317 156  HOH HOH A . 
E 3 HOH 18  318 157  HOH HOH A . 
E 3 HOH 19  319 158  HOH HOH A . 
E 3 HOH 20  320 159  HOH HOH A . 
E 3 HOH 21  321 160  HOH HOH A . 
E 3 HOH 22  322 161  HOH HOH A . 
E 3 HOH 23  323 162  HOH HOH A . 
E 3 HOH 24  324 163  HOH HOH A . 
E 3 HOH 25  325 164  HOH HOH A . 
E 3 HOH 26  326 165  HOH HOH A . 
E 3 HOH 27  327 166  HOH HOH A . 
E 3 HOH 28  328 167  HOH HOH A . 
E 3 HOH 29  329 168  HOH HOH A . 
E 3 HOH 30  330 169  HOH HOH A . 
E 3 HOH 31  331 170  HOH HOH A . 
E 3 HOH 32  332 171  HOH HOH A . 
E 3 HOH 33  333 172  HOH HOH A . 
E 3 HOH 34  334 173  HOH HOH A . 
E 3 HOH 35  335 174  HOH HOH A . 
E 3 HOH 36  336 175  HOH HOH A . 
E 3 HOH 37  337 176  HOH HOH A . 
E 3 HOH 38  338 177  HOH HOH A . 
E 3 HOH 39  339 178  HOH HOH A . 
E 3 HOH 40  340 179  HOH HOH A . 
E 3 HOH 41  341 180  HOH HOH A . 
E 3 HOH 42  342 181  HOH HOH A . 
E 3 HOH 43  343 182  HOH HOH A . 
E 3 HOH 44  344 183  HOH HOH A . 
E 3 HOH 45  345 184  HOH HOH A . 
E 3 HOH 46  346 185  HOH HOH A . 
E 3 HOH 47  347 186  HOH HOH A . 
E 3 HOH 48  348 187  HOH HOH A . 
E 3 HOH 49  349 188  HOH HOH A . 
E 3 HOH 50  350 189  HOH HOH A . 
E 3 HOH 51  351 190  HOH HOH A . 
E 3 HOH 52  352 191  HOH HOH A . 
E 3 HOH 53  353 192  HOH HOH A . 
E 3 HOH 54  354 193  HOH HOH A . 
E 3 HOH 55  355 194  HOH HOH A . 
E 3 HOH 56  356 195  HOH HOH A . 
E 3 HOH 57  357 196  HOH HOH A . 
E 3 HOH 58  358 197  HOH HOH A . 
E 3 HOH 59  359 198  HOH HOH A . 
E 3 HOH 60  360 199  HOH HOH A . 
E 3 HOH 61  361 200  HOH HOH A . 
E 3 HOH 62  362 201  HOH HOH A . 
E 3 HOH 63  363 202  HOH HOH A . 
E 3 HOH 64  364 203  HOH HOH A . 
E 3 HOH 65  365 204  HOH HOH A . 
E 3 HOH 66  366 205  HOH HOH A . 
E 3 HOH 67  367 206  HOH HOH A . 
E 3 HOH 68  368 207  HOH HOH A . 
E 3 HOH 69  369 208  HOH HOH A . 
E 3 HOH 70  370 209  HOH HOH A . 
E 3 HOH 71  371 210  HOH HOH A . 
E 3 HOH 72  372 211  HOH HOH A . 
E 3 HOH 73  373 212  HOH HOH A . 
E 3 HOH 74  374 213  HOH HOH A . 
E 3 HOH 75  375 214  HOH HOH A . 
E 3 HOH 76  376 215  HOH HOH A . 
E 3 HOH 77  377 216  HOH HOH A . 
E 3 HOH 78  378 217  HOH HOH A . 
E 3 HOH 79  379 218  HOH HOH A . 
E 3 HOH 80  380 219  HOH HOH A . 
E 3 HOH 81  381 220  HOH HOH A . 
E 3 HOH 82  382 221  HOH HOH A . 
E 3 HOH 83  383 222  HOH HOH A . 
E 3 HOH 84  384 223  HOH HOH A . 
E 3 HOH 85  385 224  HOH HOH A . 
E 3 HOH 86  386 225  HOH HOH A . 
E 3 HOH 87  387 226  HOH HOH A . 
E 3 HOH 88  388 227  HOH HOH A . 
E 3 HOH 89  389 228  HOH HOH A . 
E 3 HOH 90  390 229  HOH HOH A . 
E 3 HOH 91  391 230  HOH HOH A . 
E 3 HOH 92  392 231  HOH HOH A . 
E 3 HOH 93  393 232  HOH HOH A . 
E 3 HOH 94  394 233  HOH HOH A . 
E 3 HOH 95  395 234  HOH HOH A . 
E 3 HOH 96  396 235  HOH HOH A . 
E 3 HOH 97  397 236  HOH HOH A . 
E 3 HOH 98  398 237  HOH HOH A . 
E 3 HOH 99  399 238  HOH HOH A . 
E 3 HOH 100 400 239  HOH HOH A . 
E 3 HOH 101 401 240  HOH HOH A . 
E 3 HOH 102 402 241  HOH HOH A . 
E 3 HOH 103 403 242  HOH HOH A . 
E 3 HOH 104 404 243  HOH HOH A . 
E 3 HOH 105 405 244  HOH HOH A . 
E 3 HOH 106 406 245  HOH HOH A . 
E 3 HOH 107 407 246  HOH HOH A . 
E 3 HOH 108 408 247  HOH HOH A . 
E 3 HOH 109 409 248  HOH HOH A . 
E 3 HOH 110 410 249  HOH HOH A . 
E 3 HOH 111 411 250  HOH HOH A . 
E 3 HOH 112 412 251  HOH HOH A . 
E 3 HOH 113 413 252  HOH HOH A . 
E 3 HOH 114 414 253  HOH HOH A . 
E 3 HOH 115 415 254  HOH HOH A . 
E 3 HOH 116 416 255  HOH HOH A . 
E 3 HOH 117 417 256  HOH HOH A . 
E 3 HOH 118 418 257  HOH HOH A . 
E 3 HOH 119 419 258  HOH HOH A . 
E 3 HOH 120 420 259  HOH HOH A . 
E 3 HOH 121 421 260  HOH HOH A . 
E 3 HOH 122 422 261  HOH HOH A . 
E 3 HOH 123 423 262  HOH HOH A . 
E 3 HOH 124 424 263  HOH HOH A . 
E 3 HOH 125 425 264  HOH HOH A . 
E 3 HOH 126 426 265  HOH HOH A . 
E 3 HOH 127 427 266  HOH HOH A . 
E 3 HOH 128 428 267  HOH HOH A . 
E 3 HOH 129 429 268  HOH HOH A . 
E 3 HOH 130 430 269  HOH HOH A . 
E 3 HOH 131 431 270  HOH HOH A . 
E 3 HOH 132 432 271  HOH HOH A . 
E 3 HOH 133 433 272  HOH HOH A . 
E 3 HOH 134 434 273  HOH HOH A . 
E 3 HOH 135 435 274  HOH HOH A . 
E 3 HOH 136 436 275  HOH HOH A . 
E 3 HOH 137 437 276  HOH HOH A . 
E 3 HOH 138 438 277  HOH HOH A . 
E 3 HOH 139 439 278  HOH HOH A . 
E 3 HOH 140 440 279  HOH HOH A . 
E 3 HOH 141 441 280  HOH HOH A . 
E 3 HOH 142 442 281  HOH HOH A . 
E 3 HOH 143 443 282  HOH HOH A . 
E 3 HOH 144 444 283  HOH HOH A . 
E 3 HOH 145 445 284  HOH HOH A . 
E 3 HOH 146 446 285  HOH HOH A . 
E 3 HOH 147 447 286  HOH HOH A . 
E 3 HOH 148 448 287  HOH HOH A . 
E 3 HOH 149 449 288  HOH HOH A . 
E 3 HOH 150 450 289  HOH HOH A . 
E 3 HOH 151 451 290  HOH HOH A . 
E 3 HOH 152 452 291  HOH HOH A . 
E 3 HOH 153 453 292  HOH HOH A . 
E 3 HOH 154 454 293  HOH HOH A . 
E 3 HOH 155 455 294  HOH HOH A . 
E 3 HOH 156 456 295  HOH HOH A . 
E 3 HOH 157 457 296  HOH HOH A . 
E 3 HOH 158 458 297  HOH HOH A . 
E 3 HOH 159 459 298  HOH HOH A . 
E 3 HOH 160 460 299  HOH HOH A . 
E 3 HOH 161 461 300  HOH HOH A . 
E 3 HOH 162 462 301  HOH HOH A . 
E 3 HOH 163 463 302  HOH HOH A . 
E 3 HOH 164 464 303  HOH HOH A . 
E 3 HOH 165 465 304  HOH HOH A . 
E 3 HOH 166 466 305  HOH HOH A . 
E 3 HOH 167 467 306  HOH HOH A . 
E 3 HOH 168 468 307  HOH HOH A . 
E 3 HOH 169 469 308  HOH HOH A . 
E 3 HOH 170 470 309  HOH HOH A . 
E 3 HOH 171 471 310  HOH HOH A . 
E 3 HOH 172 472 311  HOH HOH A . 
E 3 HOH 173 473 312  HOH HOH A . 
E 3 HOH 174 474 313  HOH HOH A . 
E 3 HOH 175 475 314  HOH HOH A . 
E 3 HOH 176 476 315  HOH HOH A . 
E 3 HOH 177 477 316  HOH HOH A . 
E 3 HOH 178 478 317  HOH HOH A . 
E 3 HOH 179 479 318  HOH HOH A . 
E 3 HOH 180 480 319  HOH HOH A . 
E 3 HOH 181 481 320  HOH HOH A . 
# 
loop_
_software.pdbx_ordinal 
_software.name 
_software.version 
_software.date 
_software.type 
_software.contact_author 
_software.contact_author_email 
_software.classification 
_software.location 
_software.language 
_software.citation_id 
1 DENZO       .         ?                package 'Zbyszek Otwinowski' hkl@hkl-xray.com            'data reduction'  
http://www.hkl-xray.com/                    ?   ? 
2 SCALEPACK   .         ?                package 'Zbyszek Otwinowski' hkl@hkl-xray.com            'data scaling'    
http://www.hkl-xray.com/                    ?   ? 
3 PHASER      .         ?                program 'Randy J. Read'      cimr-phaser@lists.cam.ac.uk phasing           
http://www-structmed.cimr.cam.ac.uk/phaser/ ?   ? 
4 PHENIX      1.6.1_357 ?                package 'Paul D. Adams'      PDAdams@lbl.gov             refinement        
http://www.phenix-online.org/               C++ ? 
5 PDB_EXTRACT 3.11      'April 22, 2011' package PDB                  deposit@deposit.rcsb.org    'data extraction' 
http://sw-tools.pdb.org/apps/PDB_EXTRACT/   C++ ? 
# 
_cell.entry_id           4MTH 
_cell.length_a           30.762 
_cell.length_b           49.528 
_cell.length_c           92.152 
_cell.angle_alpha        90.00 
_cell.angle_beta         90.00 
_cell.angle_gamma        90.00 
_cell.Z_PDB              4 
_cell.pdbx_unique_axis   ? 
_cell.length_a_esd       ? 
_cell.length_b_esd       ? 
_cell.length_c_esd       ? 
_cell.angle_alpha_esd    ? 
_cell.angle_beta_esd     ? 
_cell.angle_gamma_esd    ? 
# 
_symmetry.entry_id                         4MTH 
_symmetry.space_group_name_H-M             'P 21 21 21' 
_symmetry.pdbx_full_space_group_name_H-M   ? 
_symmetry.cell_setting                     ? 
_symmetry.Int_Tables_number                19 
_symmetry.space_group_name_Hall            ? 
# 
_exptl.method            'X-RAY DIFFRACTION' 
_exptl.crystals_number   1 
_exptl.entry_id          4MTH 
# 
_exptl_crystal.id                    1 
_exptl_crystal.density_Matthews      2.280 
_exptl_crystal.density_meas          ? 
_exptl_crystal.density_percent_sol   45.960 
_exptl_crystal.description           ? 
_exptl_crystal.F_000                 ? 
_exptl_crystal.preparation           ? 
# 
_exptl_crystal_grow.pdbx_details    
'22% PEG 8000, 0.1M MES pH 6.0, 0.1M NACL, 10MM NAAC, 5% GLYCEROL, VAPOR DIFFUSION, HANGING DROP, temperature 293K' 
_exptl_crystal_grow.crystal_id      1 
_exptl_crystal_grow.pH              6.0 
_exptl_crystal_grow.method          'VAPOR DIFFUSION, HANGING DROP' 
_exptl_crystal_grow.temp            293 
_exptl_crystal_grow.temp_details    ? 
_exptl_crystal_grow.pdbx_pH_range   ? 
# 
_diffrn.id                     1 
_diffrn.ambient_temp           100 
_diffrn.ambient_temp_details   ? 
_diffrn.crystal_id             1 
# 
_diffrn_detector.detector               CCD 
_diffrn_detector.type                   'ADSC QUANTUM 315r' 
_diffrn_detector.pdbx_collection_date   2010-11-19 
_diffrn_detector.diffrn_id              1 
_diffrn_detector.details                ? 
# 
_diffrn_radiation.diffrn_id                        1 
_diffrn_radiation.pdbx_monochromatic_or_laue_m_l   M 
_diffrn_radiation.pdbx_diffrn_protocol             'SINGLE WAVELENGTH' 
_diffrn_radiation.wavelength_id                    1 
_diffrn_radiation.monochromator                    ? 
_diffrn_radiation.pdbx_scattering_type             x-ray 
# 
_diffrn_radiation_wavelength.id           1 
_diffrn_radiation_wavelength.wavelength   1.54 
_diffrn_radiation_wavelength.wt           1.0 
# 
_diffrn_source.source                      SYNCHROTRON 
_diffrn_source.pdbx_synchrotron_site       APS 
_diffrn_source.pdbx_synchrotron_beamline   19-ID 
_diffrn_source.pdbx_wavelength             1.54 
_diffrn_source.diffrn_id                   1 
_diffrn_source.type                        'APS BEAMLINE 19-ID' 
_diffrn_source.pdbx_wavelength_list        1.54 
# 
_reflns.entry_id                     4MTH 
_reflns.d_resolution_high            1.470 
_reflns.d_resolution_low             50.000 
_reflns.number_obs                   24610 
_reflns.pdbx_netI_over_sigmaI        2.300 
_reflns.B_iso_Wilson_estimate        15.080 
_reflns.observed_criterion_sigma_F   ? 
_reflns.observed_criterion_sigma_I   ? 
_reflns.number_all                   24610 
_reflns.percent_possible_obs         ? 
_reflns.pdbx_Rmerge_I_obs            ? 
_reflns.pdbx_Rsym_value              ? 
_reflns.pdbx_redundancy              ? 
_reflns.R_free_details               ? 
_reflns.limit_h_max                  ? 
_reflns.limit_h_min                  ? 
_reflns.limit_k_max                  ? 
_reflns.limit_k_min                  ? 
_reflns.limit_l_max                  ? 
_reflns.limit_l_min                  ? 
_reflns.observed_criterion_F_max     ? 
_reflns.observed_criterion_F_min     ? 
_reflns.pdbx_chi_squared             ? 
_reflns.pdbx_scaling_rejects         ? 
_reflns.pdbx_ordinal                 1 
_reflns.pdbx_diffrn_id               1 
# 
_refine.entry_id                                 4MTH 
_refine.ls_d_res_high                            1.4700 
_refine.ls_d_res_low                             26.1300 
_refine.pdbx_ls_sigma_F                          0.130 
_refine.pdbx_data_cutoff_high_absF               ? 
_refine.pdbx_data_cutoff_low_absF                ? 
_refine.ls_percent_reflns_obs                    93.8000 
_refine.ls_number_reflns_obs                     23163 
_refine.ls_number_reflns_all                     24610 
_refine.pdbx_ls_cross_valid_method               ? 
_refine.pdbx_R_Free_selection_details            ? 
_refine.details                                  ? 
_refine.ls_R_factor_all                          ? 
_refine.ls_R_factor_obs                          0.1870 
_refine.ls_R_factor_R_work                       0.1850 
_refine.ls_wR_factor_R_work                      ? 
_refine.ls_R_factor_R_free                       0.2100 
_refine.ls_wR_factor_R_free                      ? 
_refine.ls_percent_reflns_R_free                 8.1000 
_refine.ls_number_reflns_R_free                  1876 
_refine.ls_R_factor_R_free_error                 ? 
_refine.B_iso_mean                               20.7654 
_refine.solvent_model_param_bsol                 60.1400 
_refine.solvent_model_param_ksol                 0.4000 
_refine.pdbx_isotropic_thermal_model             ? 
_refine.aniso_B[1][1]                            -3.0153 
_refine.aniso_B[2][2]                            3.4974 
_refine.aniso_B[3][3]                            -0.4821 
_refine.aniso_B[1][2]                            0.0000 
_refine.aniso_B[1][3]                            -0.0000 
_refine.aniso_B[2][3]                            0.0000 
_refine.correlation_coeff_Fo_to_Fc               ? 
_refine.correlation_coeff_Fo_to_Fc_free          ? 
_refine.overall_SU_R_Cruickshank_DPI             ? 
_refine.overall_SU_R_free                        ? 
_refine.pdbx_overall_ESU_R                       ? 
_refine.pdbx_overall_ESU_R_Free                  ? 
_refine.overall_SU_ML                            0.1700 
_refine.overall_SU_B                             ? 
_refine.solvent_model_details                    'FLAT BULK SOLVENT MODEL' 
_refine.pdbx_solvent_vdw_probe_radii             1.1100 
_refine.pdbx_solvent_ion_probe_radii             ? 
_refine.pdbx_solvent_shrinkage_radii             0.9000 
_refine.ls_number_parameters                     ? 
_refine.ls_number_restraints                     ? 
_refine.pdbx_starting_model                      ? 
_refine.pdbx_method_to_determine_struct          'MOLECULAR REPLACEMENT' 
_refine.pdbx_stereochemistry_target_values       ML 
_refine.pdbx_stereochem_target_val_spec_case     ? 
_refine.overall_FOM_work_R_set                   ? 
_refine.B_iso_max                                58.440 
_refine.B_iso_min                                7.970 
_refine.pdbx_overall_phase_error                 18.9900 
_refine.occupancy_max                            1.000 
_refine.occupancy_min                            0.470 
_refine.pdbx_ls_sigma_I                          ? 
_refine.ls_redundancy_reflns_obs                 ? 
_refine.ls_R_factor_R_free_error_details         ? 
_refine.pdbx_data_cutoff_high_rms_absF           ? 
_refine.overall_FOM_free_R_set                   ? 
_refine.pdbx_diffrn_id                           1 
_refine.pdbx_refine_id                           'X-RAY DIFFRACTION' 
_refine.pdbx_TLS_residual_ADP_flag               ? 
_refine.pdbx_overall_SU_R_free_Cruickshank_DPI   ? 
_refine.pdbx_overall_SU_R_Blow_DPI               ? 
_refine.pdbx_overall_SU_R_free_Blow_DPI          ? 
# 
_refine_hist.pdbx_refine_id                   'X-RAY DIFFRACTION' 
_refine_hist.cycle_id                         LAST 
_refine_hist.pdbx_number_atoms_protein        1084 
_refine_hist.pdbx_number_atoms_nucleic_acid   0 
_refine_hist.pdbx_number_atoms_ligand         3 
_refine_hist.number_atoms_solvent             181 
_refine_hist.number_atoms_total               1268 
_refine_hist.d_res_high                       1.4700 
_refine_hist.d_res_low                        26.1300 
# 
loop_
_refine_ls_restr.type 
_refine_ls_restr.dev_ideal 
_refine_ls_restr.dev_ideal_target 
_refine_ls_restr.number 
_refine_ls_restr.weight 
_refine_ls_restr.pdbx_restraint_function 
_refine_ls_restr.pdbx_refine_id 
f_bond_d    0.006 ? ? ? ? 'X-RAY DIFFRACTION' 
f_angle_deg 1.029 ? ? ? ? 'X-RAY DIFFRACTION' 
# 
loop_
_refine_ls_shell.d_res_high 
_refine_ls_shell.d_res_low 
_refine_ls_shell.pdbx_total_number_of_bins_used 
_refine_ls_shell.percent_reflns_obs 
_refine_ls_shell.number_reflns_R_work 
_refine_ls_shell.R_factor_all 
_refine_ls_shell.R_factor_R_work 
_refine_ls_shell.R_factor_R_free 
_refine_ls_shell.percent_reflns_R_free 
_refine_ls_shell.number_reflns_R_free 
_refine_ls_shell.R_factor_R_free_error 
_refine_ls_shell.number_reflns_all 
_refine_ls_shell.number_reflns_obs 
_refine_ls_shell.redundancy_reflns_obs 
_refine_ls_shell.pdbx_refine_id 
1.4710 1.5231  10 81.0000 1802 . 0.2185 0.2621 . 159 . 1961 . . 'X-RAY DIFFRACTION' 
1.5231 1.5841  10 88.0000 1978 . 0.1965 0.2385 . 169 . 2147 . . 'X-RAY DIFFRACTION' 
1.5841 1.6562  10 90.0000 1998 . 0.1851 0.2167 . 174 . 2172 . . 'X-RAY DIFFRACTION' 
1.6562 1.7435  10 92.0000 2058 . 0.1719 0.2317 . 183 . 2241 . . 'X-RAY DIFFRACTION' 
1.7435 1.8527  10 95.0000 2113 . 0.1770 0.1898 . 184 . 2297 . . 'X-RAY DIFFRACTION' 
1.8527 1.9957  10 96.0000 2162 . 0.1653 0.2070 . 191 . 2353 . . 'X-RAY DIFFRACTION' 
1.9957 2.1964  10 99.0000 2236 . 0.1693 0.1915 . 201 . 2437 . . 'X-RAY DIFFRACTION' 
2.1964 2.5140  10 98.0000 2236 . 0.1899 0.2019 . 200 . 2436 . . 'X-RAY DIFFRACTION' 
2.5140 3.1665  10 99.0000 2290 . 0.1884 0.2275 . 201 . 2491 . . 'X-RAY DIFFRACTION' 
3.1665 26.1359 10 99.0000 2414 . 0.1830 0.1998 . 214 . 2628 . . 'X-RAY DIFFRACTION' 
# 
_struct.entry_id                  4MTH 
_struct.title                     'Crystal structure of mature human RegIIIalpha' 
_struct.pdbx_model_details        ? 
_struct.pdbx_CASP_flag            ? 
_struct.pdbx_model_type_details   ? 
# 
_struct_keywords.entry_id        4MTH 
_struct_keywords.pdbx_keywords   'ANTIMICROBIAL PROTEIN' 
_struct_keywords.text            'HIP/PAP, REGIII-GAMMA, C-TYPE LECTIN, ANTIMICROBIAL PROTEIN' 
# 
loop_
_struct_asym.id 
_struct_asym.pdbx_blank_PDB_chainid_flag 
_struct_asym.pdbx_modified 
_struct_asym.entity_id 
_struct_asym.details 
A N N 1 ? 
B N N 2 ? 
C N N 2 ? 
D N N 2 ? 
E N N 3 ? 
# 
_struct_ref.id                         1 
_struct_ref.db_name                    UNP 
_struct_ref.db_code                    REG3A_HUMAN 
_struct_ref.pdbx_db_accession          Q06141 
_struct_ref.entity_id                  1 
_struct_ref.pdbx_seq_one_letter_code   
;IRCPKGSKAYGSHCYALFLSPKSWTDADLACQKRPSGNLVSVLSGAEGSFVSSLVKSIGNSYSYVWIGLHDPTQGTEPNG
EGWEWSSSDVMNYFAWERNPSTISSPGHCASLSRSTAFLRWKDYNCNVRLPYVCKFTD
;
_struct_ref.pdbx_align_begin           38 
_struct_ref.pdbx_db_isoform            ? 
# 
_struct_ref_seq.align_id                      1 
_struct_ref_seq.ref_id                        1 
_struct_ref_seq.pdbx_PDB_id_code              4MTH 
_struct_ref_seq.pdbx_strand_id                A 
_struct_ref_seq.seq_align_beg                 2 
_struct_ref_seq.pdbx_seq_align_beg_ins_code   ? 
_struct_ref_seq.seq_align_end                 139 
_struct_ref_seq.pdbx_seq_align_end_ins_code   ? 
_struct_ref_seq.pdbx_db_accession             Q06141 
_struct_ref_seq.db_align_beg                  38 
_struct_ref_seq.pdbx_db_align_beg_ins_code    ? 
_struct_ref_seq.db_align_end                  175 
_struct_ref_seq.pdbx_db_align_end_ins_code    ? 
_struct_ref_seq.pdbx_auth_seq_align_beg       38 
_struct_ref_seq.pdbx_auth_seq_align_end       175 
# 
_struct_ref_seq_dif.align_id                     1 
_struct_ref_seq_dif.pdbx_pdb_id_code             4MTH 
_struct_ref_seq_dif.mon_id                       MET 
_struct_ref_seq_dif.pdbx_pdb_strand_id           A 
_struct_ref_seq_dif.seq_num                      1 
_struct_ref_seq_dif.pdbx_pdb_ins_code            ? 
_struct_ref_seq_dif.pdbx_seq_db_name             UNP 
_struct_ref_seq_dif.pdbx_seq_db_accession_code   Q06141 
_struct_ref_seq_dif.db_mon_id                    ? 
_struct_ref_seq_dif.pdbx_seq_db_seq_num          ? 
_struct_ref_seq_dif.details                      'initiating methionine' 
_struct_ref_seq_dif.pdbx_auth_seq_num            37 
_struct_ref_seq_dif.pdbx_ordinal                 1 
# 
_pdbx_struct_assembly.id                   1 
_pdbx_struct_assembly.details              author_and_software_defined_assembly 
_pdbx_struct_assembly.method_details       PISA 
_pdbx_struct_assembly.oligomeric_details   monomeric 
_pdbx_struct_assembly.oligomeric_count     1 
# 
_pdbx_struct_assembly_gen.assembly_id       1 
_pdbx_struct_assembly_gen.oper_expression   1 
_pdbx_struct_assembly_gen.asym_id_list      A,B,C,D,E 
# 
_pdbx_struct_oper_list.id                   1 
_pdbx_struct_oper_list.type                 'identity operation' 
_pdbx_struct_oper_list.name                 1_555 
_pdbx_struct_oper_list.symmetry_operation   x,y,z 
_pdbx_struct_oper_list.matrix[1][1]         1.0000000000 
_pdbx_struct_oper_list.matrix[1][2]         0.0000000000 
_pdbx_struct_oper_list.matrix[1][3]         0.0000000000 
_pdbx_struct_oper_list.vector[1]            0.0000000000 
_pdbx_struct_oper_list.matrix[2][1]         0.0000000000 
_pdbx_struct_oper_list.matrix[2][2]         1.0000000000 
_pdbx_struct_oper_list.matrix[2][3]         0.0000000000 
_pdbx_struct_oper_list.vector[2]            0.0000000000 
_pdbx_struct_oper_list.matrix[3][1]         0.0000000000 
_pdbx_struct_oper_list.matrix[3][2]         0.0000000000 
_pdbx_struct_oper_list.matrix[3][3]         1.0000000000 
_pdbx_struct_oper_list.vector[3]            0.0000000000 
# 
_struct_biol.id        1 
_struct_biol.details   ? 
# 
loop_
_struct_conf.conf_type_id 
_struct_conf.id 
_struct_conf.pdbx_PDB_helix_id 
_struct_conf.beg_label_comp_id 
_struct_conf.beg_label_asym_id 
_struct_conf.beg_label_seq_id 
_struct_conf.pdbx_beg_PDB_ins_code 
_struct_conf.end_label_comp_id 
_struct_conf.end_label_asym_id 
_struct_conf.end_label_seq_id 
_struct_conf.pdbx_end_PDB_ins_code 
_struct_conf.beg_auth_comp_id 
_struct_conf.beg_auth_asym_id 
_struct_conf.beg_auth_seq_id 
_struct_conf.end_auth_comp_id 
_struct_conf.end_auth_asym_id 
_struct_conf.end_auth_seq_id 
_struct_conf.pdbx_PDB_helix_class 
_struct_conf.details 
_struct_conf.pdbx_PDB_helix_length 
HELX_P HELX_P1 1 SER A 24  ? GLN A 33  ? SER A 60  GLN A 69  1 ? 10 
HELX_P HELX_P2 2 SER A 45  ? LYS A 57  ? SER A 81  LYS A 93  1 ? 13 
HELX_P HELX_P3 3 ASN A 100 ? ILE A 104 ? ASN A 136 ILE A 140 5 ? 5  
HELX_P HELX_P4 4 SER A 116 ? ALA A 118 ? SER A 152 ALA A 154 5 ? 3  
# 
_struct_conf_type.id          HELX_P 
_struct_conf_type.criteria    ? 
_struct_conf_type.reference   ? 
# 
loop_
_struct_conn.id 
_struct_conn.conn_type_id 
_struct_conn.pdbx_leaving_atom_flag 
_struct_conn.pdbx_PDB_id 
_struct_conn.ptnr1_label_asym_id 
_struct_conn.ptnr1_label_comp_id 
_struct_conn.ptnr1_label_seq_id 
_struct_conn.ptnr1_label_atom_id 
_struct_conn.pdbx_ptnr1_label_alt_id 
_struct_conn.pdbx_ptnr1_PDB_ins_code 
_struct_conn.pdbx_ptnr1_standard_comp_id 
_struct_conn.ptnr1_symmetry 
_struct_conn.ptnr2_label_asym_id 
_struct_conn.ptnr2_label_comp_id 
_struct_conn.ptnr2_label_seq_id 
_struct_conn.ptnr2_label_atom_id 
_struct_conn.pdbx_ptnr2_label_alt_id 
_struct_conn.pdbx_ptnr2_PDB_ins_code 
_struct_conn.ptnr1_auth_asym_id 
_struct_conn.ptnr1_auth_comp_id 
_struct_conn.ptnr1_auth_seq_id 
_struct_conn.ptnr2_auth_asym_id 
_struct_conn.ptnr2_auth_comp_id 
_struct_conn.ptnr2_auth_seq_id 
_struct_conn.ptnr2_symmetry 
_struct_conn.pdbx_ptnr3_label_atom_id 
_struct_conn.pdbx_ptnr3_label_seq_id 
_struct_conn.pdbx_ptnr3_label_comp_id 
_struct_conn.pdbx_ptnr3_label_asym_id 
_struct_conn.pdbx_ptnr3_label_alt_id 
_struct_conn.pdbx_ptnr3_PDB_ins_code 
_struct_conn.details 
_struct_conn.pdbx_dist_value 
_struct_conn.pdbx_value_order 
_struct_conn.pdbx_role 
disulf1  disulf ? ? A CYS 4   SG  ? ? ? 1_555 A CYS 15  SG ? ? A CYS 40  A CYS 51  1_555 ? ? ? ? ? ? ? 2.043 ? ? 
disulf2  disulf ? ? A CYS 32  SG  ? ? ? 1_555 A CYS 135 SG ? ? A CYS 68  A CYS 171 1_555 ? ? ? ? ? ? ? 2.030 ? ? 
disulf3  disulf ? ? A CYS 110 SG  ? ? ? 1_555 A CYS 127 SG ? ? A CYS 146 A CYS 163 1_555 ? ? ? ? ? ? ? 2.044 ? ? 
metalc1  metalc ? ? A HIS 14  NE2 ? ? ? 1_555 C ZN  .   ZN ? ? A HIS 50  A ZN  202 1_555 ? ? ? ? ? ? ? 2.323 ? ? 
metalc2  metalc ? ? A HIS 71  NE2 ? ? ? 1_555 B ZN  .   ZN ? ? A HIS 107 A ZN  201 1_555 ? ? ? ? ? ? ? 2.033 ? ? 
metalc3  metalc ? ? A GLU 85  OE1 ? ? ? 1_555 B ZN  .   ZN ? ? A GLU 121 A ZN  201 1_555 ? ? ? ? ? ? ? 1.960 ? ? 
metalc4  metalc ? ? A HIS 109 NE2 ? ? ? 1_555 D ZN  .   ZN ? ? A HIS 145 A ZN  203 1_555 ? ? ? ? ? ? ? 2.107 ? ? 
metalc5  metalc ? ? B ZN  .   ZN  ? ? ? 1_555 E HOH .   O  ? ? A ZN  201 A HOH 335 1_555 ? ? ? ? ? ? ? 2.236 ? ? 
metalc6  metalc ? ? C ZN  .   ZN  ? ? ? 1_555 E HOH .   O  ? ? A ZN  202 A HOH 318 1_555 ? ? ? ? ? ? ? 2.485 ? ? 
metalc7  metalc ? ? C ZN  .   ZN  ? ? ? 1_555 E HOH .   O  ? ? A ZN  202 A HOH 354 1_555 ? ? ? ? ? ? ? 2.137 ? ? 
metalc8  metalc ? ? C ZN  .   ZN  ? ? ? 1_555 E HOH .   O  ? ? A ZN  202 A HOH 413 1_555 ? ? ? ? ? ? ? 2.383 ? ? 
metalc9  metalc ? ? C ZN  .   ZN  ? ? ? 1_555 E HOH .   O  ? ? A ZN  202 A HOH 444 1_555 ? ? ? ? ? ? ? 2.107 ? ? 
metalc10 metalc ? ? C ZN  .   ZN  ? ? ? 1_555 E HOH .   O  ? ? A ZN  202 A HOH 447 1_555 ? ? ? ? ? ? ? 2.405 ? ? 
metalc11 metalc ? ? C ZN  .   ZN  ? ? ? 1_555 E HOH .   O  ? ? A ZN  202 A HOH 473 1_555 ? ? ? ? ? ? ? 2.293 ? ? 
metalc12 metalc ? ? D ZN  .   ZN  ? ? ? 1_555 E HOH .   O  ? ? A ZN  203 A HOH 465 1_555 ? ? ? ? ? ? ? 2.271 ? ? 
metalc13 metalc ? ? D ZN  .   ZN  ? ? ? 1_555 E HOH .   O  ? ? A ZN  203 A HOH 469 1_555 ? ? ? ? ? ? ? 2.303 ? ? 
# 
loop_
_struct_conn_type.id 
_struct_conn_type.criteria 
_struct_conn_type.reference 
disulf ? ? 
metalc ? ? 
# 
loop_
_pdbx_struct_conn_angle.id 
_pdbx_struct_conn_angle.ptnr1_label_atom_id 
_pdbx_struct_conn_angle.ptnr1_label_alt_id 
_pdbx_struct_conn_angle.ptnr1_label_asym_id 
_pdbx_struct_conn_angle.ptnr1_label_comp_id 
_pdbx_struct_conn_angle.ptnr1_label_seq_id 
_pdbx_struct_conn_angle.ptnr1_auth_atom_id 
_pdbx_struct_conn_angle.ptnr1_auth_asym_id 
_pdbx_struct_conn_angle.ptnr1_auth_comp_id 
_pdbx_struct_conn_angle.ptnr1_auth_seq_id 
_pdbx_struct_conn_angle.ptnr1_PDB_ins_code 
_pdbx_struct_conn_angle.ptnr1_symmetry 
_pdbx_struct_conn_angle.ptnr2_label_atom_id 
_pdbx_struct_conn_angle.ptnr2_label_alt_id 
_pdbx_struct_conn_angle.ptnr2_label_asym_id 
_pdbx_struct_conn_angle.ptnr2_label_comp_id 
_pdbx_struct_conn_angle.ptnr2_label_seq_id 
_pdbx_struct_conn_angle.ptnr2_auth_atom_id 
_pdbx_struct_conn_angle.ptnr2_auth_asym_id 
_pdbx_struct_conn_angle.ptnr2_auth_comp_id 
_pdbx_struct_conn_angle.ptnr2_auth_seq_id 
_pdbx_struct_conn_angle.ptnr2_PDB_ins_code 
_pdbx_struct_conn_angle.ptnr2_symmetry 
_pdbx_struct_conn_angle.ptnr3_label_atom_id 
_pdbx_struct_conn_angle.ptnr3_label_alt_id 
_pdbx_struct_conn_angle.ptnr3_label_asym_id 
_pdbx_struct_conn_angle.ptnr3_label_comp_id 
_pdbx_struct_conn_angle.ptnr3_label_seq_id 
_pdbx_struct_conn_angle.ptnr3_auth_atom_id 
_pdbx_struct_conn_angle.ptnr3_auth_asym_id 
_pdbx_struct_conn_angle.ptnr3_auth_comp_id 
_pdbx_struct_conn_angle.ptnr3_auth_seq_id 
_pdbx_struct_conn_angle.ptnr3_PDB_ins_code 
_pdbx_struct_conn_angle.ptnr3_symmetry 
_pdbx_struct_conn_angle.value 
_pdbx_struct_conn_angle.value_esd 
1  NE2 ? A HIS 14  ? A HIS 50  ? 1_555 ZN ? C ZN . ? A ZN 202 ? 1_555 O   ? E HOH .  ? A HOH 318 ? 1_555 104.4 ? 
2  NE2 ? A HIS 14  ? A HIS 50  ? 1_555 ZN ? C ZN . ? A ZN 202 ? 1_555 O   ? E HOH .  ? A HOH 354 ? 1_555 91.4  ? 
3  O   ? E HOH .   ? A HOH 318 ? 1_555 ZN ? C ZN . ? A ZN 202 ? 1_555 O   ? E HOH .  ? A HOH 354 ? 1_555 99.5  ? 
4  NE2 ? A HIS 14  ? A HIS 50  ? 1_555 ZN ? C ZN . ? A ZN 202 ? 1_555 O   ? E HOH .  ? A HOH 413 ? 1_555 60.8  ? 
5  O   ? E HOH .   ? A HOH 318 ? 1_555 ZN ? C ZN . ? A ZN 202 ? 1_555 O   ? E HOH .  ? A HOH 413 ? 1_555 59.8  ? 
6  O   ? E HOH .   ? A HOH 354 ? 1_555 ZN ? C ZN . ? A ZN 202 ? 1_555 O   ? E HOH .  ? A HOH 413 ? 1_555 134.9 ? 
7  NE2 ? A HIS 14  ? A HIS 50  ? 1_555 ZN ? C ZN . ? A ZN 202 ? 1_555 O   ? E HOH .  ? A HOH 444 ? 1_555 93.7  ? 
8  O   ? E HOH .   ? A HOH 318 ? 1_555 ZN ? C ZN . ? A ZN 202 ? 1_555 O   ? E HOH .  ? A HOH 444 ? 1_555 159.9 ? 
9  O   ? E HOH .   ? A HOH 354 ? 1_555 ZN ? C ZN . ? A ZN 202 ? 1_555 O   ? E HOH .  ? A HOH 444 ? 1_555 88.6  ? 
10 O   ? E HOH .   ? A HOH 413 ? 1_555 ZN ? C ZN . ? A ZN 202 ? 1_555 O   ? E HOH .  ? A HOH 444 ? 1_555 125.1 ? 
11 NE2 ? A HIS 14  ? A HIS 50  ? 1_555 ZN ? C ZN . ? A ZN 202 ? 1_555 O   ? E HOH .  ? A HOH 447 ? 1_555 163.4 ? 
12 O   ? E HOH .   ? A HOH 318 ? 1_555 ZN ? C ZN . ? A ZN 202 ? 1_555 O   ? E HOH .  ? A HOH 447 ? 1_555 60.9  ? 
13 O   ? E HOH .   ? A HOH 354 ? 1_555 ZN ? C ZN . ? A ZN 202 ? 1_555 O   ? E HOH .  ? A HOH 447 ? 1_555 98.3  ? 
14 O   ? E HOH .   ? A HOH 413 ? 1_555 ZN ? C ZN . ? A ZN 202 ? 1_555 O   ? E HOH .  ? A HOH 447 ? 1_555 103.2 ? 
15 O   ? E HOH .   ? A HOH 444 ? 1_555 ZN ? C ZN . ? A ZN 202 ? 1_555 O   ? E HOH .  ? A HOH 447 ? 1_555 99.9  ? 
16 NE2 ? A HIS 14  ? A HIS 50  ? 1_555 ZN ? C ZN . ? A ZN 202 ? 1_555 O   ? E HOH .  ? A HOH 473 ? 1_555 89.6  ? 
17 O   ? E HOH .   ? A HOH 318 ? 1_555 ZN ? C ZN . ? A ZN 202 ? 1_555 O   ? E HOH .  ? A HOH 473 ? 1_555 97.0  ? 
18 O   ? E HOH .   ? A HOH 354 ? 1_555 ZN ? C ZN . ? A ZN 202 ? 1_555 O   ? E HOH .  ? A HOH 473 ? 1_555 162.7 ? 
19 O   ? E HOH .   ? A HOH 413 ? 1_555 ZN ? C ZN . ? A ZN 202 ? 1_555 O   ? E HOH .  ? A HOH 473 ? 1_555 59.3  ? 
20 O   ? E HOH .   ? A HOH 444 ? 1_555 ZN ? C ZN . ? A ZN 202 ? 1_555 O   ? E HOH .  ? A HOH 473 ? 1_555 74.1  ? 
21 O   ? E HOH .   ? A HOH 447 ? 1_555 ZN ? C ZN . ? A ZN 202 ? 1_555 O   ? E HOH .  ? A HOH 473 ? 1_555 85.1  ? 
22 NE2 ? A HIS 71  ? A HIS 107 ? 1_555 ZN ? B ZN . ? A ZN 201 ? 1_555 OE1 ? A GLU 85 ? A GLU 121 ? 1_555 115.1 ? 
23 NE2 ? A HIS 71  ? A HIS 107 ? 1_555 ZN ? B ZN . ? A ZN 201 ? 1_555 O   ? E HOH .  ? A HOH 335 ? 1_555 112.3 ? 
24 OE1 ? A GLU 85  ? A GLU 121 ? 1_555 ZN ? B ZN . ? A ZN 201 ? 1_555 O   ? E HOH .  ? A HOH 335 ? 1_555 105.7 ? 
25 NE2 ? A HIS 109 ? A HIS 145 ? 1_555 ZN ? D ZN . ? A ZN 203 ? 1_555 O   ? E HOH .  ? A HOH 465 ? 1_555 97.0  ? 
26 NE2 ? A HIS 109 ? A HIS 145 ? 1_555 ZN ? D ZN . ? A ZN 203 ? 1_555 O   ? E HOH .  ? A HOH 469 ? 1_555 90.3  ? 
27 O   ? E HOH .   ? A HOH 465 ? 1_555 ZN ? D ZN . ? A ZN 203 ? 1_555 O   ? E HOH .  ? A HOH 469 ? 1_555 138.9 ? 
# 
loop_
_pdbx_modification_feature.ordinal 
_pdbx_modification_feature.label_comp_id 
_pdbx_modification_feature.label_asym_id 
_pdbx_modification_feature.label_seq_id 
_pdbx_modification_feature.label_alt_id 
_pdbx_modification_feature.modified_residue_label_comp_id 
_pdbx_modification_feature.modified_residue_label_asym_id 
_pdbx_modification_feature.modified_residue_label_seq_id 
_pdbx_modification_feature.modified_residue_label_alt_id 
_pdbx_modification_feature.auth_comp_id 
_pdbx_modification_feature.auth_asym_id 
_pdbx_modification_feature.auth_seq_id 
_pdbx_modification_feature.PDB_ins_code 
_pdbx_modification_feature.symmetry 
_pdbx_modification_feature.modified_residue_auth_comp_id 
_pdbx_modification_feature.modified_residue_auth_asym_id 
_pdbx_modification_feature.modified_residue_auth_seq_id 
_pdbx_modification_feature.modified_residue_PDB_ins_code 
_pdbx_modification_feature.modified_residue_symmetry 
_pdbx_modification_feature.comp_id_linking_atom 
_pdbx_modification_feature.modified_residue_id_linking_atom 
_pdbx_modification_feature.modified_residue_id 
_pdbx_modification_feature.ref_pcm_id 
_pdbx_modification_feature.ref_comp_id 
_pdbx_modification_feature.type 
_pdbx_modification_feature.category 
1 CYS A 4   ? CYS A 15  ? CYS A 40  ? 1_555 CYS A 51  ? 1_555 SG SG . . . None 'Disulfide bridge' 
2 CYS A 32  ? CYS A 135 ? CYS A 68  ? 1_555 CYS A 171 ? 1_555 SG SG . . . None 'Disulfide bridge' 
3 CYS A 110 ? CYS A 127 ? CYS A 146 ? 1_555 CYS A 163 ? 1_555 SG SG . . . None 'Disulfide bridge' 
# 
loop_
_struct_sheet.id 
_struct_sheet.type 
_struct_sheet.number_strands 
_struct_sheet.details 
A ? 4 ? 
B ? 4 ? 
# 
loop_
_struct_sheet_order.sheet_id 
_struct_sheet_order.range_id_1 
_struct_sheet_order.range_id_2 
_struct_sheet_order.offset 
_struct_sheet_order.sense 
A 1 2 ? anti-parallel 
A 2 3 ? anti-parallel 
A 3 4 ? anti-parallel 
B 1 2 ? anti-parallel 
B 2 3 ? anti-parallel 
B 3 4 ? anti-parallel 
# 
loop_
_struct_sheet_range.sheet_id 
_struct_sheet_range.id 
_struct_sheet_range.beg_label_comp_id 
_struct_sheet_range.beg_label_asym_id 
_struct_sheet_range.beg_label_seq_id 
_struct_sheet_range.pdbx_beg_PDB_ins_code 
_struct_sheet_range.end_label_comp_id 
_struct_sheet_range.end_label_asym_id 
_struct_sheet_range.end_label_seq_id 
_struct_sheet_range.pdbx_end_PDB_ins_code 
_struct_sheet_range.beg_auth_comp_id 
_struct_sheet_range.beg_auth_asym_id 
_struct_sheet_range.beg_auth_seq_id 
_struct_sheet_range.end_auth_comp_id 
_struct_sheet_range.end_auth_asym_id 
_struct_sheet_range.end_auth_seq_id 
A 1 LYS A 9   ? TYR A 11  ? LYS A 45  TYR A 47  
A 2 HIS A 14  ? LYS A 23  ? HIS A 50  LYS A 59  
A 3 LEU A 131 ? PHE A 137 ? LEU A 167 PHE A 173 
A 4 ASN A 39  ? LEU A 40  ? ASN A 75  LEU A 76  
B 1 GLU A 85  ? TRP A 86  ? GLU A 121 TRP A 122 
B 2 TYR A 65  ? HIS A 71  ? TYR A 101 HIS A 107 
B 3 CYS A 110 ? SER A 114 ? CYS A 146 SER A 150 
B 4 TRP A 122 ? TYR A 125 ? TRP A 158 TYR A 161 
# 
loop_
_pdbx_struct_sheet_hbond.sheet_id 
_pdbx_struct_sheet_hbond.range_id_1 
_pdbx_struct_sheet_hbond.range_id_2 
_pdbx_struct_sheet_hbond.range_1_label_atom_id 
_pdbx_struct_sheet_hbond.range_1_label_comp_id 
_pdbx_struct_sheet_hbond.range_1_label_asym_id 
_pdbx_struct_sheet_hbond.range_1_label_seq_id 
_pdbx_struct_sheet_hbond.range_1_PDB_ins_code 
_pdbx_struct_sheet_hbond.range_1_auth_atom_id 
_pdbx_struct_sheet_hbond.range_1_auth_comp_id 
_pdbx_struct_sheet_hbond.range_1_auth_asym_id 
_pdbx_struct_sheet_hbond.range_1_auth_seq_id 
_pdbx_struct_sheet_hbond.range_2_label_atom_id 
_pdbx_struct_sheet_hbond.range_2_label_comp_id 
_pdbx_struct_sheet_hbond.range_2_label_asym_id 
_pdbx_struct_sheet_hbond.range_2_label_seq_id 
_pdbx_struct_sheet_hbond.range_2_PDB_ins_code 
_pdbx_struct_sheet_hbond.range_2_auth_atom_id 
_pdbx_struct_sheet_hbond.range_2_auth_comp_id 
_pdbx_struct_sheet_hbond.range_2_auth_asym_id 
_pdbx_struct_sheet_hbond.range_2_auth_seq_id 
A 1 2 N LYS A 9   ? N LYS A 45  O TYR A 16  ? O TYR A 52  
A 2 3 N PHE A 19  ? N PHE A 55  O TYR A 133 ? O TYR A 169 
A 3 4 O LYS A 136 ? O LYS A 172 N ASN A 39  ? N ASN A 75  
B 1 2 O GLU A 85  ? O GLU A 121 N HIS A 71  ? N HIS A 107 
B 2 3 N VAL A 66  ? N VAL A 102 O LEU A 113 ? O LEU A 149 
B 3 4 N SER A 112 ? N SER A 148 O LYS A 123 ? O LYS A 159 
# 
loop_
_struct_site.id 
_struct_site.pdbx_evidence_code 
_struct_site.pdbx_auth_asym_id 
_struct_site.pdbx_auth_comp_id 
_struct_site.pdbx_auth_seq_id 
_struct_site.pdbx_auth_ins_code 
_struct_site.pdbx_num_residues 
_struct_site.details 
AC1 Software A ZN 201 ? 4 'BINDING SITE FOR RESIDUE ZN A 201' 
AC2 Software A ZN 202 ? 7 'BINDING SITE FOR RESIDUE ZN A 202' 
AC3 Software A ZN 203 ? 3 'BINDING SITE FOR RESIDUE ZN A 203' 
# 
loop_
_struct_site_gen.id 
_struct_site_gen.site_id 
_struct_site_gen.pdbx_num_res 
_struct_site_gen.label_comp_id 
_struct_site_gen.label_asym_id 
_struct_site_gen.label_seq_id 
_struct_site_gen.pdbx_auth_ins_code 
_struct_site_gen.auth_comp_id 
_struct_site_gen.auth_asym_id 
_struct_site_gen.auth_seq_id 
_struct_site_gen.label_atom_id 
_struct_site_gen.label_alt_id 
_struct_site_gen.symmetry 
_struct_site_gen.details 
1  AC1 4 HIS A 71  ? HIS A 107 . ? 1_555 ? 
2  AC1 4 GLU A 85  ? GLU A 121 . ? 1_555 ? 
3  AC1 4 ASP A 139 ? ASP A 175 . ? 3_454 ? 
4  AC1 4 HOH E .   ? HOH A 335 . ? 1_555 ? 
5  AC2 7 HIS A 14  ? HIS A 50  . ? 1_555 ? 
6  AC2 7 HOH E .   ? HOH A 318 . ? 1_555 ? 
7  AC2 7 HOH E .   ? HOH A 354 . ? 1_555 ? 
8  AC2 7 HOH E .   ? HOH A 413 . ? 1_555 ? 
9  AC2 7 HOH E .   ? HOH A 444 . ? 1_555 ? 
10 AC2 7 HOH E .   ? HOH A 447 . ? 1_555 ? 
11 AC2 7 HOH E .   ? HOH A 473 . ? 1_555 ? 
12 AC3 3 HIS A 109 ? HIS A 145 . ? 1_555 ? 
13 AC3 3 HOH E .   ? HOH A 465 . ? 1_555 ? 
14 AC3 3 HOH E .   ? HOH A 469 . ? 1_555 ? 
# 
_pdbx_entry_details.entry_id                   4MTH 
_pdbx_entry_details.compound_details           ? 
_pdbx_entry_details.source_details             ? 
_pdbx_entry_details.nonpolymer_details         ? 
_pdbx_entry_details.sequence_details           ? 
_pdbx_entry_details.has_ligand_of_interest     ? 
_pdbx_entry_details.has_protein_modification   Y 
# 
_pdbx_validate_close_contact.id               1 
_pdbx_validate_close_contact.PDB_model_num    1 
_pdbx_validate_close_contact.auth_atom_id_1   OE2 
_pdbx_validate_close_contact.auth_asym_id_1   A 
_pdbx_validate_close_contact.auth_comp_id_1   GLU 
_pdbx_validate_close_contact.auth_seq_id_1    134 
_pdbx_validate_close_contact.PDB_ins_code_1   ? 
_pdbx_validate_close_contact.label_alt_id_1   ? 
_pdbx_validate_close_contact.auth_atom_id_2   O 
_pdbx_validate_close_contact.auth_asym_id_2   A 
_pdbx_validate_close_contact.auth_comp_id_2   HOH 
_pdbx_validate_close_contact.auth_seq_id_2    454 
_pdbx_validate_close_contact.PDB_ins_code_2   ? 
_pdbx_validate_close_contact.label_alt_id_2   ? 
_pdbx_validate_close_contact.dist             2.17 
# 
loop_
_pdbx_validate_rmsd_angle.id 
_pdbx_validate_rmsd_angle.PDB_model_num 
_pdbx_validate_rmsd_angle.auth_atom_id_1 
_pdbx_validate_rmsd_angle.auth_asym_id_1 
_pdbx_validate_rmsd_angle.auth_comp_id_1 
_pdbx_validate_rmsd_angle.auth_seq_id_1 
_pdbx_validate_rmsd_angle.PDB_ins_code_1 
_pdbx_validate_rmsd_angle.label_alt_id_1 
_pdbx_validate_rmsd_angle.auth_atom_id_2 
_pdbx_validate_rmsd_angle.auth_asym_id_2 
_pdbx_validate_rmsd_angle.auth_comp_id_2 
_pdbx_validate_rmsd_angle.auth_seq_id_2 
_pdbx_validate_rmsd_angle.PDB_ins_code_2 
_pdbx_validate_rmsd_angle.label_alt_id_2 
_pdbx_validate_rmsd_angle.auth_atom_id_3 
_pdbx_validate_rmsd_angle.auth_asym_id_3 
_pdbx_validate_rmsd_angle.auth_comp_id_3 
_pdbx_validate_rmsd_angle.auth_seq_id_3 
_pdbx_validate_rmsd_angle.PDB_ins_code_3 
_pdbx_validate_rmsd_angle.label_alt_id_3 
_pdbx_validate_rmsd_angle.angle_value 
_pdbx_validate_rmsd_angle.angle_target_value 
_pdbx_validate_rmsd_angle.angle_deviation 
_pdbx_validate_rmsd_angle.angle_standard_deviation 
_pdbx_validate_rmsd_angle.linker_flag 
1 1 CA A MET 37 ? ? C A MET 37 ? ? N A ILE 38 ? ? 132.41 117.20 15.21  2.20 Y 
2 1 O  A MET 37 ? ? C A MET 37 ? ? N A ILE 38 ? ? 104.37 122.70 -18.33 1.60 Y 
# 
_pdbx_validate_torsion.id              1 
_pdbx_validate_torsion.PDB_model_num   1 
_pdbx_validate_torsion.auth_comp_id    ILE 
_pdbx_validate_torsion.auth_asym_id    A 
_pdbx_validate_torsion.auth_seq_id     38 
_pdbx_validate_torsion.PDB_ins_code    ? 
_pdbx_validate_torsion.label_alt_id    ? 
_pdbx_validate_torsion.phi             53.08 
_pdbx_validate_torsion.psi             106.21 
# 
_pdbx_validate_main_chain_plane.id                       1 
_pdbx_validate_main_chain_plane.PDB_model_num            1 
_pdbx_validate_main_chain_plane.auth_comp_id             MET 
_pdbx_validate_main_chain_plane.auth_asym_id             A 
_pdbx_validate_main_chain_plane.auth_seq_id              37 
_pdbx_validate_main_chain_plane.PDB_ins_code             ? 
_pdbx_validate_main_chain_plane.label_alt_id             ? 
_pdbx_validate_main_chain_plane.improper_torsion_angle   -12.19 
# 
_phasing.method   MR 
# 
loop_
_chem_comp_atom.comp_id 
_chem_comp_atom.atom_id 
_chem_comp_atom.type_symbol 
_chem_comp_atom.pdbx_aromatic_flag 
_chem_comp_atom.pdbx_stereo_config 
_chem_comp_atom.pdbx_ordinal 
ALA N    N  N N 1   
ALA CA   C  N S 2   
ALA C    C  N N 3   
ALA O    O  N N 4   
ALA CB   C  N N 5   
ALA OXT  O  N N 6   
ALA H    H  N N 7   
ALA H2   H  N N 8   
ALA HA   H  N N 9   
ALA HB1  H  N N 10  
ALA HB2  H  N N 11  
ALA HB3  H  N N 12  
ALA HXT  H  N N 13  
ARG N    N  N N 14  
ARG CA   C  N S 15  
ARG C    C  N N 16  
ARG O    O  N N 17  
ARG CB   C  N N 18  
ARG CG   C  N N 19  
ARG CD   C  N N 20  
ARG NE   N  N N 21  
ARG CZ   C  N N 22  
ARG NH1  N  N N 23  
ARG NH2  N  N N 24  
ARG OXT  O  N N 25  
ARG H    H  N N 26  
ARG H2   H  N N 27  
ARG HA   H  N N 28  
ARG HB2  H  N N 29  
ARG HB3  H  N N 30  
ARG HG2  H  N N 31  
ARG HG3  H  N N 32  
ARG HD2  H  N N 33  
ARG HD3  H  N N 34  
ARG HE   H  N N 35  
ARG HH11 H  N N 36  
ARG HH12 H  N N 37  
ARG HH21 H  N N 38  
ARG HH22 H  N N 39  
ARG HXT  H  N N 40  
ASN N    N  N N 41  
ASN CA   C  N S 42  
ASN C    C  N N 43  
ASN O    O  N N 44  
ASN CB   C  N N 45  
ASN CG   C  N N 46  
ASN OD1  O  N N 47  
ASN ND2  N  N N 48  
ASN OXT  O  N N 49  
ASN H    H  N N 50  
ASN H2   H  N N 51  
ASN HA   H  N N 52  
ASN HB2  H  N N 53  
ASN HB3  H  N N 54  
ASN HD21 H  N N 55  
ASN HD22 H  N N 56  
ASN HXT  H  N N 57  
ASP N    N  N N 58  
ASP CA   C  N S 59  
ASP C    C  N N 60  
ASP O    O  N N 61  
ASP CB   C  N N 62  
ASP CG   C  N N 63  
ASP OD1  O  N N 64  
ASP OD2  O  N N 65  
ASP OXT  O  N N 66  
ASP H    H  N N 67  
ASP H2   H  N N 68  
ASP HA   H  N N 69  
ASP HB2  H  N N 70  
ASP HB3  H  N N 71  
ASP HD2  H  N N 72  
ASP HXT  H  N N 73  
CYS N    N  N N 74  
CYS CA   C  N R 75  
CYS C    C  N N 76  
CYS O    O  N N 77  
CYS CB   C  N N 78  
CYS SG   S  N N 79  
CYS OXT  O  N N 80  
CYS H    H  N N 81  
CYS H2   H  N N 82  
CYS HA   H  N N 83  
CYS HB2  H  N N 84  
CYS HB3  H  N N 85  
CYS HG   H  N N 86  
CYS HXT  H  N N 87  
GLN N    N  N N 88  
GLN CA   C  N S 89  
GLN C    C  N N 90  
GLN O    O  N N 91  
GLN CB   C  N N 92  
GLN CG   C  N N 93  
GLN CD   C  N N 94  
GLN OE1  O  N N 95  
GLN NE2  N  N N 96  
GLN OXT  O  N N 97  
GLN H    H  N N 98  
GLN H2   H  N N 99  
GLN HA   H  N N 100 
GLN HB2  H  N N 101 
GLN HB3  H  N N 102 
GLN HG2  H  N N 103 
GLN HG3  H  N N 104 
GLN HE21 H  N N 105 
GLN HE22 H  N N 106 
GLN HXT  H  N N 107 
GLU N    N  N N 108 
GLU CA   C  N S 109 
GLU C    C  N N 110 
GLU O    O  N N 111 
GLU CB   C  N N 112 
GLU CG   C  N N 113 
GLU CD   C  N N 114 
GLU OE1  O  N N 115 
GLU OE2  O  N N 116 
GLU OXT  O  N N 117 
GLU H    H  N N 118 
GLU H2   H  N N 119 
GLU HA   H  N N 120 
GLU HB2  H  N N 121 
GLU HB3  H  N N 122 
GLU HG2  H  N N 123 
GLU HG3  H  N N 124 
GLU HE2  H  N N 125 
GLU HXT  H  N N 126 
GLY N    N  N N 127 
GLY CA   C  N N 128 
GLY C    C  N N 129 
GLY O    O  N N 130 
GLY OXT  O  N N 131 
GLY H    H  N N 132 
GLY H2   H  N N 133 
GLY HA2  H  N N 134 
GLY HA3  H  N N 135 
GLY HXT  H  N N 136 
HIS N    N  N N 137 
HIS CA   C  N S 138 
HIS C    C  N N 139 
HIS O    O  N N 140 
HIS CB   C  N N 141 
HIS CG   C  Y N 142 
HIS ND1  N  Y N 143 
HIS CD2  C  Y N 144 
HIS CE1  C  Y N 145 
HIS NE2  N  Y N 146 
HIS OXT  O  N N 147 
HIS H    H  N N 148 
HIS H2   H  N N 149 
HIS HA   H  N N 150 
HIS HB2  H  N N 151 
HIS HB3  H  N N 152 
HIS HD1  H  N N 153 
HIS HD2  H  N N 154 
HIS HE1  H  N N 155 
HIS HE2  H  N N 156 
HIS HXT  H  N N 157 
HOH O    O  N N 158 
HOH H1   H  N N 159 
HOH H2   H  N N 160 
ILE N    N  N N 161 
ILE CA   C  N S 162 
ILE C    C  N N 163 
ILE O    O  N N 164 
ILE CB   C  N S 165 
ILE CG1  C  N N 166 
ILE CG2  C  N N 167 
ILE CD1  C  N N 168 
ILE OXT  O  N N 169 
ILE H    H  N N 170 
ILE H2   H  N N 171 
ILE HA   H  N N 172 
ILE HB   H  N N 173 
ILE HG12 H  N N 174 
ILE HG13 H  N N 175 
ILE HG21 H  N N 176 
ILE HG22 H  N N 177 
ILE HG23 H  N N 178 
ILE HD11 H  N N 179 
ILE HD12 H  N N 180 
ILE HD13 H  N N 181 
ILE HXT  H  N N 182 
LEU N    N  N N 183 
LEU CA   C  N S 184 
LEU C    C  N N 185 
LEU O    O  N N 186 
LEU CB   C  N N 187 
LEU CG   C  N N 188 
LEU CD1  C  N N 189 
LEU CD2  C  N N 190 
LEU OXT  O  N N 191 
LEU H    H  N N 192 
LEU H2   H  N N 193 
LEU HA   H  N N 194 
LEU HB2  H  N N 195 
LEU HB3  H  N N 196 
LEU HG   H  N N 197 
LEU HD11 H  N N 198 
LEU HD12 H  N N 199 
LEU HD13 H  N N 200 
LEU HD21 H  N N 201 
LEU HD22 H  N N 202 
LEU HD23 H  N N 203 
LEU HXT  H  N N 204 
LYS N    N  N N 205 
LYS CA   C  N S 206 
LYS C    C  N N 207 
LYS O    O  N N 208 
LYS CB   C  N N 209 
LYS CG   C  N N 210 
LYS CD   C  N N 211 
LYS CE   C  N N 212 
LYS NZ   N  N N 213 
LYS OXT  O  N N 214 
LYS H    H  N N 215 
LYS H2   H  N N 216 
LYS HA   H  N N 217 
LYS HB2  H  N N 218 
LYS HB3  H  N N 219 
LYS HG2  H  N N 220 
LYS HG3  H  N N 221 
LYS HD2  H  N N 222 
LYS HD3  H  N N 223 
LYS HE2  H  N N 224 
LYS HE3  H  N N 225 
LYS HZ1  H  N N 226 
LYS HZ2  H  N N 227 
LYS HZ3  H  N N 228 
LYS HXT  H  N N 229 
MET N    N  N N 230 
MET CA   C  N S 231 
MET C    C  N N 232 
MET O    O  N N 233 
MET CB   C  N N 234 
MET CG   C  N N 235 
MET SD   S  N N 236 
MET CE   C  N N 237 
MET OXT  O  N N 238 
MET H    H  N N 239 
MET H2   H  N N 240 
MET HA   H  N N 241 
MET HB2  H  N N 242 
MET HB3  H  N N 243 
MET HG2  H  N N 244 
MET HG3  H  N N 245 
MET HE1  H  N N 246 
MET HE2  H  N N 247 
MET HE3  H  N N 248 
MET HXT  H  N N 249 
PHE N    N  N N 250 
PHE CA   C  N S 251 
PHE C    C  N N 252 
PHE O    O  N N 253 
PHE CB   C  N N 254 
PHE CG   C  Y N 255 
PHE CD1  C  Y N 256 
PHE CD2  C  Y N 257 
PHE CE1  C  Y N 258 
PHE CE2  C  Y N 259 
PHE CZ   C  Y N 260 
PHE OXT  O  N N 261 
PHE H    H  N N 262 
PHE H2   H  N N 263 
PHE HA   H  N N 264 
PHE HB2  H  N N 265 
PHE HB3  H  N N 266 
PHE HD1  H  N N 267 
PHE HD2  H  N N 268 
PHE HE1  H  N N 269 
PHE HE2  H  N N 270 
PHE HZ   H  N N 271 
PHE HXT  H  N N 272 
PRO N    N  N N 273 
PRO CA   C  N S 274 
PRO C    C  N N 275 
PRO O    O  N N 276 
PRO CB   C  N N 277 
PRO CG   C  N N 278 
PRO CD   C  N N 279 
PRO OXT  O  N N 280 
PRO H    H  N N 281 
PRO HA   H  N N 282 
PRO HB2  H  N N 283 
PRO HB3  H  N N 284 
PRO HG2  H  N N 285 
PRO HG3  H  N N 286 
PRO HD2  H  N N 287 
PRO HD3  H  N N 288 
PRO HXT  H  N N 289 
SER N    N  N N 290 
SER CA   C  N S 291 
SER C    C  N N 292 
SER O    O  N N 293 
SER CB   C  N N 294 
SER OG   O  N N 295 
SER OXT  O  N N 296 
SER H    H  N N 297 
SER H2   H  N N 298 
SER HA   H  N N 299 
SER HB2  H  N N 300 
SER HB3  H  N N 301 
SER HG   H  N N 302 
SER HXT  H  N N 303 
THR N    N  N N 304 
THR CA   C  N S 305 
THR C    C  N N 306 
THR O    O  N N 307 
THR CB   C  N R 308 
THR OG1  O  N N 309 
THR CG2  C  N N 310 
THR OXT  O  N N 311 
THR H    H  N N 312 
THR H2   H  N N 313 
THR HA   H  N N 314 
THR HB   H  N N 315 
THR HG1  H  N N 316 
THR HG21 H  N N 317 
THR HG22 H  N N 318 
THR HG23 H  N N 319 
THR HXT  H  N N 320 
TRP N    N  N N 321 
TRP CA   C  N S 322 
TRP C    C  N N 323 
TRP O    O  N N 324 
TRP CB   C  N N 325 
TRP CG   C  Y N 326 
TRP CD1  C  Y N 327 
TRP CD2  C  Y N 328 
TRP NE1  N  Y N 329 
TRP CE2  C  Y N 330 
TRP CE3  C  Y N 331 
TRP CZ2  C  Y N 332 
TRP CZ3  C  Y N 333 
TRP CH2  C  Y N 334 
TRP OXT  O  N N 335 
TRP H    H  N N 336 
TRP H2   H  N N 337 
TRP HA   H  N N 338 
TRP HB2  H  N N 339 
TRP HB3  H  N N 340 
TRP HD1  H  N N 341 
TRP HE1  H  N N 342 
TRP HE3  H  N N 343 
TRP HZ2  H  N N 344 
TRP HZ3  H  N N 345 
TRP HH2  H  N N 346 
TRP HXT  H  N N 347 
TYR N    N  N N 348 
TYR CA   C  N S 349 
TYR C    C  N N 350 
TYR O    O  N N 351 
TYR CB   C  N N 352 
TYR CG   C  Y N 353 
TYR CD1  C  Y N 354 
TYR CD2  C  Y N 355 
TYR CE1  C  Y N 356 
TYR CE2  C  Y N 357 
TYR CZ   C  Y N 358 
TYR OH   O  N N 359 
TYR OXT  O  N N 360 
TYR H    H  N N 361 
TYR H2   H  N N 362 
TYR HA   H  N N 363 
TYR HB2  H  N N 364 
TYR HB3  H  N N 365 
TYR HD1  H  N N 366 
TYR HD2  H  N N 367 
TYR HE1  H  N N 368 
TYR HE2  H  N N 369 
TYR HH   H  N N 370 
TYR HXT  H  N N 371 
VAL N    N  N N 372 
VAL CA   C  N S 373 
VAL C    C  N N 374 
VAL O    O  N N 375 
VAL CB   C  N N 376 
VAL CG1  C  N N 377 
VAL CG2  C  N N 378 
VAL OXT  O  N N 379 
VAL H    H  N N 380 
VAL H2   H  N N 381 
VAL HA   H  N N 382 
VAL HB   H  N N 383 
VAL HG11 H  N N 384 
VAL HG12 H  N N 385 
VAL HG13 H  N N 386 
VAL HG21 H  N N 387 
VAL HG22 H  N N 388 
VAL HG23 H  N N 389 
VAL HXT  H  N N 390 
ZN  ZN   ZN N N 391 
# 
loop_
_chem_comp_bond.comp_id 
_chem_comp_bond.atom_id_1 
_chem_comp_bond.atom_id_2 
_chem_comp_bond.value_order 
_chem_comp_bond.pdbx_aromatic_flag 
_chem_comp_bond.pdbx_stereo_config 
_chem_comp_bond.pdbx_ordinal 
ALA N   CA   sing N N 1   
ALA N   H    sing N N 2   
ALA N   H2   sing N N 3   
ALA CA  C    sing N N 4   
ALA CA  CB   sing N N 5   
ALA CA  HA   sing N N 6   
ALA C   O    doub N N 7   
ALA C   OXT  sing N N 8   
ALA CB  HB1  sing N N 9   
ALA CB  HB2  sing N N 10  
ALA CB  HB3  sing N N 11  
ALA OXT HXT  sing N N 12  
ARG N   CA   sing N N 13  
ARG N   H    sing N N 14  
ARG N   H2   sing N N 15  
ARG CA  C    sing N N 16  
ARG CA  CB   sing N N 17  
ARG CA  HA   sing N N 18  
ARG C   O    doub N N 19  
ARG C   OXT  sing N N 20  
ARG CB  CG   sing N N 21  
ARG CB  HB2  sing N N 22  
ARG CB  HB3  sing N N 23  
ARG CG  CD   sing N N 24  
ARG CG  HG2  sing N N 25  
ARG CG  HG3  sing N N 26  
ARG CD  NE   sing N N 27  
ARG CD  HD2  sing N N 28  
ARG CD  HD3  sing N N 29  
ARG NE  CZ   sing N N 30  
ARG NE  HE   sing N N 31  
ARG CZ  NH1  sing N N 32  
ARG CZ  NH2  doub N N 33  
ARG NH1 HH11 sing N N 34  
ARG NH1 HH12 sing N N 35  
ARG NH2 HH21 sing N N 36  
ARG NH2 HH22 sing N N 37  
ARG OXT HXT  sing N N 38  
ASN N   CA   sing N N 39  
ASN N   H    sing N N 40  
ASN N   H2   sing N N 41  
ASN CA  C    sing N N 42  
ASN CA  CB   sing N N 43  
ASN CA  HA   sing N N 44  
ASN C   O    doub N N 45  
ASN C   OXT  sing N N 46  
ASN CB  CG   sing N N 47  
ASN CB  HB2  sing N N 48  
ASN CB  HB3  sing N N 49  
ASN CG  OD1  doub N N 50  
ASN CG  ND2  sing N N 51  
ASN ND2 HD21 sing N N 52  
ASN ND2 HD22 sing N N 53  
ASN OXT HXT  sing N N 54  
ASP N   CA   sing N N 55  
ASP N   H    sing N N 56  
ASP N   H2   sing N N 57  
ASP CA  C    sing N N 58  
ASP CA  CB   sing N N 59  
ASP CA  HA   sing N N 60  
ASP C   O    doub N N 61  
ASP C   OXT  sing N N 62  
ASP CB  CG   sing N N 63  
ASP CB  HB2  sing N N 64  
ASP CB  HB3  sing N N 65  
ASP CG  OD1  doub N N 66  
ASP CG  OD2  sing N N 67  
ASP OD2 HD2  sing N N 68  
ASP OXT HXT  sing N N 69  
CYS N   CA   sing N N 70  
CYS N   H    sing N N 71  
CYS N   H2   sing N N 72  
CYS CA  C    sing N N 73  
CYS CA  CB   sing N N 74  
CYS CA  HA   sing N N 75  
CYS C   O    doub N N 76  
CYS C   OXT  sing N N 77  
CYS CB  SG   sing N N 78  
CYS CB  HB2  sing N N 79  
CYS CB  HB3  sing N N 80  
CYS SG  HG   sing N N 81  
CYS OXT HXT  sing N N 82  
GLN N   CA   sing N N 83  
GLN N   H    sing N N 84  
GLN N   H2   sing N N 85  
GLN CA  C    sing N N 86  
GLN CA  CB   sing N N 87  
GLN CA  HA   sing N N 88  
GLN C   O    doub N N 89  
GLN C   OXT  sing N N 90  
GLN CB  CG   sing N N 91  
GLN CB  HB2  sing N N 92  
GLN CB  HB3  sing N N 93  
GLN CG  CD   sing N N 94  
GLN CG  HG2  sing N N 95  
GLN CG  HG3  sing N N 96  
GLN CD  OE1  doub N N 97  
GLN CD  NE2  sing N N 98  
GLN NE2 HE21 sing N N 99  
GLN NE2 HE22 sing N N 100 
GLN OXT HXT  sing N N 101 
GLU N   CA   sing N N 102 
GLU N   H    sing N N 103 
GLU N   H2   sing N N 104 
GLU CA  C    sing N N 105 
GLU CA  CB   sing N N 106 
GLU CA  HA   sing N N 107 
GLU C   O    doub N N 108 
GLU C   OXT  sing N N 109 
GLU CB  CG   sing N N 110 
GLU CB  HB2  sing N N 111 
GLU CB  HB3  sing N N 112 
GLU CG  CD   sing N N 113 
GLU CG  HG2  sing N N 114 
GLU CG  HG3  sing N N 115 
GLU CD  OE1  doub N N 116 
GLU CD  OE2  sing N N 117 
GLU OE2 HE2  sing N N 118 
GLU OXT HXT  sing N N 119 
GLY N   CA   sing N N 120 
GLY N   H    sing N N 121 
GLY N   H2   sing N N 122 
GLY CA  C    sing N N 123 
GLY CA  HA2  sing N N 124 
GLY CA  HA3  sing N N 125 
GLY C   O    doub N N 126 
GLY C   OXT  sing N N 127 
GLY OXT HXT  sing N N 128 
HIS N   CA   sing N N 129 
HIS N   H    sing N N 130 
HIS N   H2   sing N N 131 
HIS CA  C    sing N N 132 
HIS CA  CB   sing N N 133 
HIS CA  HA   sing N N 134 
HIS C   O    doub N N 135 
HIS C   OXT  sing N N 136 
HIS CB  CG   sing N N 137 
HIS CB  HB2  sing N N 138 
HIS CB  HB3  sing N N 139 
HIS CG  ND1  sing Y N 140 
HIS CG  CD2  doub Y N 141 
HIS ND1 CE1  doub Y N 142 
HIS ND1 HD1  sing N N 143 
HIS CD2 NE2  sing Y N 144 
HIS CD2 HD2  sing N N 145 
HIS CE1 NE2  sing Y N 146 
HIS CE1 HE1  sing N N 147 
HIS NE2 HE2  sing N N 148 
HIS OXT HXT  sing N N 149 
HOH O   H1   sing N N 150 
HOH O   H2   sing N N 151 
ILE N   CA   sing N N 152 
ILE N   H    sing N N 153 
ILE N   H2   sing N N 154 
ILE CA  C    sing N N 155 
ILE CA  CB   sing N N 156 
ILE CA  HA   sing N N 157 
ILE C   O    doub N N 158 
ILE C   OXT  sing N N 159 
ILE CB  CG1  sing N N 160 
ILE CB  CG2  sing N N 161 
ILE CB  HB   sing N N 162 
ILE CG1 CD1  sing N N 163 
ILE CG1 HG12 sing N N 164 
ILE CG1 HG13 sing N N 165 
ILE CG2 HG21 sing N N 166 
ILE CG2 HG22 sing N N 167 
ILE CG2 HG23 sing N N 168 
ILE CD1 HD11 sing N N 169 
ILE CD1 HD12 sing N N 170 
ILE CD1 HD13 sing N N 171 
ILE OXT HXT  sing N N 172 
LEU N   CA   sing N N 173 
LEU N   H    sing N N 174 
LEU N   H2   sing N N 175 
LEU CA  C    sing N N 176 
LEU CA  CB   sing N N 177 
LEU CA  HA   sing N N 178 
LEU C   O    doub N N 179 
LEU C   OXT  sing N N 180 
LEU CB  CG   sing N N 181 
LEU CB  HB2  sing N N 182 
LEU CB  HB3  sing N N 183 
LEU CG  CD1  sing N N 184 
LEU CG  CD2  sing N N 185 
LEU CG  HG   sing N N 186 
LEU CD1 HD11 sing N N 187 
LEU CD1 HD12 sing N N 188 
LEU CD1 HD13 sing N N 189 
LEU CD2 HD21 sing N N 190 
LEU CD2 HD22 sing N N 191 
LEU CD2 HD23 sing N N 192 
LEU OXT HXT  sing N N 193 
LYS N   CA   sing N N 194 
LYS N   H    sing N N 195 
LYS N   H2   sing N N 196 
LYS CA  C    sing N N 197 
LYS CA  CB   sing N N 198 
LYS CA  HA   sing N N 199 
LYS C   O    doub N N 200 
LYS C   OXT  sing N N 201 
LYS CB  CG   sing N N 202 
LYS CB  HB2  sing N N 203 
LYS CB  HB3  sing N N 204 
LYS CG  CD   sing N N 205 
LYS CG  HG2  sing N N 206 
LYS CG  HG3  sing N N 207 
LYS CD  CE   sing N N 208 
LYS CD  HD2  sing N N 209 
LYS CD  HD3  sing N N 210 
LYS CE  NZ   sing N N 211 
LYS CE  HE2  sing N N 212 
LYS CE  HE3  sing N N 213 
LYS NZ  HZ1  sing N N 214 
LYS NZ  HZ2  sing N N 215 
LYS NZ  HZ3  sing N N 216 
LYS OXT HXT  sing N N 217 
MET N   CA   sing N N 218 
MET N   H    sing N N 219 
MET N   H2   sing N N 220 
MET CA  C    sing N N 221 
MET CA  CB   sing N N 222 
MET CA  HA   sing N N 223 
MET C   O    doub N N 224 
MET C   OXT  sing N N 225 
MET CB  CG   sing N N 226 
MET CB  HB2  sing N N 227 
MET CB  HB3  sing N N 228 
MET CG  SD   sing N N 229 
MET CG  HG2  sing N N 230 
MET CG  HG3  sing N N 231 
MET SD  CE   sing N N 232 
MET CE  HE1  sing N N 233 
MET CE  HE2  sing N N 234 
MET CE  HE3  sing N N 235 
MET OXT HXT  sing N N 236 
PHE N   CA   sing N N 237 
PHE N   H    sing N N 238 
PHE N   H2   sing N N 239 
PHE CA  C    sing N N 240 
PHE CA  CB   sing N N 241 
PHE CA  HA   sing N N 242 
PHE C   O    doub N N 243 
PHE C   OXT  sing N N 244 
PHE CB  CG   sing N N 245 
PHE CB  HB2  sing N N 246 
PHE CB  HB3  sing N N 247 
PHE CG  CD1  doub Y N 248 
PHE CG  CD2  sing Y N 249 
PHE CD1 CE1  sing Y N 250 
PHE CD1 HD1  sing N N 251 
PHE CD2 CE2  doub Y N 252 
PHE CD2 HD2  sing N N 253 
PHE CE1 CZ   doub Y N 254 
PHE CE1 HE1  sing N N 255 
PHE CE2 CZ   sing Y N 256 
PHE CE2 HE2  sing N N 257 
PHE CZ  HZ   sing N N 258 
PHE OXT HXT  sing N N 259 
PRO N   CA   sing N N 260 
PRO N   CD   sing N N 261 
PRO N   H    sing N N 262 
PRO CA  C    sing N N 263 
PRO CA  CB   sing N N 264 
PRO CA  HA   sing N N 265 
PRO C   O    doub N N 266 
PRO C   OXT  sing N N 267 
PRO CB  CG   sing N N 268 
PRO CB  HB2  sing N N 269 
PRO CB  HB3  sing N N 270 
PRO CG  CD   sing N N 271 
PRO CG  HG2  sing N N 272 
PRO CG  HG3  sing N N 273 
PRO CD  HD2  sing N N 274 
PRO CD  HD3  sing N N 275 
PRO OXT HXT  sing N N 276 
SER N   CA   sing N N 277 
SER N   H    sing N N 278 
SER N   H2   sing N N 279 
SER CA  C    sing N N 280 
SER CA  CB   sing N N 281 
SER CA  HA   sing N N 282 
SER C   O    doub N N 283 
SER C   OXT  sing N N 284 
SER CB  OG   sing N N 285 
SER CB  HB2  sing N N 286 
SER CB  HB3  sing N N 287 
SER OG  HG   sing N N 288 
SER OXT HXT  sing N N 289 
THR N   CA   sing N N 290 
THR N   H    sing N N 291 
THR N   H2   sing N N 292 
THR CA  C    sing N N 293 
THR CA  CB   sing N N 294 
THR CA  HA   sing N N 295 
THR C   O    doub N N 296 
THR C   OXT  sing N N 297 
THR CB  OG1  sing N N 298 
THR CB  CG2  sing N N 299 
THR CB  HB   sing N N 300 
THR OG1 HG1  sing N N 301 
THR CG2 HG21 sing N N 302 
THR CG2 HG22 sing N N 303 
THR CG2 HG23 sing N N 304 
THR OXT HXT  sing N N 305 
TRP N   CA   sing N N 306 
TRP N   H    sing N N 307 
TRP N   H2   sing N N 308 
TRP CA  C    sing N N 309 
TRP CA  CB   sing N N 310 
TRP CA  HA   sing N N 311 
TRP C   O    doub N N 312 
TRP C   OXT  sing N N 313 
TRP CB  CG   sing N N 314 
TRP CB  HB2  sing N N 315 
TRP CB  HB3  sing N N 316 
TRP CG  CD1  doub Y N 317 
TRP CG  CD2  sing Y N 318 
TRP CD1 NE1  sing Y N 319 
TRP CD1 HD1  sing N N 320 
TRP CD2 CE2  doub Y N 321 
TRP CD2 CE3  sing Y N 322 
TRP NE1 CE2  sing Y N 323 
TRP NE1 HE1  sing N N 324 
TRP CE2 CZ2  sing Y N 325 
TRP CE3 CZ3  doub Y N 326 
TRP CE3 HE3  sing N N 327 
TRP CZ2 CH2  doub Y N 328 
TRP CZ2 HZ2  sing N N 329 
TRP CZ3 CH2  sing Y N 330 
TRP CZ3 HZ3  sing N N 331 
TRP CH2 HH2  sing N N 332 
TRP OXT HXT  sing N N 333 
TYR N   CA   sing N N 334 
TYR N   H    sing N N 335 
TYR N   H2   sing N N 336 
TYR CA  C    sing N N 337 
TYR CA  CB   sing N N 338 
TYR CA  HA   sing N N 339 
TYR C   O    doub N N 340 
TYR C   OXT  sing N N 341 
TYR CB  CG   sing N N 342 
TYR CB  HB2  sing N N 343 
TYR CB  HB3  sing N N 344 
TYR CG  CD1  doub Y N 345 
TYR CG  CD2  sing Y N 346 
TYR CD1 CE1  sing Y N 347 
TYR CD1 HD1  sing N N 348 
TYR CD2 CE2  doub Y N 349 
TYR CD2 HD2  sing N N 350 
TYR CE1 CZ   doub Y N 351 
TYR CE1 HE1  sing N N 352 
TYR CE2 CZ   sing Y N 353 
TYR CE2 HE2  sing N N 354 
TYR CZ  OH   sing N N 355 
TYR OH  HH   sing N N 356 
TYR OXT HXT  sing N N 357 
VAL N   CA   sing N N 358 
VAL N   H    sing N N 359 
VAL N   H2   sing N N 360 
VAL CA  C    sing N N 361 
VAL CA  CB   sing N N 362 
VAL CA  HA   sing N N 363 
VAL C   O    doub N N 364 
VAL C   OXT  sing N N 365 
VAL CB  CG1  sing N N 366 
VAL CB  CG2  sing N N 367 
VAL CB  HB   sing N N 368 
VAL CG1 HG11 sing N N 369 
VAL CG1 HG12 sing N N 370 
VAL CG1 HG13 sing N N 371 
VAL CG2 HG21 sing N N 372 
VAL CG2 HG22 sing N N 373 
VAL CG2 HG23 sing N N 374 
VAL OXT HXT  sing N N 375 
# 
_atom_sites.entry_id                    4MTH 
_atom_sites.fract_transf_matrix[1][1]   0.01840447 
_atom_sites.fract_transf_matrix[1][2]   0.02613900 
_atom_sites.fract_transf_matrix[1][3]   -0.00589900 
_atom_sites.fract_transf_matrix[2][1]   -0.01186283 
_atom_sites.fract_transf_matrix[2][2]   0.01106549 
_atom_sites.fract_transf_matrix[2][3]   0.01202101 
_atom_sites.fract_transf_matrix[3][1]   0.00627429 
_atom_sites.fract_transf_matrix[3][2]   -0.00250086 
_atom_sites.fract_transf_matrix[3][3]   0.00849381 
_atom_sites.fract_transf_vector[1]      -0.340925 
_atom_sites.fract_transf_vector[2]      0.045413 
_atom_sites.fract_transf_vector[3]      -0.128013 
# 
loop_
_atom_type.symbol 
C  
N  
O  
S  
ZN 
# 
loop_
_atom_site.group_PDB 
_atom_site.id 
_atom_site.type_symbol 
_atom_site.label_atom_id 
_atom_site.label_alt_id 
_atom_site.label_comp_id 
_atom_site.label_asym_id 
_atom_site.label_entity_id 
_atom_site.label_seq_id 
_atom_site.pdbx_PDB_ins_code 
_atom_site.Cartn_x 
_atom_site.Cartn_y 
_atom_site.Cartn_z 
_atom_site.occupancy 
_atom_site.B_iso_or_equiv 
_atom_site.pdbx_formal_charge 
_atom_site.auth_seq_id 
_atom_site.auth_comp_id 
_atom_site.auth_asym_id 
_atom_site.auth_atom_id 
_atom_site.pdbx_PDB_model_num 
ATOM   1    N  N   . MET A 1 1   ? -3.079  -22.481 -11.872 1.00 47.26 ? 37  MET A N   1 
ATOM   2    C  CA  . MET A 1 1   ? -1.813  -21.923 -11.414 1.00 46.52 ? 37  MET A CA  1 
ATOM   3    C  C   . MET A 1 1   ? -1.803  -20.398 -11.509 1.00 41.21 ? 37  MET A C   1 
ATOM   4    O  O   . MET A 1 1   ? -0.948  -19.735 -10.919 1.00 46.36 ? 37  MET A O   1 
ATOM   5    C  CB  . MET A 1 1   ? -0.647  -22.502 -12.218 1.00 41.76 ? 37  MET A CB  1 
ATOM   6    C  CG  . MET A 1 1   ? 0.699   -21.910 -11.846 1.00 40.68 ? 37  MET A CG  1 
ATOM   7    S  SD  . MET A 1 1   ? 1.886   -21.951 -13.200 1.00 58.44 ? 37  MET A SD  1 
ATOM   8    C  CE  . MET A 1 1   ? 3.045   -20.698 -12.656 1.00 42.99 ? 37  MET A CE  1 
ATOM   9    N  N   . ILE A 1 2   ? -2.727  -19.526 -11.831 1.00 40.24 ? 38  ILE A N   1 
ATOM   10   C  CA  . ILE A 1 2   ? -2.565  -18.105 -11.960 1.00 28.64 ? 38  ILE A CA  1 
ATOM   11   C  C   . ILE A 1 2   ? -1.491  -17.466 -12.843 1.00 23.35 ? 38  ILE A C   1 
ATOM   12   O  O   . ILE A 1 2   ? -0.305  -17.456 -12.517 1.00 26.39 ? 38  ILE A O   1 
ATOM   13   C  CB  . ILE A 1 2   ? -2.524  -17.478 -10.549 1.00 37.86 ? 38  ILE A CB  1 
ATOM   14   C  CG1 . ILE A 1 2   ? -3.764  -17.895 -9.763  1.00 31.13 ? 38  ILE A CG1 1 
ATOM   15   C  CG2 . ILE A 1 2   ? -2.419  -15.958 -10.626 1.00 23.54 ? 38  ILE A CG2 1 
ATOM   16   C  CD1 . ILE A 1 2   ? -5.053  -17.601 -10.474 1.00 28.44 ? 38  ILE A CD1 1 
ATOM   17   N  N   . ARG A 1 3   ? -1.940  -16.924 -13.968 1.00 18.68 ? 39  ARG A N   1 
ATOM   18   C  CA  . ARG A 1 3   ? -1.080  -16.125 -14.832 1.00 19.51 ? 39  ARG A CA  1 
ATOM   19   C  C   . ARG A 1 3   ? -1.414  -14.632 -14.712 1.00 19.38 ? 39  ARG A C   1 
ATOM   20   O  O   . ARG A 1 3   ? -2.531  -14.253 -14.332 1.00 19.16 ? 39  ARG A O   1 
ATOM   21   C  CB  . ARG A 1 3   ? -1.185  -16.603 -16.283 1.00 16.32 ? 39  ARG A CB  1 
ATOM   22   C  CG  . ARG A 1 3   ? -2.600  -16.883 -16.738 1.00 16.47 ? 39  ARG A CG  1 
ATOM   23   C  CD  . ARG A 1 3   ? -2.725  -16.842 -18.265 1.00 14.86 ? 39  ARG A CD  1 
ATOM   24   N  NE  . ARG A 1 3   ? -2.247  -15.567 -18.770 1.00 13.26 ? 39  ARG A NE  1 
ATOM   25   C  CZ  . ARG A 1 3   ? -2.853  -14.411 -18.538 1.00 14.76 ? 39  ARG A CZ  1 
ATOM   26   N  NH1 . ARG A 1 3   ? -3.973  -14.378 -17.827 1.00 14.47 ? 39  ARG A NH1 1 
ATOM   27   N  NH2 . ARG A 1 3   ? -2.332  -13.288 -19.013 1.00 14.69 ? 39  ARG A NH2 1 
ATOM   28   N  N   . CYS A 1 4   ? -0.439  -13.789 -15.028 1.00 17.67 ? 40  CYS A N   1 
ATOM   29   C  CA  . CYS A 1 4   ? -0.612  -12.346 -14.948 1.00 17.24 ? 40  CYS A CA  1 
ATOM   30   C  C   . CYS A 1 4   ? -0.064  -11.688 -16.196 1.00 19.63 ? 40  CYS A C   1 
ATOM   31   O  O   . CYS A 1 4   ? 0.695   -12.306 -16.945 1.00 21.00 ? 40  CYS A O   1 
ATOM   32   C  CB  . CYS A 1 4   ? 0.088   -11.782 -13.702 1.00 14.72 ? 40  CYS A CB  1 
ATOM   33   S  SG  . CYS A 1 4   ? -0.732  -12.203 -12.159 1.00 18.29 ? 40  CYS A SG  1 
ATOM   34   N  N   . PRO A 1 5   ? -0.458  -10.436 -16.433 1.00 16.98 ? 41  PRO A N   1 
ATOM   35   C  CA  . PRO A 1 5   ? 0.060   -9.739  -17.605 1.00 22.06 ? 41  PRO A CA  1 
ATOM   36   C  C   . PRO A 1 5   ? 1.558   -9.628  -17.490 1.00 23.79 ? 41  PRO A C   1 
ATOM   37   O  O   . PRO A 1 5   ? 2.095   -9.445  -16.389 1.00 19.12 ? 41  PRO A O   1 
ATOM   38   C  CB  . PRO A 1 5   ? -0.576  -8.355  -17.494 1.00 23.02 ? 41  PRO A CB  1 
ATOM   39   C  CG  . PRO A 1 5   ? -1.841  -8.591  -16.731 1.00 20.96 ? 41  PRO A CG  1 
ATOM   40   C  CD  . PRO A 1 5   ? -1.473  -9.639  -15.720 1.00 22.50 ? 41  PRO A CD  1 
ATOM   41   N  N   . LYS A 1 6   ? 2.244   -9.747  -18.618 1.00 22.86 ? 42  LYS A N   1 
ATOM   42   C  CA  . LYS A 1 6   ? 3.675   -9.508  -18.606 1.00 20.44 ? 42  LYS A CA  1 
ATOM   43   C  C   . LYS A 1 6   ? 3.910   -8.150  -17.954 1.00 20.60 ? 42  LYS A C   1 
ATOM   44   O  O   . LYS A 1 6   ? 3.259   -7.163  -18.306 1.00 30.21 ? 42  LYS A O   1 
ATOM   45   C  CB  . LYS A 1 6   ? 4.264   -9.576  -20.021 1.00 22.21 ? 42  LYS A CB  1 
ATOM   46   C  CG  . LYS A 1 6   ? 4.388   -11.004 -20.563 1.00 26.72 ? 42  LYS A CG  1 
ATOM   47   C  CD  . LYS A 1 6   ? 4.675   -11.986 -19.423 1.00 33.74 ? 42  LYS A CD  1 
ATOM   48   C  CE  . LYS A 1 6   ? 4.580   -13.444 -19.866 1.00 24.45 ? 42  LYS A CE  1 
ATOM   49   N  NZ  . LYS A 1 6   ? 5.767   -13.857 -20.702 1.00 29.55 ? 42  LYS A NZ  1 
ATOM   50   N  N   . GLY A 1 7   ? 4.810   -8.112  -16.978 1.00 20.70 ? 43  GLY A N   1 
ATOM   51   C  CA  . GLY A 1 7   ? 5.093   -6.895  -16.239 1.00 19.77 ? 43  GLY A CA  1 
ATOM   52   C  C   . GLY A 1 7   ? 4.522   -6.821  -14.827 1.00 26.58 ? 43  GLY A C   1 
ATOM   53   O  O   . GLY A 1 7   ? 4.722   -5.834  -14.110 1.00 27.95 ? 43  GLY A O   1 
ATOM   54   N  N   . SER A 1 8   ? 3.793   -7.856  -14.429 1.00 22.25 ? 44  SER A N   1 
ATOM   55   C  CA  . SER A 1 8   ? 3.280   -7.948  -13.065 1.00 20.90 ? 44  SER A CA  1 
ATOM   56   C  C   . SER A 1 8   ? 3.550   -9.346  -12.536 1.00 19.62 ? 44  SER A C   1 
ATOM   57   O  O   . SER A 1 8   ? 3.963   -10.228 -13.292 1.00 21.17 ? 44  SER A O   1 
ATOM   58   C  CB  . SER A 1 8   ? 1.780   -7.653  -13.024 1.00 19.47 ? 44  SER A CB  1 
ATOM   59   O  OG  . SER A 1 8   ? 1.064   -8.556  -13.841 1.00 21.24 ? 44  SER A OG  1 
ATOM   60   N  N   . LYS A 1 9   ? 3.315   -9.554  -11.243 1.00 15.74 ? 45  LYS A N   1 
ATOM   61   C  CA  . LYS A 1 9   ? 3.611   -10.840 -10.621 1.00 15.72 ? 45  LYS A CA  1 
ATOM   62   C  C   . LYS A 1 9   ? 2.377   -11.396 -9.925  1.00 14.48 ? 45  LYS A C   1 
ATOM   63   O  O   . LYS A 1 9   ? 1.597   -10.641 -9.356  1.00 13.46 ? 45  LYS A O   1 
ATOM   64   C  CB  . LYS A 1 9   ? 4.743   -10.700 -9.600  1.00 18.78 ? 45  LYS A CB  1 
ATOM   65   C  CG  . LYS A 1 9   ? 6.101   -10.316 -10.191 1.00 26.28 ? 45  LYS A CG  1 
ATOM   66   C  CD  . LYS A 1 9   ? 6.509   -11.255 -11.321 1.00 31.96 ? 45  LYS A CD  1 
ATOM   67   C  CE  . LYS A 1 9   ? 7.857   -10.861 -11.915 1.00 37.68 ? 45  LYS A CE  1 
ATOM   68   N  NZ  . LYS A 1 9   ? 8.954   -10.933 -10.905 1.00 40.73 ? 45  LYS A NZ  1 
ATOM   69   N  N   . ALA A 1 10  ? 2.218   -12.719 -9.961  1.00 15.65 ? 46  ALA A N   1 
ATOM   70   C  CA  . ALA A 1 10  ? 1.092   -13.388 -9.304  1.00 15.95 ? 46  ALA A CA  1 
ATOM   71   C  C   . ALA A 1 10  ? 1.350   -13.749 -7.848  1.00 15.81 ? 46  ALA A C   1 
ATOM   72   O  O   . ALA A 1 10  ? 2.454   -14.125 -7.468  1.00 16.35 ? 46  ALA A O   1 
ATOM   73   C  CB  . ALA A 1 10  ? 0.721   -14.650 -10.075 1.00 16.94 ? 46  ALA A CB  1 
ATOM   74   N  N   . TYR A 1 11  ? 0.309   -13.622 -7.038  1.00 11.95 ? 47  TYR A N   1 
ATOM   75   C  CA  . TYR A 1 11  ? 0.298   -14.162 -5.678  1.00 13.96 ? 47  TYR A CA  1 
ATOM   76   C  C   . TYR A 1 11  ? -1.154  -14.411 -5.320  1.00 13.83 ? 47  TYR A C   1 
ATOM   77   O  O   . TYR A 1 11  ? -2.004  -13.542 -5.488  1.00 14.24 ? 47  TYR A O   1 
ATOM   78   C  CB  . TYR A 1 11  ? 0.921   -13.182 -4.682  1.00 16.45 ? 47  TYR A CB  1 
ATOM   79   C  CG  . TYR A 1 11  ? 0.815   -13.667 -3.252  1.00 15.67 ? 47  TYR A CG  1 
ATOM   80   C  CD1 . TYR A 1 11  ? 1.726   -14.582 -2.735  1.00 19.70 ? 47  TYR A CD1 1 
ATOM   81   C  CD2 . TYR A 1 11  ? -0.197  -13.212 -2.424  1.00 16.96 ? 47  TYR A CD2 1 
ATOM   82   C  CE1 . TYR A 1 11  ? 1.627   -15.033 -1.425  1.00 22.88 ? 47  TYR A CE1 1 
ATOM   83   C  CE2 . TYR A 1 11  ? -0.305  -13.658 -1.114  1.00 19.19 ? 47  TYR A CE2 1 
ATOM   84   C  CZ  . TYR A 1 11  ? 0.609   -14.564 -0.628  1.00 17.52 ? 47  TYR A CZ  1 
ATOM   85   O  OH  . TYR A 1 11  ? 0.486   -15.005 0.676   1.00 25.40 ? 47  TYR A OH  1 
ATOM   86   N  N   . GLY A 1 12  ? -1.449  -15.603 -4.823  1.00 17.91 ? 48  GLY A N   1 
ATOM   87   C  CA  . GLY A 1 12  ? -2.831  -15.993 -4.641  1.00 20.20 ? 48  GLY A CA  1 
ATOM   88   C  C   . GLY A 1 12  ? -3.618  -15.868 -5.932  1.00 14.96 ? 48  GLY A C   1 
ATOM   89   O  O   . GLY A 1 12  ? -3.206  -16.379 -6.982  1.00 20.57 ? 48  GLY A O   1 
ATOM   90   N  N   . SER A 1 13  ? -4.731  -15.153 -5.876  1.00 15.78 ? 49  SER A N   1 
ATOM   91   C  CA  . SER A 1 13  ? -5.577  -14.980 -7.043  1.00 18.18 ? 49  SER A CA  1 
ATOM   92   C  C   . SER A 1 13  ? -5.455  -13.590 -7.659  1.00 17.18 ? 49  SER A C   1 
ATOM   93   O  O   . SER A 1 13  ? -6.310  -13.167 -8.431  1.00 18.66 ? 49  SER A O   1 
ATOM   94   C  CB  . SER A 1 13  ? -7.031  -15.270 -6.675  1.00 23.74 ? 49  SER A CB  1 
ATOM   95   O  OG  . SER A 1 13  ? -7.214  -16.660 -6.451  1.00 30.66 ? 49  SER A OG  1 
ATOM   96   N  N   . HIS A 1 14  ? -4.377  -12.883 -7.325  1.00 15.13 ? 50  HIS A N   1 
ATOM   97   C  CA  . HIS A 1 14  ? -4.188  -11.529 -7.806  1.00 12.25 ? 50  HIS A CA  1 
ATOM   98   C  C   . HIS A 1 14  ? -2.862  -11.323 -8.494  1.00 11.35 ? 50  HIS A C   1 
ATOM   99   O  O   . HIS A 1 14  ? -1.911  -12.093 -8.322  1.00 12.12 ? 50  HIS A O   1 
ATOM   100  C  CB  . HIS A 1 14  ? -4.281  -10.518 -6.658  1.00 17.02 ? 50  HIS A CB  1 
ATOM   101  C  CG  . HIS A 1 14  ? -5.671  -10.317 -6.148  1.00 13.69 ? 50  HIS A CG  1 
ATOM   102  N  ND1 . HIS A 1 14  ? -6.203  -11.064 -5.121  1.00 21.12 ? 50  HIS A ND1 1 
ATOM   103  C  CD2 . HIS A 1 14  ? -6.636  -9.450  -6.531  1.00 18.37 ? 50  HIS A CD2 1 
ATOM   104  C  CE1 . HIS A 1 14  ? -7.442  -10.663 -4.894  1.00 20.96 ? 50  HIS A CE1 1 
ATOM   105  N  NE2 . HIS A 1 14  ? -7.730  -9.688  -5.736  1.00 21.48 ? 50  HIS A NE2 1 
ATOM   106  N  N   . CYS A 1 15  ? -2.824  -10.235 -9.238  1.00 11.52 ? 51  CYS A N   1 
ATOM   107  C  CA  . CYS A 1 15  ? -1.616  -9.790  -9.906  1.00 11.00 ? 51  CYS A CA  1 
ATOM   108  C  C   . CYS A 1 15  ? -1.171  -8.489  -9.260  1.00 12.83 ? 51  CYS A C   1 
ATOM   109  O  O   . CYS A 1 15  ? -1.989  -7.644  -8.870  1.00 12.84 ? 51  CYS A O   1 
ATOM   110  C  CB  . CYS A 1 15  ? -1.888  -9.580  -11.386 1.00 13.10 ? 51  CYS A CB  1 
ATOM   111  S  SG  . CYS A 1 15  ? -2.441  -11.085 -12.233 1.00 16.49 ? 51  CYS A SG  1 
ATOM   112  N  N   . TYR A 1 16  ? 0.141   -8.321  -9.162  1.00 13.33 ? 52  TYR A N   1 
ATOM   113  C  CA  . TYR A 1 16  ? 0.696   -7.170  -8.469  1.00 12.74 ? 52  TYR A CA  1 
ATOM   114  C  C   . TYR A 1 16  ? 1.754   -6.511  -9.323  1.00 16.87 ? 52  TYR A C   1 
ATOM   115  O  O   . TYR A 1 16  ? 2.537   -7.190  -9.975  1.00 15.78 ? 52  TYR A O   1 
ATOM   116  C  CB  . TYR A 1 16  ? 1.337   -7.608  -7.165  1.00 13.05 ? 52  TYR A CB  1 
ATOM   117  C  CG  . TYR A 1 16  ? 0.414   -8.296  -6.181  1.00 12.73 ? 52  TYR A CG  1 
ATOM   118  C  CD1 . TYR A 1 16  ? -0.091  -9.569  -6.444  1.00 10.69 ? 52  TYR A CD1 1 
ATOM   119  C  CD2 . TYR A 1 16  ? 0.056   -7.678  -4.987  1.00 13.54 ? 52  TYR A CD2 1 
ATOM   120  C  CE1 . TYR A 1 16  ? -0.928  -10.207 -5.548  1.00 13.42 ? 52  TYR A CE1 1 
ATOM   121  C  CE2 . TYR A 1 16  ? -0.787  -8.310  -4.076  1.00 12.63 ? 52  TYR A CE2 1 
ATOM   122  C  CZ  . TYR A 1 16  ? -1.272  -9.568  -4.369  1.00 14.67 ? 52  TYR A CZ  1 
ATOM   123  O  OH  . TYR A 1 16  ? -2.098  -10.206 -3.469  1.00 14.90 ? 52  TYR A OH  1 
ATOM   124  N  N   . ALA A 1 17  ? 1.779   -5.185  -9.298  1.00 13.10 ? 53  ALA A N   1 
ATOM   125  C  CA  . ALA A 1 17  ? 2.778   -4.440  -10.060 1.00 14.88 ? 53  ALA A CA  1 
ATOM   126  C  C   . ALA A 1 17  ? 3.298   -3.249  -9.276  1.00 14.95 ? 53  ALA A C   1 
ATOM   127  O  O   . ALA A 1 17  ? 2.528   -2.492  -8.674  1.00 13.72 ? 53  ALA A O   1 
ATOM   128  C  CB  . ALA A 1 17  ? 2.201   -3.982  -11.398 1.00 16.74 ? 53  ALA A CB  1 
ATOM   129  N  N   . LEU A 1 18  ? 4.624   -3.104  -9.283  1.00 17.39 ? 54  LEU A N   1 
ATOM   130  C  CA  . LEU A 1 18  ? 5.309   -1.955  -8.693  1.00 15.19 ? 54  LEU A CA  1 
ATOM   131  C  C   . LEU A 1 18  ? 5.537   -0.878  -9.757  1.00 15.14 ? 54  LEU A C   1 
ATOM   132  O  O   . LEU A 1 18  ? 6.023   -1.166  -10.862 1.00 16.55 ? 54  LEU A O   1 
ATOM   133  C  CB  . LEU A 1 18  ? 6.650   -2.390  -8.093  1.00 15.24 ? 54  LEU A CB  1 
ATOM   134  C  CG  . LEU A 1 18  ? 7.612   -1.280  -7.639  1.00 16.61 ? 54  LEU A CG  1 
ATOM   135  C  CD1 . LEU A 1 18  ? 7.042   -0.410  -6.522  1.00 18.15 ? 54  LEU A CD1 1 
ATOM   136  C  CD2 . LEU A 1 18  ? 8.958   -1.893  -7.217  1.00 19.39 ? 54  LEU A CD2 1 
ATOM   137  N  N   . PHE A 1 19  ? 5.159   0.357   -9.436  1.00 14.59 ? 55  PHE A N   1 
ATOM   138  C  CA  . PHE A 1 19  ? 5.355   1.496   -10.338 1.00 15.81 ? 55  PHE A CA  1 
ATOM   139  C  C   . PHE A 1 19  ? 6.296   2.511   -9.704  1.00 16.01 ? 55  PHE A C   1 
ATOM   140  O  O   . PHE A 1 19  ? 6.099   2.935   -8.564  1.00 15.12 ? 55  PHE A O   1 
ATOM   141  C  CB  . PHE A 1 19  ? 4.013   2.157   -10.688 1.00 14.95 ? 55  PHE A CB  1 
ATOM   142  C  CG  . PHE A 1 19  ? 3.102   1.272   -11.486 1.00 17.37 ? 55  PHE A CG  1 
ATOM   143  C  CD1 . PHE A 1 19  ? 3.113   1.320   -12.872 1.00 18.13 ? 55  PHE A CD1 1 
ATOM   144  C  CD2 . PHE A 1 19  ? 2.257   0.374   -10.857 1.00 16.85 ? 55  PHE A CD2 1 
ATOM   145  C  CE1 . PHE A 1 19  ? 2.289   0.497   -13.620 1.00 20.83 ? 55  PHE A CE1 1 
ATOM   146  C  CE2 . PHE A 1 19  ? 1.434   -0.457  -11.599 1.00 20.87 ? 55  PHE A CE2 1 
ATOM   147  C  CZ  . PHE A 1 19  ? 1.446   -0.390  -12.986 1.00 21.78 ? 55  PHE A CZ  1 
ATOM   148  N  N   . LEU A 1 20  ? 7.342   2.887   -10.440 1.00 17.70 ? 56  LEU A N   1 
ATOM   149  C  CA  . LEU A 1 20  ? 8.381   3.748   -9.875  1.00 20.10 ? 56  LEU A CA  1 
ATOM   150  C  C   . LEU A 1 20  ? 8.119   5.232   -10.095 1.00 20.46 ? 56  LEU A C   1 
ATOM   151  O  O   . LEU A 1 20  ? 8.614   6.061   -9.345  1.00 22.14 ? 56  LEU A O   1 
ATOM   152  C  CB  . LEU A 1 20  ? 9.754   3.370   -10.434 1.00 24.87 ? 56  LEU A CB  1 
ATOM   153  C  CG  . LEU A 1 20  ? 10.237  1.957   -10.112 1.00 24.19 ? 56  LEU A CG  1 
ATOM   154  C  CD1 . LEU A 1 20  ? 11.589  1.705   -10.761 1.00 32.38 ? 56  LEU A CD1 1 
ATOM   155  C  CD2 . LEU A 1 20  ? 10.308  1.747   -8.609  1.00 28.02 ? 56  LEU A CD2 1 
ATOM   156  N  N   . SER A 1 21  ? 7.360   5.570   -11.127 1.00 17.24 ? 57  SER A N   1 
ATOM   157  C  CA  . SER A 1 21  ? 7.032   6.969   -11.382 1.00 21.23 ? 57  SER A CA  1 
ATOM   158  C  C   . SER A 1 21  ? 6.087   7.472   -10.296 1.00 19.59 ? 57  SER A C   1 
ATOM   159  O  O   . SER A 1 21  ? 4.926   7.053   -10.230 1.00 18.18 ? 57  SER A O   1 
ATOM   160  C  CB  . SER A 1 21  ? 6.427   7.146   -12.775 1.00 23.47 ? 57  SER A CB  1 
ATOM   161  O  OG  . SER A 1 21  ? 6.299   8.522   -13.113 1.00 27.45 ? 57  SER A OG  1 
ATOM   162  N  N   . PRO A 1 22  ? 6.579   8.368   -9.433  1.00 18.19 ? 58  PRO A N   1 
ATOM   163  C  CA  . PRO A 1 22  ? 5.858   8.646   -8.185  1.00 17.59 ? 58  PRO A CA  1 
ATOM   164  C  C   . PRO A 1 22  ? 4.548   9.405   -8.362  1.00 17.71 ? 58  PRO A C   1 
ATOM   165  O  O   . PRO A 1 22  ? 4.425   10.268  -9.224  1.00 18.97 ? 58  PRO A O   1 
ATOM   166  C  CB  . PRO A 1 22  ? 6.863   9.465   -7.371  1.00 19.10 ? 58  PRO A CB  1 
ATOM   167  C  CG  . PRO A 1 22  ? 7.734   10.108  -8.404  1.00 23.48 ? 58  PRO A CG  1 
ATOM   168  C  CD  . PRO A 1 22  ? 7.846   9.112   -9.524  1.00 20.69 ? 58  PRO A CD  1 
ATOM   169  N  N   . LYS A 1 23  ? 3.570   9.064   -7.529  1.00 12.88 ? 59  LYS A N   1 
ATOM   170  C  CA  . LYS A 1 23  ? 2.272   9.733   -7.528  1.00 15.32 ? 59  LYS A CA  1 
ATOM   171  C  C   . LYS A 1 23  ? 1.801   9.934   -6.093  1.00 10.63 ? 59  LYS A C   1 
ATOM   172  O  O   . LYS A 1 23  ? 2.186   9.179   -5.182  1.00 13.05 ? 59  LYS A O   1 
ATOM   173  C  CB  . LYS A 1 23  ? 1.222   8.907   -8.298  1.00 14.11 ? 59  LYS A CB  1 
ATOM   174  C  CG  . LYS A 1 23  ? 1.500   8.794   -9.799  1.00 14.99 ? 59  LYS A CG  1 
ATOM   175  C  CD  . LYS A 1 23  ? 0.457   7.932   -10.491 1.00 17.68 ? 59  LYS A CD  1 
ATOM   176  C  CE  . LYS A 1 23  ? 0.742   7.790   -11.977 1.00 20.96 ? 59  LYS A CE  1 
ATOM   177  N  NZ  . LYS A 1 23  ? 0.507   9.064   -12.701 1.00 31.32 ? 59  LYS A NZ  1 
ATOM   178  N  N   . SER A 1 24  ? 0.953   10.938  -5.902  1.00 11.85 ? 60  SER A N   1 
ATOM   179  C  CA  . SER A 1 24  ? 0.248   11.115  -4.641  1.00 12.07 ? 60  SER A CA  1 
ATOM   180  C  C   . SER A 1 24  ? -0.601  9.870   -4.384  1.00 12.28 ? 60  SER A C   1 
ATOM   181  O  O   . SER A 1 24  ? -0.854  9.090   -5.299  1.00 11.49 ? 60  SER A O   1 
ATOM   182  C  CB  . SER A 1 24  ? -0.652  12.342  -4.715  1.00 13.51 ? 60  SER A CB  1 
ATOM   183  O  OG  . SER A 1 24  ? -1.747  12.117  -5.589  1.00 14.44 ? 60  SER A OG  1 
ATOM   184  N  N   . TRP A 1 25  ? -1.035  9.671   -3.145  1.00 11.34 ? 61  TRP A N   1 
ATOM   185  C  CA  . TRP A 1 25  ? -1.849  8.497   -2.842  1.00 10.07 ? 61  TRP A CA  1 
ATOM   186  C  C   . TRP A 1 25  ? -3.099  8.399   -3.734  1.00 10.79 ? 61  TRP A C   1 
ATOM   187  O  O   . TRP A 1 25  ? -3.404  7.339   -4.285  1.00 9.90  ? 61  TRP A O   1 
ATOM   188  C  CB  . TRP A 1 25  ? -2.232  8.487   -1.356  1.00 10.54 ? 61  TRP A CB  1 
ATOM   189  C  CG  . TRP A 1 25  ? -2.965  7.224   -0.927  1.00 9.42  ? 61  TRP A CG  1 
ATOM   190  C  CD1 . TRP A 1 25  ? -2.407  6.094   -0.415  1.00 9.33  ? 61  TRP A CD1 1 
ATOM   191  C  CD2 . TRP A 1 25  ? -4.378  6.984   -0.995  1.00 9.62  ? 61  TRP A CD2 1 
ATOM   192  N  NE1 . TRP A 1 25  ? -3.396  5.158   -0.143  1.00 9.07  ? 61  TRP A NE1 1 
ATOM   193  C  CE2 . TRP A 1 25  ? -4.605  5.678   -0.515  1.00 10.35 ? 61  TRP A CE2 1 
ATOM   194  C  CE3 . TRP A 1 25  ? -5.470  7.741   -1.435  1.00 12.10 ? 61  TRP A CE3 1 
ATOM   195  C  CZ2 . TRP A 1 25  ? -5.882  5.118   -0.431  1.00 10.87 ? 61  TRP A CZ2 1 
ATOM   196  C  CZ3 . TRP A 1 25  ? -6.734  7.188   -1.360  1.00 11.74 ? 61  TRP A CZ3 1 
ATOM   197  C  CH2 . TRP A 1 25  ? -6.931  5.886   -0.865  1.00 11.28 ? 61  TRP A CH2 1 
ATOM   198  N  N   . THR A 1 26  ? -3.817  9.508   -3.856  1.00 11.13 ? 62  THR A N   1 
ATOM   199  C  CA  . THR A 1 26  ? -5.027  9.546   -4.659  1.00 11.52 ? 62  THR A CA  1 
ATOM   200  C  C   . THR A 1 26  ? -4.737  9.237   -6.108  1.00 11.24 ? 62  THR A C   1 
ATOM   201  O  O   . THR A 1 26  ? -5.444  8.443   -6.730  1.00 11.72 ? 62  THR A O   1 
ATOM   202  C  CB  . THR A 1 26  ? -5.703  10.909  -4.539  1.00 14.09 ? 62  THR A CB  1 
ATOM   203  O  OG1 . THR A 1 26  ? -6.239  11.032  -3.218  1.00 16.47 ? 62  THR A OG1 1 
ATOM   204  C  CG2 . THR A 1 26  ? -6.847  11.035  -5.532  1.00 17.74 ? 62  THR A CG2 1 
ATOM   205  N  N   . ASP A 1 27  ? -3.684  9.854   -6.644  1.00 11.84 ? 63  ASP A N   1 
ATOM   206  C  CA  . ASP A 1 27  ? -3.386  9.655   -8.058  1.00 12.33 ? 63  ASP A CA  1 
ATOM   207  C  C   . ASP A 1 27  ? -2.889  8.236   -8.316  1.00 11.06 ? 63  ASP A C   1 
ATOM   208  O  O   . ASP A 1 27  ? -3.182  7.654   -9.366  1.00 14.34 ? 63  ASP A O   1 
ATOM   209  C  CB  . ASP A 1 27  ? -2.370  10.681  -8.569  1.00 14.37 ? 63  ASP A CB  1 
ATOM   210  C  CG  . ASP A 1 27  ? -2.953  12.079  -8.702  1.00 19.28 ? 63  ASP A CG  1 
ATOM   211  O  OD1 . ASP A 1 27  ? -4.188  12.244  -8.649  1.00 20.34 ? 63  ASP A OD1 1 
ATOM   212  O  OD2 . ASP A 1 27  ? -2.157  13.022  -8.869  1.00 19.93 ? 63  ASP A OD2 1 
ATOM   213  N  N   . ALA A 1 28  ? -2.137  7.682   -7.365  1.00 10.70 ? 64  ALA A N   1 
ATOM   214  C  CA  . ALA A 1 28  ? -1.668  6.306   -7.472  1.00 10.53 ? 64  ALA A CA  1 
ATOM   215  C  C   . ALA A 1 28  ? -2.848  5.334   -7.472  1.00 13.06 ? 64  ALA A C   1 
ATOM   216  O  O   . ALA A 1 28  ? -2.915  4.424   -8.312  1.00 11.09 ? 64  ALA A O   1 
ATOM   217  C  CB  . ALA A 1 28  ? -0.713  5.972   -6.345  1.00 11.63 ? 64  ALA A CB  1 
ATOM   218  N  N   . ASP A 1 29  ? -3.791  5.514   -6.545  1.00 10.73 ? 65  ASP A N   1 
ATOM   219  C  CA  . ASP A 1 29  ? -4.948  4.627   -6.536  1.00 12.07 ? 65  ASP A CA  1 
ATOM   220  C  C   . ASP A 1 29  ? -5.784  4.736   -7.814  1.00 12.79 ? 65  ASP A C   1 
ATOM   221  O  O   . ASP A 1 29  ? -6.260  3.726   -8.323  1.00 10.98 ? 65  ASP A O   1 
ATOM   222  C  CB  . ASP A 1 29  ? -5.810  4.836   -5.299  1.00 10.03 ? 65  ASP A CB  1 
ATOM   223  C  CG  . ASP A 1 29  ? -6.816  3.725   -5.125  1.00 11.73 ? 65  ASP A CG  1 
ATOM   224  O  OD1 . ASP A 1 29  ? -6.381  2.591   -4.828  1.00 10.67 ? 65  ASP A OD1 1 
ATOM   225  O  OD2 . ASP A 1 29  ? -8.022  3.993   -5.286  1.00 12.63 ? 65  ASP A OD2 1 
ATOM   226  N  N   . LEU A 1 30  ? -5.939  5.954   -8.322  1.00 13.11 ? 66  LEU A N   1 
ATOM   227  C  CA  . LEU A 1 30  ? -6.639  6.162   -9.591  1.00 12.40 ? 66  LEU A CA  1 
ATOM   228  C  C   . LEU A 1 30  ? -5.922  5.450   -10.734 1.00 12.63 ? 66  LEU A C   1 
ATOM   229  O  O   . LEU A 1 30  ? -6.568  4.851   -11.601 1.00 14.37 ? 66  LEU A O   1 
ATOM   230  C  CB  . LEU A 1 30  ? -6.773  7.650   -9.886  1.00 13.78 ? 66  LEU A CB  1 
ATOM   231  C  CG  . LEU A 1 30  ? -7.913  8.350   -9.148  1.00 15.60 ? 66  LEU A CG  1 
ATOM   232  C  CD1 . LEU A 1 30  ? -7.723  9.859   -9.214  1.00 18.47 ? 66  LEU A CD1 1 
ATOM   233  C  CD2 . LEU A 1 30  ? -9.253  7.931   -9.737  1.00 18.16 ? 66  LEU A CD2 1 
ATOM   234  N  N   . ALA A 1 31  ? -4.592  5.488   -10.726 1.00 12.85 ? 67  ALA A N   1 
ATOM   235  C  CA  . ALA A 1 31  ? -3.812  4.770   -11.739 1.00 12.84 ? 67  ALA A CA  1 
ATOM   236  C  C   . ALA A 1 31  ? -4.061  3.263   -11.646 1.00 16.08 ? 67  ALA A C   1 
ATOM   237  O  O   . ALA A 1 31  ? -4.239  2.583   -12.661 1.00 16.53 ? 67  ALA A O   1 
ATOM   238  C  CB  . ALA A 1 31  ? -2.328  5.085   -11.609 1.00 15.30 ? 67  ALA A CB  1 
ATOM   239  N  N   . CYS A 1 32  ? -4.086  2.736   -10.426 1.00 11.40 ? 68  CYS A N   1 
ATOM   240  C  CA  . CYS A 1 32  ? -4.341  1.310   -10.233 1.00 12.75 ? 68  CYS A CA  1 
ATOM   241  C  C   . CYS A 1 32  ? -5.728  0.914   -10.722 1.00 13.89 ? 68  CYS A C   1 
ATOM   242  O  O   . CYS A 1 32  ? -5.918  -0.191  -11.221 1.00 14.31 ? 68  CYS A O   1 
ATOM   243  C  CB  . CYS A 1 32  ? -4.168  0.932   -8.751  1.00 11.13 ? 68  CYS A CB  1 
ATOM   244  S  SG  . CYS A 1 32  ? -2.470  1.115   -8.105  1.00 12.26 ? 68  CYS A SG  1 
ATOM   245  N  N   . GLN A 1 33  ? -6.688  1.824   -10.586 1.00 13.56 ? 69  GLN A N   1 
ATOM   246  C  CA  . GLN A 1 33  ? -8.068  1.535   -10.961 1.00 12.62 ? 69  GLN A CA  1 
ATOM   247  C  C   . GLN A 1 33  ? -8.241  1.369   -12.463 1.00 15.67 ? 69  GLN A C   1 
ATOM   248  O  O   . GLN A 1 33  ? -9.296  0.925   -12.900 1.00 19.04 ? 69  GLN A O   1 
ATOM   249  C  CB  . GLN A 1 33  ? -9.028  2.614   -10.446 1.00 13.43 ? 69  GLN A CB  1 
ATOM   250  C  CG  . GLN A 1 33  ? -9.211  2.584   -8.938  1.00 13.44 ? 69  GLN A CG  1 
ATOM   251  C  CD  . GLN A 1 33  ? -10.352 3.461   -8.467  1.00 17.81 ? 69  GLN A CD  1 
ATOM   252  O  OE1 . GLN A 1 33  ? -11.337 3.651   -9.182  1.00 21.03 ? 69  GLN A OE1 1 
ATOM   253  N  NE2 . GLN A 1 33  ? -10.242 3.982   -7.249  1.00 14.92 ? 69  GLN A NE2 1 
ATOM   254  N  N   . LYS A 1 34  ? -7.222  1.702   -13.248 1.00 15.60 ? 70  LYS A N   1 
ATOM   255  C  CA  . LYS A 1 34  ? -7.324  1.502   -14.697 1.00 19.40 ? 70  LYS A CA  1 
ATOM   256  C  C   . LYS A 1 34  ? -7.325  0.009   -15.031 1.00 21.84 ? 70  LYS A C   1 
ATOM   257  O  O   . LYS A 1 34  ? -7.805  -0.407  -16.090 1.00 21.52 ? 70  LYS A O   1 
ATOM   258  C  CB  . LYS A 1 34  ? -6.196  2.207   -15.438 1.00 20.22 ? 70  LYS A CB  1 
ATOM   259  C  CG  . LYS A 1 34  ? -6.183  3.730   -15.287 1.00 23.58 ? 70  LYS A CG  1 
ATOM   260  C  CD  . LYS A 1 34  ? -4.876  4.295   -15.822 1.00 31.29 ? 70  LYS A CD  1 
ATOM   261  C  CE  . LYS A 1 34  ? -3.689  3.454   -15.352 1.00 33.67 ? 70  LYS A CE  1 
ATOM   262  N  NZ  . LYS A 1 34  ? -2.361  4.050   -15.664 1.00 43.94 ? 70  LYS A NZ  1 
ATOM   263  N  N   . ARG A 1 35  ? -6.788  -0.786  -14.112 1.00 16.36 ? 71  ARG A N   1 
ATOM   264  C  CA  . ARG A 1 35  ? -6.749  -2.238  -14.233 1.00 16.06 ? 71  ARG A CA  1 
ATOM   265  C  C   . ARG A 1 35  ? -8.039  -2.871  -13.713 1.00 15.35 ? 71  ARG A C   1 
ATOM   266  O  O   . ARG A 1 35  ? -8.717  -2.307  -12.844 1.00 14.95 ? 71  ARG A O   1 
ATOM   267  C  CB  . ARG A 1 35  ? -5.555  -2.786  -13.444 1.00 17.14 ? 71  ARG A CB  1 
ATOM   268  C  CG  . ARG A 1 35  ? -4.277  -2.939  -14.269 1.00 23.47 ? 71  ARG A CG  1 
ATOM   269  C  CD  . ARG A 1 35  ? -4.443  -4.195  -15.113 1.00 28.69 ? 71  ARG A CD  1 
ATOM   270  N  NE  . ARG A 1 35  ? -3.361  -4.470  -16.050 1.00 36.01 ? 71  ARG A NE  1 
ATOM   271  C  CZ  . ARG A 1 35  ? -3.560  -5.067  -17.221 1.00 33.79 ? 71  ARG A CZ  1 
ATOM   272  N  NH1 . ARG A 1 35  ? -4.797  -5.412  -17.579 1.00 20.98 ? 71  ARG A NH1 1 
ATOM   273  N  NH2 . ARG A 1 35  ? -2.538  -5.299  -18.037 1.00 30.20 ? 71  ARG A NH2 1 
ATOM   274  N  N   . PRO A 1 36  ? -8.394  -4.053  -14.243 1.00 17.76 ? 72  PRO A N   1 
ATOM   275  C  CA  . PRO A 1 36  ? -9.610  -4.745  -13.812 1.00 16.44 ? 72  PRO A CA  1 
ATOM   276  C  C   . PRO A 1 36  ? -9.581  -4.981  -12.308 1.00 15.70 ? 72  PRO A C   1 
ATOM   277  O  O   . PRO A 1 36  ? -8.648  -5.600  -11.789 1.00 15.41 ? 72  PRO A O   1 
ATOM   278  C  CB  . PRO A 1 36  ? -9.536  -6.081  -14.563 1.00 16.89 ? 72  PRO A CB  1 
ATOM   279  C  CG  . PRO A 1 36  ? -8.738  -5.764  -15.797 1.00 16.26 ? 72  PRO A CG  1 
ATOM   280  C  CD  . PRO A 1 36  ? -7.699  -4.767  -15.332 1.00 21.54 ? 72  PRO A CD  1 
ATOM   281  N  N   . SER A 1 37  ? -10.597 -4.468  -11.622 1.00 13.89 ? 73  SER A N   1 
ATOM   282  C  CA  . SER A 1 37  ? -10.707 -4.572  -10.172 1.00 16.06 ? 73  SER A CA  1 
ATOM   283  C  C   . SER A 1 37  ? -9.410  -4.114  -9.514  1.00 15.40 ? 73  SER A C   1 
ATOM   284  O  O   . SER A 1 37  ? -8.989  -4.664  -8.500  1.00 14.83 ? 73  SER A O   1 
ATOM   285  C  CB  . SER A 1 37  ? -11.077 -5.996  -9.741  1.00 18.90 ? 73  SER A CB  1 
ATOM   286  O  OG  . SER A 1 37  ? -12.372 -6.353  -10.217 1.00 25.49 ? 73  SER A OG  1 
ATOM   287  N  N   . GLY A 1 38  ? -8.778  -3.102  -10.103 1.00 14.19 ? 74  GLY A N   1 
ATOM   288  C  CA  . GLY A 1 38  ? -7.508  -2.597  -9.612  1.00 14.54 ? 74  GLY A CA  1 
ATOM   289  C  C   . GLY A 1 38  ? -7.632  -1.560  -8.513  1.00 12.79 ? 74  GLY A C   1 
ATOM   290  O  O   . GLY A 1 38  ? -8.568  -0.757  -8.492  1.00 13.01 ? 74  GLY A O   1 
ATOM   291  N  N   . ASN A 1 39  ? -6.683  -1.600  -7.581  1.00 10.31 ? 75  ASN A N   1 
ATOM   292  C  CA  . ASN A 1 39  ? -6.546  -0.570  -6.551  1.00 11.24 ? 75  ASN A CA  1 
ATOM   293  C  C   . ASN A 1 39  ? -5.115  -0.624  -6.042  1.00 11.18 ? 75  ASN A C   1 
ATOM   294  O  O   . ASN A 1 39  ? -4.400  -1.590  -6.295  1.00 10.63 ? 75  ASN A O   1 
ATOM   295  C  CB  . ASN A 1 39  ? -7.493  -0.829  -5.357  1.00 12.06 ? 75  ASN A CB  1 
ATOM   296  C  CG  . ASN A 1 39  ? -8.882  -0.239  -5.543  1.00 11.09 ? 75  ASN A CG  1 
ATOM   297  O  OD1 . ASN A 1 39  ? -9.868  -0.976  -5.626  1.00 14.50 ? 75  ASN A OD1 1 
ATOM   298  N  ND2 . ASN A 1 39  ? -8.976  1.086   -5.544  1.00 12.63 ? 75  ASN A ND2 1 
ATOM   299  N  N   . LEU A 1 40  ? -4.688  0.392   -5.305  1.00 9.64  ? 76  LEU A N   1 
ATOM   300  C  CA  . LEU A 1 40  ? -3.460  0.251   -4.526  1.00 11.85 ? 76  LEU A CA  1 
ATOM   301  C  C   . LEU A 1 40  ? -3.546  -1.032  -3.717  1.00 11.55 ? 76  LEU A C   1 
ATOM   302  O  O   . LEU A 1 40  ? -4.622  -1.429  -3.261  1.00 10.97 ? 76  LEU A O   1 
ATOM   303  C  CB  . LEU A 1 40  ? -3.266  1.427   -3.581  1.00 9.03  ? 76  LEU A CB  1 
ATOM   304  C  CG  . LEU A 1 40  ? -2.700  2.700   -4.226  1.00 8.75  ? 76  LEU A CG  1 
ATOM   305  C  CD1 . LEU A 1 40  ? -2.835  3.863   -3.260  1.00 10.45 ? 76  LEU A CD1 1 
ATOM   306  C  CD2 . LEU A 1 40  ? -1.235  2.520   -4.659  1.00 9.21  ? 76  LEU A CD2 1 
ATOM   307  N  N   . VAL A 1 41  ? -2.409  -1.682  -3.531  1.00 9.89  ? 77  VAL A N   1 
ATOM   308  C  CA  . VAL A 1 41  ? -2.383  -2.968  -2.846  1.00 10.02 ? 77  VAL A CA  1 
ATOM   309  C  C   . VAL A 1 41  ? -3.013  -2.934  -1.449  1.00 11.68 ? 77  VAL A C   1 
ATOM   310  O  O   . VAL A 1 41  ? -2.738  -2.032  -0.645  1.00 11.36 ? 77  VAL A O   1 
ATOM   311  C  CB  . VAL A 1 41  ? -0.958  -3.559  -2.820  1.00 11.10 ? 77  VAL A CB  1 
ATOM   312  C  CG1 . VAL A 1 41  ? -0.015  -2.688  -2.015  1.00 13.61 ? 77  VAL A CG1 1 
ATOM   313  C  CG2 . VAL A 1 41  ? -0.971  -4.979  -2.270  1.00 13.69 ? 77  VAL A CG2 1 
ATOM   314  N  N   . SER A 1 42  ? -3.876  -3.915  -1.188  1.00 10.51 ? 78  SER A N   1 
ATOM   315  C  CA  . SER A 1 42  ? -4.360  -4.174  0.160   1.00 9.57  ? 78  SER A CA  1 
ATOM   316  C  C   . SER A 1 42  ? -3.591  -5.355  0.700   1.00 12.30 ? 78  SER A C   1 
ATOM   317  O  O   . SER A 1 42  ? -3.329  -6.304  -0.035  1.00 13.28 ? 78  SER A O   1 
ATOM   318  C  CB  . SER A 1 42  ? -5.861  -4.466  0.145   1.00 11.75 ? 78  SER A CB  1 
ATOM   319  O  OG  . SER A 1 42  ? -6.177  -5.532  -0.748  1.00 13.06 ? 78  SER A OG  1 
ATOM   320  N  N   . VAL A 1 43  ? -3.224  -5.297  1.976   1.00 10.69 ? 79  VAL A N   1 
ATOM   321  C  CA  . VAL A 1 43  ? -2.429  -6.349  2.604   1.00 10.57 ? 79  VAL A CA  1 
ATOM   322  C  C   . VAL A 1 43  ? -3.294  -7.001  3.669   1.00 11.70 ? 79  VAL A C   1 
ATOM   323  O  O   . VAL A 1 43  ? -3.572  -6.411  4.721   1.00 11.12 ? 79  VAL A O   1 
ATOM   324  C  CB  . VAL A 1 43  ? -1.126  -5.800  3.223   1.00 10.88 ? 79  VAL A CB  1 
ATOM   325  C  CG1 . VAL A 1 43  ? -0.289  -6.941  3.818   1.00 11.91 ? 79  VAL A CG1 1 
ATOM   326  C  CG2 . VAL A 1 43  ? -0.339  -5.009  2.172   1.00 12.46 ? 79  VAL A CG2 1 
ATOM   327  N  N   . LEU A 1 44  ? -3.730  -8.223  3.370   1.00 10.84 ? 80  LEU A N   1 
ATOM   328  C  CA  . LEU A 1 44  ? -4.815  -8.857  4.121   1.00 11.75 ? 80  LEU A CA  1 
ATOM   329  C  C   . LEU A 1 44  ? -4.335  -10.045 4.950   1.00 13.36 ? 80  LEU A C   1 
ATOM   330  O  O   . LEU A 1 44  ? -5.135  -10.761 5.571   1.00 15.64 ? 80  LEU A O   1 
ATOM   331  C  CB  . LEU A 1 44  ? -5.909  -9.289  3.132   1.00 11.04 ? 80  LEU A CB  1 
ATOM   332  C  CG  . LEU A 1 44  ? -6.406  -8.171  2.205   1.00 11.33 ? 80  LEU A CG  1 
ATOM   333  C  CD1 . LEU A 1 44  ? -7.521  -8.676  1.271   1.00 15.17 ? 80  LEU A CD1 1 
ATOM   334  C  CD2 . LEU A 1 44  ? -6.906  -6.981  3.034   1.00 11.82 ? 80  LEU A CD2 1 
ATOM   335  N  N   . SER A 1 45  ? -3.034  -10.274 4.942   1.00 11.73 ? 81  SER A N   1 
ATOM   336  C  CA  . SER A 1 45  ? -2.439  -11.330 5.755   1.00 13.75 ? 81  SER A CA  1 
ATOM   337  C  C   . SER A 1 45  ? -0.942  -11.113 5.854   1.00 15.31 ? 81  SER A C   1 
ATOM   338  O  O   . SER A 1 45  ? -0.350  -10.366 5.059   1.00 14.03 ? 81  SER A O   1 
ATOM   339  C  CB  . SER A 1 45  ? -2.714  -12.703 5.148   1.00 14.86 ? 81  SER A CB  1 
ATOM   340  O  OG  . SER A 1 45  ? -1.982  -12.863 3.940   1.00 15.63 ? 81  SER A OG  1 
ATOM   341  N  N   . GLY A 1 46  ? -0.313  -11.769 6.823   1.00 15.52 ? 82  GLY A N   1 
ATOM   342  C  CA  . GLY A 1 46  ? 1.129   -11.667 6.954   1.00 15.31 ? 82  GLY A CA  1 
ATOM   343  C  C   . GLY A 1 46  ? 1.826   -12.243 5.738   1.00 14.00 ? 82  GLY A C   1 
ATOM   344  O  O   . GLY A 1 46  ? 2.831   -11.712 5.273   1.00 16.43 ? 82  GLY A O   1 
ATOM   345  N  N   . ALA A 1 47  ? 1.281   -13.332 5.215   1.00 16.12 ? 83  ALA A N   1 
ATOM   346  C  CA  . ALA A 1 47  ? 1.855   -13.961 4.033   1.00 17.66 ? 83  ALA A CA  1 
ATOM   347  C  C   . ALA A 1 47  ? 1.830   -12.997 2.847   1.00 16.62 ? 83  ALA A C   1 
ATOM   348  O  O   . ALA A 1 47  ? 2.786   -12.923 2.079   1.00 16.51 ? 83  ALA A O   1 
ATOM   349  C  CB  . ALA A 1 47  ? 1.115   -15.253 3.700   1.00 19.92 ? 83  ALA A CB  1 
ATOM   350  N  N   . GLU A 1 48  ? 0.731   -12.265 2.699   1.00 14.61 ? 84  GLU A N   1 
ATOM   351  C  CA  . GLU A 1 48  ? 0.642   -11.296 1.619   1.00 14.25 ? 84  GLU A CA  1 
ATOM   352  C  C   . GLU A 1 48  ? 1.628   -10.147 1.828   1.00 14.33 ? 84  GLU A C   1 
ATOM   353  O  O   . GLU A 1 48  ? 2.254   -9.671  0.879   1.00 14.04 ? 84  GLU A O   1 
ATOM   354  C  CB  . GLU A 1 48  ? -0.776  -10.764 1.480   1.00 13.27 ? 84  GLU A CB  1 
ATOM   355  C  CG  . GLU A 1 48  ? -0.943  -9.915  0.241   1.00 13.66 ? 84  GLU A CG  1 
ATOM   356  C  CD  . GLU A 1 48  ? -2.375  -9.517  -0.029  1.00 11.53 ? 84  GLU A CD  1 
ATOM   357  O  OE1 . GLU A 1 48  ? -3.214  -9.576  0.901   1.00 13.17 ? 84  GLU A OE1 1 
ATOM   358  O  OE2 . GLU A 1 48  ? -2.686  -9.164  -1.188  1.00 12.34 ? 84  GLU A OE2 1 
ATOM   359  N  N   . GLY A 1 49  ? 1.765   -9.716  3.080   1.00 14.46 ? 85  GLY A N   1 
ATOM   360  C  CA  . GLY A 1 49  ? 2.732   -8.687  3.424   1.00 14.51 ? 85  GLY A CA  1 
ATOM   361  C  C   . GLY A 1 49  ? 4.145   -9.096  3.055   1.00 16.37 ? 85  GLY A C   1 
ATOM   362  O  O   . GLY A 1 49  ? 4.922   -8.285  2.547   1.00 15.07 ? 85  GLY A O   1 
ATOM   363  N  N   . SER A 1 50  ? 4.485   -10.357 3.294   1.00 15.50 ? 86  SER A N   1 
ATOM   364  C  CA  . SER A 1 50  ? 5.815   -10.845 2.942   1.00 16.76 ? 86  SER A CA  1 
ATOM   365  C  C   . SER A 1 50  ? 6.014   -10.837 1.430   1.00 15.17 ? 86  SER A C   1 
ATOM   366  O  O   . SER A 1 50  ? 7.071   -10.433 0.931   1.00 15.84 ? 86  SER A O   1 
ATOM   367  C  CB  . SER A 1 50  ? 6.047   -12.246 3.502   1.00 20.20 ? 86  SER A CB  1 
ATOM   368  O  OG  . SER A 1 50  ? 6.054   -12.233 4.919   1.00 28.76 ? 86  SER A OG  1 
ATOM   369  N  N   . PHE A 1 51  ? 4.989   -11.262 0.695   1.00 16.24 ? 87  PHE A N   1 
ATOM   370  C  CA  . PHE A 1 51  ? 5.091   -11.240 -0.756  1.00 13.79 ? 87  PHE A CA  1 
ATOM   371  C  C   . PHE A 1 51  ? 5.293   -9.823  -1.290  1.00 15.88 ? 87  PHE A C   1 
ATOM   372  O  O   . PHE A 1 51  ? 6.150   -9.583  -2.138  1.00 13.24 ? 87  PHE A O   1 
ATOM   373  C  CB  . PHE A 1 51  ? 3.866   -11.856 -1.430  1.00 15.94 ? 87  PHE A CB  1 
ATOM   374  C  CG  . PHE A 1 51  ? 3.804   -11.570 -2.898  1.00 13.64 ? 87  PHE A CG  1 
ATOM   375  C  CD1 . PHE A 1 51  ? 4.587   -12.284 -3.785  1.00 18.72 ? 87  PHE A CD1 1 
ATOM   376  C  CD2 . PHE A 1 51  ? 2.994   -10.563 -3.390  1.00 13.58 ? 87  PHE A CD2 1 
ATOM   377  C  CE1 . PHE A 1 51  ? 4.542   -12.007 -5.146  1.00 18.48 ? 87  PHE A CE1 1 
ATOM   378  C  CE2 . PHE A 1 51  ? 2.945   -10.283 -4.756  1.00 16.26 ? 87  PHE A CE2 1 
ATOM   379  C  CZ  . PHE A 1 51  ? 3.727   -11.002 -5.623  1.00 16.87 ? 87  PHE A CZ  1 
ATOM   380  N  N   . VAL A 1 52  ? 4.486   -8.889  -0.800  1.00 15.30 ? 88  VAL A N   1 
ATOM   381  C  CA  . VAL A 1 52  ? 4.596   -7.510  -1.239  1.00 14.33 ? 88  VAL A CA  1 
ATOM   382  C  C   . VAL A 1 52  ? 5.979   -6.929  -0.918  1.00 13.77 ? 88  VAL A C   1 
ATOM   383  O  O   . VAL A 1 52  ? 6.561   -6.211  -1.733  1.00 14.13 ? 88  VAL A O   1 
ATOM   384  C  CB  . VAL A 1 52  ? 3.454   -6.640  -0.675  1.00 11.43 ? 88  VAL A CB  1 
ATOM   385  C  CG1 . VAL A 1 52  ? 3.645   -5.203  -1.099  1.00 14.07 ? 88  VAL A CG1 1 
ATOM   386  C  CG2 . VAL A 1 52  ? 2.101   -7.138  -1.198  1.00 11.92 ? 88  VAL A CG2 1 
ATOM   387  N  N   . SER A 1 53  ? 6.502   -7.257  0.260   1.00 13.84 ? 89  SER A N   1 
ATOM   388  C  CA  . SER A 1 53  ? 7.850   -6.853  0.649   1.00 17.40 ? 89  SER A CA  1 
ATOM   389  C  C   . SER A 1 53  ? 8.880   -7.348  -0.366  1.00 19.07 ? 89  SER A C   1 
ATOM   390  O  O   . SER A 1 53  ? 9.760   -6.600  -0.782  1.00 17.06 ? 89  SER A O   1 
ATOM   391  C  CB  . SER A 1 53  ? 8.186   -7.404  2.036   1.00 18.50 ? 89  SER A CB  1 
ATOM   392  O  OG  . SER A 1 53  ? 9.558   -7.191  2.328   1.00 23.13 ? 89  SER A OG  1 
ATOM   393  N  N   . SER A 1 54  ? 8.781   -8.620  -0.746  1.00 19.73 ? 90  SER A N   1 
ATOM   394  C  CA  . SER A 1 54  ? 9.717   -9.182  -1.723  1.00 18.11 ? 90  SER A CA  1 
ATOM   395  C  C   . SER A 1 54  ? 9.601   -8.513  -3.094  1.00 19.94 ? 90  SER A C   1 
ATOM   396  O  O   . SER A 1 54  ? 10.587  -8.375  -3.816  1.00 21.05 ? 90  SER A O   1 
ATOM   397  C  CB  . SER A 1 54  ? 9.548   -10.703 -1.837  1.00 18.80 ? 90  SER A CB  1 
ATOM   398  O  OG  A SER A 1 54  ? 9.835   -11.334 -0.597  0.53 24.21 ? 90  SER A OG  1 
ATOM   399  O  OG  B SER A 1 54  ? 8.329   -11.049 -2.474  0.47 22.11 ? 90  SER A OG  1 
ATOM   400  N  N   . LEU A 1 55  ? 8.397   -8.082  -3.450  1.00 17.55 ? 91  LEU A N   1 
ATOM   401  C  CA  . LEU A 1 55  ? 8.180   -7.404  -4.717  1.00 19.11 ? 91  LEU A CA  1 
ATOM   402  C  C   . LEU A 1 55  ? 8.931   -6.070  -4.762  1.00 19.37 ? 91  LEU A C   1 
ATOM   403  O  O   . LEU A 1 55  ? 9.484   -5.690  -5.794  1.00 23.13 ? 91  LEU A O   1 
ATOM   404  C  CB  . LEU A 1 55  ? 6.680   -7.176  -4.908  1.00 19.77 ? 91  LEU A CB  1 
ATOM   405  C  CG  . LEU A 1 55  ? 6.153   -6.741  -6.271  1.00 23.73 ? 91  LEU A CG  1 
ATOM   406  C  CD1 . LEU A 1 55  ? 6.273   -7.890  -7.253  1.00 26.32 ? 91  LEU A CD1 1 
ATOM   407  C  CD2 . LEU A 1 55  ? 4.701   -6.306  -6.133  1.00 25.48 ? 91  LEU A CD2 1 
ATOM   408  N  N   . VAL A 1 56  ? 8.974   -5.374  -3.631  1.00 21.36 ? 92  VAL A N   1 
ATOM   409  C  CA  . VAL A 1 56  ? 9.520   -4.022  -3.599  1.00 21.39 ? 92  VAL A CA  1 
ATOM   410  C  C   . VAL A 1 56  ? 10.932  -3.884  -3.027  1.00 25.14 ? 92  VAL A C   1 
ATOM   411  O  O   . VAL A 1 56  ? 11.559  -2.839  -3.193  1.00 26.09 ? 92  VAL A O   1 
ATOM   412  C  CB  . VAL A 1 56  ? 8.600   -3.048  -2.825  1.00 20.59 ? 92  VAL A CB  1 
ATOM   413  C  CG1 . VAL A 1 56  ? 7.185   -3.084  -3.380  1.00 23.32 ? 92  VAL A CG1 1 
ATOM   414  C  CG2 . VAL A 1 56  ? 8.612   -3.362  -1.354  1.00 18.83 ? 92  VAL A CG2 1 
ATOM   415  N  N   . LYS A 1 57  ? 11.438  -4.916  -2.358  1.00 24.56 ? 93  LYS A N   1 
ATOM   416  C  CA  . LYS A 1 57  ? 12.709  -4.786  -1.642  1.00 29.74 ? 93  LYS A CA  1 
ATOM   417  C  C   . LYS A 1 57  ? 13.898  -4.382  -2.521  1.00 30.51 ? 93  LYS A C   1 
ATOM   418  O  O   . LYS A 1 57  ? 14.871  -3.808  -2.033  1.00 29.82 ? 93  LYS A O   1 
ATOM   419  C  CB  . LYS A 1 57  ? 13.036  -6.060  -0.860  1.00 28.93 ? 93  LYS A CB  1 
ATOM   420  C  CG  . LYS A 1 57  ? 12.668  -5.988  0.607   1.00 29.88 ? 93  LYS A CG  1 
ATOM   421  C  CD  . LYS A 1 57  ? 13.144  -7.227  1.347   1.00 36.54 ? 93  LYS A CD  1 
ATOM   422  C  CE  . LYS A 1 57  ? 12.608  -8.491  0.694   1.00 33.60 ? 93  LYS A CE  1 
ATOM   423  N  NZ  . LYS A 1 57  ? 13.100  -9.723  1.377   1.00 42.27 ? 93  LYS A NZ  1 
ATOM   424  N  N   . SER A 1 58  ? 13.814  -4.678  -3.813  1.00 28.08 ? 94  SER A N   1 
ATOM   425  C  CA  . SER A 1 58  ? 14.899  -4.373  -4.743  1.00 36.52 ? 94  SER A CA  1 
ATOM   426  C  C   . SER A 1 58  ? 14.693  -3.036  -5.456  1.00 37.30 ? 94  SER A C   1 
ATOM   427  O  O   . SER A 1 58  ? 15.268  -2.791  -6.517  1.00 41.51 ? 94  SER A O   1 
ATOM   428  C  CB  . SER A 1 58  ? 15.010  -5.489  -5.783  1.00 43.03 ? 94  SER A CB  1 
ATOM   429  O  OG  . SER A 1 58  ? 13.823  -5.581  -6.556  1.00 44.23 ? 94  SER A OG  1 
ATOM   430  N  N   . ILE A 1 59  ? 13.891  -2.160  -4.856  1.00 33.59 ? 95  ILE A N   1 
ATOM   431  C  CA  A ILE A 1 59  ? 13.495  -0.912  -5.503  0.47 31.88 ? 95  ILE A CA  1 
ATOM   432  C  CA  B ILE A 1 59  ? 13.496  -0.913  -5.504  0.53 31.88 ? 95  ILE A CA  1 
ATOM   433  C  C   . ILE A 1 59  ? 14.653  0.069   -5.707  1.00 33.32 ? 95  ILE A C   1 
ATOM   434  O  O   . ILE A 1 59  ? 14.715  0.767   -6.722  1.00 38.13 ? 95  ILE A O   1 
ATOM   435  C  CB  A ILE A 1 59  ? 12.342  -0.222  -4.739  0.47 30.04 ? 95  ILE A CB  1 
ATOM   436  C  CB  B ILE A 1 59  ? 12.341  -0.223  -4.743  0.53 30.04 ? 95  ILE A CB  1 
ATOM   437  C  CG1 A ILE A 1 59  ? 11.807  0.966   -5.538  0.47 30.46 ? 95  ILE A CG1 1 
ATOM   438  C  CG1 B ILE A 1 59  ? 11.818  0.974   -5.537  0.53 30.46 ? 95  ILE A CG1 1 
ATOM   439  C  CG2 A ILE A 1 59  ? 12.797  0.208   -3.351  0.47 28.99 ? 95  ILE A CG2 1 
ATOM   440  C  CG2 B ILE A 1 59  ? 12.788  0.197   -3.350  0.53 28.99 ? 95  ILE A CG2 1 
ATOM   441  C  CD1 A ILE A 1 59  ? 10.490  1.503   -5.023  0.47 27.88 ? 95  ILE A CD1 1 
ATOM   442  C  CD1 B ILE A 1 59  ? 10.490  1.502   -5.040  0.53 27.88 ? 95  ILE A CD1 1 
ATOM   443  N  N   . GLY A 1 60  ? 15.570  0.130   -4.749  1.00 30.93 ? 96  GLY A N   1 
ATOM   444  C  CA  A GLY A 1 60  ? 16.716  1.015   -4.868  0.50 37.52 ? 96  GLY A CA  1 
ATOM   445  C  CA  B GLY A 1 60  ? 16.716  1.015   -4.868  0.50 37.52 ? 96  GLY A CA  1 
ATOM   446  C  C   . GLY A 1 60  ? 16.650  2.197   -3.921  1.00 39.26 ? 96  GLY A C   1 
ATOM   447  O  O   . GLY A 1 60  ? 15.569  2.707   -3.623  1.00 39.28 ? 96  GLY A O   1 
ATOM   448  N  N   . ASN A 1 61  ? 17.819  2.641   -3.463  1.00 39.31 ? 97  ASN A N   1 
ATOM   449  C  CA  . ASN A 1 61  ? 17.941  3.684   -2.442  1.00 37.09 ? 97  ASN A CA  1 
ATOM   450  C  C   . ASN A 1 61  ? 17.323  5.054   -2.733  1.00 34.43 ? 97  ASN A C   1 
ATOM   451  O  O   . ASN A 1 61  ? 17.181  5.874   -1.822  1.00 35.32 ? 97  ASN A O   1 
ATOM   452  C  CB  . ASN A 1 61  ? 19.407  3.847   -2.038  1.00 45.27 ? 97  ASN A CB  1 
ATOM   453  C  CG  . ASN A 1 61  ? 19.967  2.603   -1.384  1.00 44.72 ? 97  ASN A CG  1 
ATOM   454  O  OD1 . ASN A 1 61  ? 19.248  1.870   -0.704  1.00 50.37 ? 97  ASN A OD1 1 
ATOM   455  N  ND2 . ASN A 1 61  ? 21.258  2.353   -1.587  1.00 51.66 ? 97  ASN A ND2 1 
ATOM   456  N  N   . SER A 1 62  ? 16.959  5.315   -3.981  1.00 32.60 ? 98  SER A N   1 
ATOM   457  C  CA  . SER A 1 62  ? 16.254  6.551   -4.282  1.00 30.19 ? 98  SER A CA  1 
ATOM   458  C  C   . SER A 1 62  ? 14.921  6.598   -3.520  1.00 32.77 ? 98  SER A C   1 
ATOM   459  O  O   . SER A 1 62  ? 14.343  7.673   -3.336  1.00 31.28 ? 98  SER A O   1 
ATOM   460  C  CB  . SER A 1 62  ? 16.024  6.690   -5.786  1.00 32.61 ? 98  SER A CB  1 
ATOM   461  O  OG  . SER A 1 62  ? 15.343  7.896   -6.095  1.00 42.80 ? 98  SER A OG  1 
ATOM   462  N  N   . TYR A 1 63  ? 14.460  5.433   -3.054  1.00 34.85 ? 99  TYR A N   1 
ATOM   463  C  CA  . TYR A 1 63  ? 13.124  5.292   -2.457  1.00 27.22 ? 99  TYR A CA  1 
ATOM   464  C  C   . TYR A 1 63  ? 13.126  4.627   -1.084  1.00 23.71 ? 99  TYR A C   1 
ATOM   465  O  O   . TYR A 1 63  ? 13.718  3.560   -0.901  1.00 26.91 ? 99  TYR A O   1 
ATOM   466  C  CB  . TYR A 1 63  ? 12.227  4.466   -3.378  1.00 27.45 ? 99  TYR A CB  1 
ATOM   467  C  CG  . TYR A 1 63  ? 12.406  4.780   -4.832  1.00 25.97 ? 99  TYR A CG  1 
ATOM   468  C  CD1 . TYR A 1 63  ? 11.711  5.819   -5.426  1.00 27.49 ? 99  TYR A CD1 1 
ATOM   469  C  CD2 . TYR A 1 63  ? 13.289  4.047   -5.608  1.00 31.69 ? 99  TYR A CD2 1 
ATOM   470  C  CE1 . TYR A 1 63  ? 11.879  6.109   -6.764  1.00 33.32 ? 99  TYR A CE1 1 
ATOM   471  C  CE2 . TYR A 1 63  ? 13.469  4.330   -6.935  1.00 31.81 ? 99  TYR A CE2 1 
ATOM   472  C  CZ  . TYR A 1 63  ? 12.763  5.357   -7.512  1.00 32.60 ? 99  TYR A CZ  1 
ATOM   473  O  OH  . TYR A 1 63  ? 12.955  5.625   -8.843  1.00 32.80 ? 99  TYR A OH  1 
ATOM   474  N  N   . SER A 1 64  ? 12.443  5.242   -0.124  1.00 22.65 ? 100 SER A N   1 
ATOM   475  C  CA  . SER A 1 64  ? 12.323  4.681   1.220   1.00 20.89 ? 100 SER A CA  1 
ATOM   476  C  C   . SER A 1 64  ? 10.872  4.390   1.627   1.00 15.06 ? 100 SER A C   1 
ATOM   477  O  O   . SER A 1 64  ? 10.626  3.774   2.668   1.00 18.67 ? 100 SER A O   1 
ATOM   478  C  CB  . SER A 1 64  ? 12.954  5.610   2.257   1.00 25.07 ? 100 SER A CB  1 
ATOM   479  O  OG  . SER A 1 64  ? 12.635  5.178   3.569   1.00 36.98 ? 100 SER A OG  1 
ATOM   480  N  N   . TYR A 1 65  ? 9.928   4.862   0.815   1.00 16.46 ? 101 TYR A N   1 
ATOM   481  C  CA  . TYR A 1 65  ? 8.506   4.655   1.100   1.00 16.03 ? 101 TYR A CA  1 
ATOM   482  C  C   . TYR A 1 65  ? 7.733   4.362   -0.176  1.00 13.85 ? 101 TYR A C   1 
ATOM   483  O  O   . TYR A 1 65  ? 7.988   4.945   -1.231  1.00 14.91 ? 101 TYR A O   1 
ATOM   484  C  CB  . TYR A 1 65  ? 7.916   5.874   1.825   1.00 16.87 ? 101 TYR A CB  1 
ATOM   485  C  CG  . TYR A 1 65  ? 8.594   6.153   3.150   1.00 19.79 ? 101 TYR A CG  1 
ATOM   486  C  CD1 . TYR A 1 65  ? 8.226   5.464   4.299   1.00 18.03 ? 101 TYR A CD1 1 
ATOM   487  C  CD2 . TYR A 1 65  ? 9.614   7.097   3.248   1.00 21.86 ? 101 TYR A CD2 1 
ATOM   488  C  CE1 . TYR A 1 65  ? 8.852   5.704   5.515   1.00 24.41 ? 101 TYR A CE1 1 
ATOM   489  C  CE2 . TYR A 1 65  ? 10.247  7.344   4.462   1.00 22.16 ? 101 TYR A CE2 1 
ATOM   490  C  CZ  . TYR A 1 65  ? 9.857   6.646   5.584   1.00 22.09 ? 101 TYR A CZ  1 
ATOM   491  O  OH  . TYR A 1 65  ? 10.484  6.899   6.790   1.00 30.01 ? 101 TYR A OH  1 
ATOM   492  N  N   . VAL A 1 66  ? 6.779   3.444   -0.058  1.00 12.64 ? 102 VAL A N   1 
ATOM   493  C  CA  . VAL A 1 66  ? 5.973   2.981   -1.182  1.00 11.72 ? 102 VAL A CA  1 
ATOM   494  C  C   . VAL A 1 66  ? 4.490   2.993   -0.778  1.00 10.40 ? 102 VAL A C   1 
ATOM   495  O  O   . VAL A 1 66  ? 4.127   2.439   0.265   1.00 12.15 ? 102 VAL A O   1 
ATOM   496  C  CB  . VAL A 1 66  ? 6.376   1.537   -1.587  1.00 12.44 ? 102 VAL A CB  1 
ATOM   497  C  CG1 . VAL A 1 66  ? 5.519   1.037   -2.750  1.00 14.93 ? 102 VAL A CG1 1 
ATOM   498  C  CG2 . VAL A 1 66  ? 7.861   1.471   -1.946  1.00 14.88 ? 102 VAL A CG2 1 
ATOM   499  N  N   . TRP A 1 67  ? 3.636   3.618   -1.590  1.00 10.25 ? 103 TRP A N   1 
ATOM   500  C  CA  . TRP A 1 67  ? 2.205   3.655   -1.250  1.00 10.12 ? 103 TRP A CA  1 
ATOM   501  C  C   . TRP A 1 67  ? 1.540   2.288   -1.266  1.00 11.03 ? 103 TRP A C   1 
ATOM   502  O  O   . TRP A 1 67  ? 1.767   1.486   -2.184  1.00 10.96 ? 103 TRP A O   1 
ATOM   503  C  CB  . TRP A 1 67  ? 1.416   4.528   -2.222  1.00 12.51 ? 103 TRP A CB  1 
ATOM   504  C  CG  . TRP A 1 67  ? 1.579   5.993   -2.031  1.00 9.23  ? 103 TRP A CG  1 
ATOM   505  C  CD1 . TRP A 1 67  ? 1.898   6.903   -2.999  1.00 11.36 ? 103 TRP A CD1 1 
ATOM   506  C  CD2 . TRP A 1 67  ? 1.424   6.726   -0.808  1.00 10.66 ? 103 TRP A CD2 1 
ATOM   507  N  NE1 . TRP A 1 67  ? 1.954   8.161   -2.450  1.00 11.40 ? 103 TRP A NE1 1 
ATOM   508  C  CE2 . TRP A 1 67  ? 1.678   8.084   -1.109  1.00 9.39  ? 103 TRP A CE2 1 
ATOM   509  C  CE3 . TRP A 1 67  ? 1.111   6.367   0.516   1.00 10.84 ? 103 TRP A CE3 1 
ATOM   510  C  CZ2 . TRP A 1 67  ? 1.599   9.091   -0.145  1.00 9.25  ? 103 TRP A CZ2 1 
ATOM   511  C  CZ3 . TRP A 1 67  ? 1.041   7.372   1.481   1.00 9.61  ? 103 TRP A CZ3 1 
ATOM   512  C  CH2 . TRP A 1 67  ? 1.301   8.721   1.143   1.00 10.90 ? 103 TRP A CH2 1 
ATOM   513  N  N   . ILE A 1 68  ? 0.724   2.042   -0.244  1.00 8.25  ? 104 ILE A N   1 
ATOM   514  C  CA  . ILE A 1 68  ? -0.259  0.951   -0.288  1.00 8.38  ? 104 ILE A CA  1 
ATOM   515  C  C   . ILE A 1 68  ? -1.643  1.545   -0.120  1.00 8.68  ? 104 ILE A C   1 
ATOM   516  O  O   . ILE A 1 68  ? -1.792  2.752   0.099   1.00 9.89  ? 104 ILE A O   1 
ATOM   517  C  CB  . ILE A 1 68  ? 0.001   -0.147  0.765   1.00 10.30 ? 104 ILE A CB  1 
ATOM   518  C  CG1 . ILE A 1 68  ? -0.160  0.403   2.183   1.00 9.58  ? 104 ILE A CG1 1 
ATOM   519  C  CG2 . ILE A 1 68  ? 1.387   -0.749  0.566   1.00 13.00 ? 104 ILE A CG2 1 
ATOM   520  C  CD1 . ILE A 1 68  ? 0.067   -0.656  3.260   1.00 13.12 ? 104 ILE A CD1 1 
ATOM   521  N  N   . GLY A 1 69  ? -2.667  0.700   -0.223  1.00 8.57  ? 105 GLY A N   1 
ATOM   522  C  CA  . GLY A 1 69  ? -4.027  1.206   -0.362  1.00 10.59 ? 105 GLY A CA  1 
ATOM   523  C  C   . GLY A 1 69  ? -4.780  1.627   0.888   1.00 9.87  ? 105 GLY A C   1 
ATOM   524  O  O   . GLY A 1 69  ? -6.015  1.720   0.859   1.00 9.17  ? 105 GLY A O   1 
ATOM   525  N  N   . LEU A 1 70  ? -4.071  1.881   1.987   1.00 9.63  ? 106 LEU A N   1 
ATOM   526  C  CA  . LEU A 1 70  ? -4.741  2.193   3.250   1.00 11.03 ? 106 LEU A CA  1 
ATOM   527  C  C   . LEU A 1 70  ? -4.798  3.689   3.452   1.00 11.15 ? 106 LEU A C   1 
ATOM   528  O  O   . LEU A 1 70  ? -3.792  4.376   3.326   1.00 10.18 ? 106 LEU A O   1 
ATOM   529  C  CB  . LEU A 1 70  ? -4.025  1.533   4.438   1.00 13.88 ? 106 LEU A CB  1 
ATOM   530  C  CG  . LEU A 1 70  ? -4.895  1.294   5.689   1.00 12.32 ? 106 LEU A CG  1 
ATOM   531  C  CD1 . LEU A 1 70  ? -5.836  0.127   5.483   1.00 16.65 ? 106 LEU A CD1 1 
ATOM   532  C  CD2 . LEU A 1 70  ? -4.020  1.041   6.923   1.00 18.21 ? 106 LEU A CD2 1 
ATOM   533  N  N   . HIS A 1 71  ? -5.978  4.197   3.783   1.00 8.50  ? 107 HIS A N   1 
ATOM   534  C  CA  . HIS A 1 71  ? -6.116  5.618   4.071   1.00 10.59 ? 107 HIS A CA  1 
ATOM   535  C  C   . HIS A 1 71  ? -7.191  5.857   5.116   1.00 11.66 ? 107 HIS A C   1 
ATOM   536  O  O   . HIS A 1 71  ? -7.995  4.965   5.424   1.00 10.46 ? 107 HIS A O   1 
ATOM   537  C  CB  . HIS A 1 71  ? -6.377  6.448   2.793   1.00 12.44 ? 107 HIS A CB  1 
ATOM   538  C  CG  . HIS A 1 71  ? -7.800  6.442   2.345   1.00 12.77 ? 107 HIS A CG  1 
ATOM   539  N  ND1 . HIS A 1 71  ? -8.400  7.539   1.758   1.00 13.74 ? 107 HIS A ND1 1 
ATOM   540  C  CD2 . HIS A 1 71  ? -8.727  5.461   2.352   1.00 13.53 ? 107 HIS A CD2 1 
ATOM   541  C  CE1 . HIS A 1 71  ? -9.654  7.239   1.460   1.00 13.74 ? 107 HIS A CE1 1 
ATOM   542  N  NE2 . HIS A 1 71  ? -9.873  5.981   1.795   1.00 12.69 ? 107 HIS A NE2 1 
ATOM   543  N  N   . ASP A 1 72  ? -7.180  7.057   5.677   1.00 12.20 ? 108 ASP A N   1 
ATOM   544  C  CA  . ASP A 1 72  ? -8.157  7.472   6.679   1.00 13.30 ? 108 ASP A CA  1 
ATOM   545  C  C   . ASP A 1 72  ? -8.951  8.675   6.160   1.00 14.01 ? 108 ASP A C   1 
ATOM   546  O  O   . ASP A 1 72  ? -8.507  9.825   6.260   1.00 15.11 ? 108 ASP A O   1 
ATOM   547  C  CB  . ASP A 1 72  ? -7.454  7.814   8.003   1.00 14.67 ? 108 ASP A CB  1 
ATOM   548  C  CG  . ASP A 1 72  ? -8.407  8.364   9.029   1.00 19.24 ? 108 ASP A CG  1 
ATOM   549  O  OD1 . ASP A 1 72  ? -9.623  8.227   8.812   1.00 16.22 ? 108 ASP A OD1 1 
ATOM   550  O  OD2 . ASP A 1 72  ? -7.952  8.924   10.048  1.00 20.44 ? 108 ASP A OD2 1 
ATOM   551  N  N   . PRO A 1 73  ? -10.139 8.422   5.590   1.00 13.86 ? 109 PRO A N   1 
ATOM   552  C  CA  . PRO A 1 73  ? -10.949 9.522   5.049   1.00 15.63 ? 109 PRO A CA  1 
ATOM   553  C  C   . PRO A 1 73  ? -11.545 10.399  6.145   1.00 22.34 ? 109 PRO A C   1 
ATOM   554  O  O   . PRO A 1 73  ? -12.144 11.420  5.811   1.00 24.64 ? 109 PRO A O   1 
ATOM   555  C  CB  . PRO A 1 73  ? -12.075 8.796   4.304   1.00 16.33 ? 109 PRO A CB  1 
ATOM   556  C  CG  . PRO A 1 73  ? -12.174 7.459   4.975   1.00 17.37 ? 109 PRO A CG  1 
ATOM   557  C  CD  . PRO A 1 73  ? -10.741 7.108   5.329   1.00 14.09 ? 109 PRO A CD  1 
ATOM   558  N  N   . THR A 1 74  ? -11.399 10.016  7.413   1.00 18.97 ? 110 THR A N   1 
ATOM   559  C  CA  . THR A 1 74  ? -11.842 10.886  8.506   1.00 24.25 ? 110 THR A CA  1 
ATOM   560  C  C   . THR A 1 74  ? -10.782 11.927  8.853   1.00 25.68 ? 110 THR A C   1 
ATOM   561  O  O   . THR A 1 74  ? -11.011 12.801  9.690   1.00 25.46 ? 110 THR A O   1 
ATOM   562  C  CB  . THR A 1 74  ? -12.206 10.102  9.781   1.00 24.67 ? 110 THR A CB  1 
ATOM   563  O  OG1 . THR A 1 74  ? -11.013 9.689   10.462  1.00 23.43 ? 110 THR A OG1 1 
ATOM   564  C  CG2 . THR A 1 74  ? -13.041 8.897   9.448   1.00 24.69 ? 110 THR A CG2 1 
ATOM   565  N  N   . GLN A 1 75  ? -9.624  11.827  8.206   1.00 26.21 ? 111 GLN A N   1 
ATOM   566  C  CA  . GLN A 1 75  ? -8.519  12.756  8.438   1.00 26.03 ? 111 GLN A CA  1 
ATOM   567  C  C   . GLN A 1 75  ? -8.183  12.894  9.919   1.00 29.84 ? 111 GLN A C   1 
ATOM   568  O  O   . GLN A 1 75  ? -7.876  13.985  10.397  1.00 30.23 ? 111 GLN A O   1 
ATOM   569  C  CB  . GLN A 1 75  ? -8.829  14.122  7.824   1.00 27.83 ? 111 GLN A CB  1 
ATOM   570  C  CG  . GLN A 1 75  ? -8.976  14.088  6.316   1.00 34.77 ? 111 GLN A CG  1 
ATOM   571  C  CD  . GLN A 1 75  ? -8.719  15.442  5.691   1.00 41.36 ? 111 GLN A CD  1 
ATOM   572  O  OE1 . GLN A 1 75  ? -7.688  15.657  5.051   1.00 44.37 ? 111 GLN A OE1 1 
ATOM   573  N  NE2 . GLN A 1 75  ? -9.651  16.369  5.884   1.00 42.81 ? 111 GLN A NE2 1 
ATOM   574  N  N   . GLY A 1 76  ? -8.224  11.785  10.612  1.00 26.06 ? 112 GLY A N   1 
ATOM   575  C  CA  . GLY A 1 76  ? -7.895  11.765  12.008  1.00 31.38 ? 112 GLY A CA  1 
ATOM   576  C  C   . GLY A 1 76  ? -8.962  12.119  13.028  1.00 37.03 ? 112 GLY A C   1 
ATOM   577  O  O   . GLY A 1 76  ? -8.707  12.117  14.189  1.00 38.79 ? 112 GLY A O   1 
ATOM   578  N  N   . THR A 1 77  ? -10.163 12.403  12.574  1.00 31.62 ? 113 THR A N   1 
ATOM   579  C  CA  . THR A 1 77  ? -11.229 12.784  13.462  1.00 32.59 ? 113 THR A CA  1 
ATOM   580  C  C   . THR A 1 77  ? -12.006 11.594  14.010  1.00 34.93 ? 113 THR A C   1 
ATOM   581  O  O   . THR A 1 77  ? -12.788 11.736  14.889  1.00 36.77 ? 113 THR A O   1 
ATOM   582  C  CB  . THR A 1 77  ? -12.170 13.751  12.764  1.00 30.28 ? 113 THR A CB  1 
ATOM   583  O  OG1 . THR A 1 77  ? -12.659 13.161  11.590  1.00 29.63 ? 113 THR A OG1 1 
ATOM   584  C  CG2 . THR A 1 77  ? -11.464 14.984  12.390  1.00 31.67 ? 113 THR A CG2 1 
ATOM   585  N  N   . GLU A 1 78  ? -11.762 10.412  13.498  1.00 34.21 ? 114 GLU A N   1 
ATOM   586  C  CA  . GLU A 1 78  ? -12.382 9.228   14.036  1.00 37.70 ? 114 GLU A CA  1 
ATOM   587  C  C   . GLU A 1 78  ? -11.885 9.113   15.471  1.00 42.62 ? 114 GLU A C   1 
ATOM   588  O  O   . GLU A 1 78  ? -10.709 9.168   15.708  1.00 45.81 ? 114 GLU A O   1 
ATOM   589  C  CB  . GLU A 1 78  ? -12.026 7.979   13.246  1.00 31.92 ? 114 GLU A CB  1 
ATOM   590  C  CG  . GLU A 1 78  ? -13.040 6.936   13.318  1.00 34.09 ? 114 GLU A CG  1 
ATOM   591  C  CD  . GLU A 1 78  ? -12.946 6.117   14.579  1.00 43.59 ? 114 GLU A CD  1 
ATOM   592  O  OE1 . GLU A 1 78  ? -12.041 6.326   15.404  1.00 44.25 ? 114 GLU A OE1 1 
ATOM   593  O  OE2 . GLU A 1 78  ? -13.788 5.258   14.751  1.00 45.54 ? 114 GLU A OE2 1 
ATOM   594  N  N   . PRO A 1 79  ? -12.812 9.010   16.415  1.00 44.69 ? 115 PRO A N   1 
ATOM   595  C  CA  . PRO A 1 79  ? -12.562 9.286   17.823  1.00 44.78 ? 115 PRO A CA  1 
ATOM   596  C  C   . PRO A 1 79  ? -11.559 8.367   18.442  1.00 45.24 ? 115 PRO A C   1 
ATOM   597  O  O   . PRO A 1 79  ? -11.067 8.586   19.528  1.00 46.57 ? 115 PRO A O   1 
ATOM   598  C  CB  . PRO A 1 79  ? -13.911 9.022   18.451  1.00 45.09 ? 115 PRO A CB  1 
ATOM   599  C  CG  . PRO A 1 79  ? -14.835 9.252   17.438  1.00 48.20 ? 115 PRO A CG  1 
ATOM   600  C  CD  . PRO A 1 79  ? -14.239 8.878   16.158  1.00 41.30 ? 115 PRO A CD  1 
ATOM   601  N  N   . ASN A 1 80  ? -11.236 7.328   17.704  1.00 48.03 ? 116 ASN A N   1 
ATOM   602  C  CA  . ASN A 1 80  ? -10.462 6.264   18.237  1.00 46.11 ? 116 ASN A CA  1 
ATOM   603  C  C   . ASN A 1 80  ? -9.194  6.087   17.400  1.00 46.36 ? 116 ASN A C   1 
ATOM   604  O  O   . ASN A 1 80  ? -8.332  5.302   17.698  1.00 44.60 ? 116 ASN A O   1 
ATOM   605  C  CB  . ASN A 1 80  ? -11.388 5.054   18.351  1.00 42.38 ? 116 ASN A CB  1 
ATOM   606  C  CG  . ASN A 1 80  ? -12.509 5.296   19.378  1.00 46.21 ? 116 ASN A CG  1 
ATOM   607  O  OD1 . ASN A 1 80  ? -12.289 6.027   20.331  1.00 45.70 ? 116 ASN A OD1 1 
ATOM   608  N  ND2 . ASN A 1 80  ? -13.696 4.721   19.176  1.00 46.19 ? 116 ASN A ND2 1 
ATOM   609  N  N   . GLY A 1 81  ? -8.983  6.774   16.406  1.00 45.20 ? 117 GLY A N   1 
ATOM   610  C  CA  . GLY A 1 81  ? -7.917  6.571   15.472  1.00 40.07 ? 117 GLY A CA  1 
ATOM   611  C  C   . GLY A 1 81  ? -8.205  5.440   14.517  1.00 40.84 ? 117 GLY A C   1 
ATOM   612  O  O   . GLY A 1 81  ? -7.256  4.950   13.936  1.00 38.55 ? 117 GLY A O   1 
ATOM   613  N  N   . GLU A 1 82  ? -9.474  5.099   14.271  1.00 40.42 ? 118 GLU A N   1 
ATOM   614  C  CA  . GLU A 1 82  ? -9.816  3.902   13.512  1.00 37.76 ? 118 GLU A CA  1 
ATOM   615  C  C   . GLU A 1 82  ? -10.687 4.180   12.283  1.00 31.66 ? 118 GLU A C   1 
ATOM   616  O  O   . GLU A 1 82  ? -11.644 3.459   12.006  1.00 34.41 ? 118 GLU A O   1 
ATOM   617  C  CB  . GLU A 1 82  ? -10.500 2.888   14.424  1.00 39.03 ? 118 GLU A CB  1 
ATOM   618  C  CG  . GLU A 1 82  ? -9.741  2.637   15.721  1.00 41.47 ? 118 GLU A CG  1 
ATOM   619  C  CD  . GLU A 1 82  ? -10.480 1.704   16.660  1.00 42.35 ? 118 GLU A CD  1 
ATOM   620  O  OE1 . GLU A 1 82  ? -11.528 1.153   16.251  1.00 42.53 ? 118 GLU A OE1 1 
ATOM   621  O  OE2 . GLU A 1 82  ? -10.013 1.523   17.806  1.00 43.98 ? 118 GLU A OE2 1 
ATOM   622  N  N   . GLY A 1 83  ? -10.345 5.224   11.542  1.00 28.37 ? 119 GLY A N   1 
ATOM   623  C  CA  . GLY A 1 83  ? -11.043 5.536   10.310  1.00 22.01 ? 119 GLY A CA  1 
ATOM   624  C  C   . GLY A 1 83  ? -10.388 4.881   9.106   1.00 16.98 ? 119 GLY A C   1 
ATOM   625  O  O   . GLY A 1 83  ? -10.850 5.043   7.979   1.00 16.43 ? 119 GLY A O   1 
ATOM   626  N  N   . TRP A 1 84  ? -9.328  4.121   9.352   1.00 13.63 ? 120 TRP A N   1 
ATOM   627  C  CA  . TRP A 1 84  ? -8.521  3.540   8.282   1.00 13.51 ? 120 TRP A CA  1 
ATOM   628  C  C   . TRP A 1 84  ? -9.256  2.451   7.524   1.00 13.01 ? 120 TRP A C   1 
ATOM   629  O  O   . TRP A 1 84  ? -9.991  1.631   8.101   1.00 14.10 ? 120 TRP A O   1 
ATOM   630  C  CB  . TRP A 1 84  ? -7.205  2.990   8.835   1.00 14.90 ? 120 TRP A CB  1 
ATOM   631  C  CG  . TRP A 1 84  ? -6.323  4.059   9.396   1.00 13.54 ? 120 TRP A CG  1 
ATOM   632  C  CD1 . TRP A 1 84  ? -6.330  4.538   10.677  1.00 17.62 ? 120 TRP A CD1 1 
ATOM   633  C  CD2 . TRP A 1 84  ? -5.320  4.797   8.698   1.00 13.35 ? 120 TRP A CD2 1 
ATOM   634  N  NE1 . TRP A 1 84  ? -5.388  5.530   10.815  1.00 16.95 ? 120 TRP A NE1 1 
ATOM   635  C  CE2 . TRP A 1 84  ? -4.754  5.710   9.613   1.00 14.96 ? 120 TRP A CE2 1 
ATOM   636  C  CE3 . TRP A 1 84  ? -4.848  4.782   7.380   1.00 10.97 ? 120 TRP A CE3 1 
ATOM   637  C  CZ2 . TRP A 1 84  ? -3.732  6.584   9.254   1.00 14.62 ? 120 TRP A CZ2 1 
ATOM   638  C  CZ3 . TRP A 1 84  ? -3.842  5.647   7.022   1.00 14.87 ? 120 TRP A CZ3 1 
ATOM   639  C  CH2 . TRP A 1 84  ? -3.282  6.538   7.963   1.00 14.82 ? 120 TRP A CH2 1 
ATOM   640  N  N   . GLU A 1 85  ? -9.053  2.444   6.215   1.00 12.26 ? 121 GLU A N   1 
ATOM   641  C  CA  . GLU A 1 85  ? -9.700  1.468   5.352   1.00 11.03 ? 121 GLU A CA  1 
ATOM   642  C  C   . GLU A 1 85  ? -8.902  1.274   4.074   1.00 9.95  ? 121 GLU A C   1 
ATOM   643  O  O   . GLU A 1 85  ? -8.126  2.147   3.670   1.00 9.72  ? 121 GLU A O   1 
ATOM   644  C  CB  . GLU A 1 85  ? -11.117 1.927   4.976   1.00 11.15 ? 121 GLU A CB  1 
ATOM   645  C  CG  . GLU A 1 85  ? -11.136 3.200   4.124   1.00 12.58 ? 121 GLU A CG  1 
ATOM   646  C  CD  . GLU A 1 85  ? -12.515 3.831   3.999   1.00 16.20 ? 121 GLU A CD  1 
ATOM   647  O  OE1 . GLU A 1 85  ? -12.697 4.701   3.115   1.00 15.11 ? 121 GLU A OE1 1 
ATOM   648  O  OE2 . GLU A 1 85  ? -13.418 3.479   4.795   1.00 17.60 ? 121 GLU A OE2 1 
ATOM   649  N  N   . TRP A 1 86  ? -9.104  0.127   3.444   1.00 10.42 ? 122 TRP A N   1 
ATOM   650  C  CA  . TRP A 1 86  ? -8.485  -0.191  2.161   1.00 9.70  ? 122 TRP A CA  1 
ATOM   651  C  C   . TRP A 1 86  ? -9.318  0.359   1.014   1.00 11.72 ? 122 TRP A C   1 
ATOM   652  O  O   . TRP A 1 86  ? -10.549 0.224   1.006   1.00 13.08 ? 122 TRP A O   1 
ATOM   653  C  CB  . TRP A 1 86  ? -8.373  -1.710  1.983   1.00 9.18  ? 122 TRP A CB  1 
ATOM   654  C  CG  . TRP A 1 86  ? -7.473  -2.387  2.950   1.00 10.21 ? 122 TRP A CG  1 
ATOM   655  C  CD1 . TRP A 1 86  ? -7.827  -3.281  3.923   1.00 12.02 ? 122 TRP A CD1 1 
ATOM   656  C  CD2 . TRP A 1 86  ? -6.058  -2.237  3.030   1.00 9.00  ? 122 TRP A CD2 1 
ATOM   657  N  NE1 . TRP A 1 86  ? -6.706  -3.689  4.611   1.00 10.21 ? 122 TRP A NE1 1 
ATOM   658  C  CE2 . TRP A 1 86  ? -5.608  -3.057  4.084   1.00 9.71  ? 122 TRP A CE2 1 
ATOM   659  C  CE3 . TRP A 1 86  ? -5.122  -1.485  2.303   1.00 8.79  ? 122 TRP A CE3 1 
ATOM   660  C  CZ2 . TRP A 1 86  ? -4.255  -3.149  4.428   1.00 10.28 ? 122 TRP A CZ2 1 
ATOM   661  C  CZ3 . TRP A 1 86  ? -3.792  -1.568  2.656   1.00 10.92 ? 122 TRP A CZ3 1 
ATOM   662  C  CH2 . TRP A 1 86  ? -3.367  -2.394  3.703   1.00 9.17  ? 122 TRP A CH2 1 
ATOM   663  N  N   . SER A 1 87  ? -8.654  0.937   0.020   1.00 11.37 ? 123 SER A N   1 
ATOM   664  C  CA  . SER A 1 87  ? -9.360  1.458   -1.158  1.00 10.53 ? 123 SER A CA  1 
ATOM   665  C  C   . SER A 1 87  ? -10.092 0.362   -1.930  1.00 13.43 ? 123 SER A C   1 
ATOM   666  O  O   . SER A 1 87  ? -11.051 0.655   -2.642  1.00 12.95 ? 123 SER A O   1 
ATOM   667  C  CB  . SER A 1 87  ? -8.411  2.240   -2.079  1.00 9.89  ? 123 SER A CB  1 
ATOM   668  O  OG  . SER A 1 87  ? -7.317  1.450   -2.471  1.00 10.62 ? 123 SER A OG  1 
ATOM   669  N  N   . SER A 1 88  ? -9.648  -0.884  -1.777  1.00 11.66 ? 124 SER A N   1 
ATOM   670  C  CA  . SER A 1 88  ? -10.312 -2.030  -2.399  1.00 11.02 ? 124 SER A CA  1 
ATOM   671  C  C   . SER A 1 88  ? -11.584 -2.415  -1.647  1.00 12.53 ? 124 SER A C   1 
ATOM   672  O  O   . SER A 1 88  ? -12.325 -3.302  -2.085  1.00 15.98 ? 124 SER A O   1 
ATOM   673  C  CB  . SER A 1 88  ? -9.375  -3.232  -2.392  1.00 13.16 ? 124 SER A CB  1 
ATOM   674  O  OG  . SER A 1 88  ? -9.111  -3.631  -1.053  1.00 16.84 ? 124 SER A OG  1 
ATOM   675  N  N   . SER A 1 89  ? -11.820 -1.770  -0.512  1.00 12.90 ? 125 SER A N   1 
ATOM   676  C  CA  . SER A 1 89  ? -12.961 -2.079  0.369   1.00 12.66 ? 125 SER A CA  1 
ATOM   677  C  C   . SER A 1 89  ? -12.913 -3.459  1.032   1.00 15.00 ? 125 SER A C   1 
ATOM   678  O  O   . SER A 1 89  ? -13.924 -3.904  1.584   1.00 17.22 ? 125 SER A O   1 
ATOM   679  C  CB  . SER A 1 89  ? -14.299 -1.857  -0.345  1.00 17.37 ? 125 SER A CB  1 
ATOM   680  O  OG  . SER A 1 89  ? -14.469 -0.476  -0.637  1.00 20.32 ? 125 SER A OG  1 
ATOM   681  N  N   . ASP A 1 90  ? -11.763 -4.137  0.991   1.00 14.34 ? 126 ASP A N   1 
ATOM   682  C  CA  . ASP A 1 90  ? -11.588 -5.380  1.753   1.00 15.51 ? 126 ASP A CA  1 
ATOM   683  C  C   . ASP A 1 90  ? -11.673 -5.090  3.242   1.00 15.94 ? 126 ASP A C   1 
ATOM   684  O  O   . ASP A 1 90  ? -11.236 -4.045  3.714   1.00 15.50 ? 126 ASP A O   1 
ATOM   685  C  CB  . ASP A 1 90  ? -10.237 -6.037  1.463   1.00 14.94 ? 126 ASP A CB  1 
ATOM   686  C  CG  . ASP A 1 90  ? -10.153 -6.659  0.067   1.00 20.20 ? 126 ASP A CG  1 
ATOM   687  O  OD1 . ASP A 1 90  ? -10.806 -7.704  -0.166  1.00 31.04 ? 126 ASP A OD1 1 
ATOM   688  O  OD2 . ASP A 1 90  ? -9.374  -6.151  -0.761  1.00 23.97 ? 126 ASP A OD2 1 
ATOM   689  N  N   . VAL A 1 91  ? -12.216 -6.036  3.996   1.00 15.35 ? 127 VAL A N   1 
ATOM   690  C  CA  . VAL A 1 91  ? -12.207 -5.933  5.441   1.00 17.80 ? 127 VAL A CA  1 
ATOM   691  C  C   . VAL A 1 91  ? -10.772 -5.817  5.931   1.00 14.20 ? 127 VAL A C   1 
ATOM   692  O  O   . VAL A 1 91  ? -9.885  -6.533  5.463   1.00 14.71 ? 127 VAL A O   1 
ATOM   693  C  CB  . VAL A 1 91  ? -12.799 -7.197  6.072   1.00 14.72 ? 127 VAL A CB  1 
ATOM   694  C  CG1 . VAL A 1 91  ? -12.579 -7.184  7.575   1.00 17.08 ? 127 VAL A CG1 1 
ATOM   695  C  CG2 . VAL A 1 91  ? -14.277 -7.320  5.729   1.00 21.92 ? 127 VAL A CG2 1 
ATOM   696  N  N   . MET A 1 92  ? -10.538 -4.906  6.868   1.00 14.69 ? 128 MET A N   1 
ATOM   697  C  CA  . MET A 1 92  ? -9.228  -4.814  7.479   1.00 17.17 ? 128 MET A CA  1 
ATOM   698  C  C   . MET A 1 92  ? -9.132  -5.920  8.527   1.00 17.61 ? 128 MET A C   1 
ATOM   699  O  O   . MET A 1 92  ? -9.640  -5.786  9.636   1.00 21.47 ? 128 MET A O   1 
ATOM   700  C  CB  . MET A 1 92  ? -9.038  -3.445  8.110   1.00 23.72 ? 128 MET A CB  1 
ATOM   701  C  CG  . MET A 1 92  ? -7.625  -2.950  8.061   1.00 25.46 ? 128 MET A CG  1 
ATOM   702  S  SD  . MET A 1 92  ? -7.576  -1.256  8.644   1.00 19.34 ? 128 MET A SD  1 
ATOM   703  C  CE  . MET A 1 92  ? -5.831  -1.144  9.029   1.00 26.74 ? 128 MET A CE  1 
ATOM   704  N  N   . ASN A 1 93  ? -8.487  -7.012  8.142   1.00 16.11 ? 129 ASN A N   1 
ATOM   705  C  CA  . ASN A 1 93  ? -8.438  -8.238  8.912   1.00 18.80 ? 129 ASN A CA  1 
ATOM   706  C  C   . ASN A 1 93  ? -7.003  -8.590  9.311   1.00 17.87 ? 129 ASN A C   1 
ATOM   707  O  O   . ASN A 1 93  ? -6.735  -9.659  9.853   1.00 19.20 ? 129 ASN A O   1 
ATOM   708  C  CB  . ASN A 1 93  ? -9.058  -9.331  8.034   1.00 21.15 ? 129 ASN A CB  1 
ATOM   709  C  CG  . ASN A 1 93  ? -9.272  -10.628 8.748   1.00 24.38 ? 129 ASN A CG  1 
ATOM   710  O  OD1 . ASN A 1 93  ? -8.948  -11.696 8.214   1.00 24.36 ? 129 ASN A OD1 1 
ATOM   711  N  ND2 . ASN A 1 93  ? -9.858  -10.564 9.934   1.00 25.58 ? 129 ASN A ND2 1 
ATOM   712  N  N   . TYR A 1 94  ? -6.085  -7.664  9.048   1.00 13.19 ? 130 TYR A N   1 
ATOM   713  C  CA  . TYR A 1 94  ? -4.663  -7.833  9.325   1.00 12.81 ? 130 TYR A CA  1 
ATOM   714  C  C   . TYR A 1 94  ? -4.088  -6.437  9.572   1.00 11.84 ? 130 TYR A C   1 
ATOM   715  O  O   . TYR A 1 94  ? -4.491  -5.478  8.920   1.00 13.41 ? 130 TYR A O   1 
ATOM   716  C  CB  . TYR A 1 94  ? -3.949  -8.516  8.145   1.00 14.33 ? 130 TYR A CB  1 
ATOM   717  C  CG  . TYR A 1 94  ? -2.433  -8.539  8.273   1.00 12.88 ? 130 TYR A CG  1 
ATOM   718  C  CD1 . TYR A 1 94  ? -1.817  -9.315  9.251   1.00 15.09 ? 130 TYR A CD1 1 
ATOM   719  C  CD2 . TYR A 1 94  ? -1.616  -7.784  7.429   1.00 13.41 ? 130 TYR A CD2 1 
ATOM   720  C  CE1 . TYR A 1 94  ? -0.433  -9.334  9.381   1.00 16.37 ? 130 TYR A CE1 1 
ATOM   721  C  CE2 . TYR A 1 94  ? -0.224  -7.789  7.555   1.00 15.26 ? 130 TYR A CE2 1 
ATOM   722  C  CZ  . TYR A 1 94  ? 0.360   -8.572  8.535   1.00 16.14 ? 130 TYR A CZ  1 
ATOM   723  O  OH  . TYR A 1 94  ? 1.732   -8.595  8.674   1.00 18.90 ? 130 TYR A OH  1 
ATOM   724  N  N   . PHE A 1 95  ? -3.190  -6.321  10.546  1.00 12.72 ? 131 PHE A N   1 
ATOM   725  C  CA  . PHE A 1 95  ? -2.645  -5.031  10.951  1.00 12.98 ? 131 PHE A CA  1 
ATOM   726  C  C   . PHE A 1 95  ? -1.138  -5.128  11.111  1.00 13.84 ? 131 PHE A C   1 
ATOM   727  O  O   . PHE A 1 95  ? -0.639  -6.003  11.832  1.00 15.62 ? 131 PHE A O   1 
ATOM   728  C  CB  . PHE A 1 95  ? -3.268  -4.599  12.281  1.00 15.40 ? 131 PHE A CB  1 
ATOM   729  C  CG  . PHE A 1 95  ? -4.754  -4.584  12.256  1.00 13.25 ? 131 PHE A CG  1 
ATOM   730  C  CD1 . PHE A 1 95  ? -5.477  -5.754  12.449  1.00 14.99 ? 131 PHE A CD1 1 
ATOM   731  C  CD2 . PHE A 1 95  ? -5.436  -3.410  11.981  1.00 19.29 ? 131 PHE A CD2 1 
ATOM   732  C  CE1 . PHE A 1 95  ? -6.859  -5.745  12.404  1.00 19.52 ? 131 PHE A CE1 1 
ATOM   733  C  CE2 . PHE A 1 95  ? -6.819  -3.395  11.935  1.00 21.24 ? 131 PHE A CE2 1 
ATOM   734  C  CZ  . PHE A 1 95  ? -7.528  -4.561  12.141  1.00 19.46 ? 131 PHE A CZ  1 
ATOM   735  N  N   . ALA A 1 96  ? -0.404  -4.248  10.445  1.00 13.35 ? 132 ALA A N   1 
ATOM   736  C  CA  . ALA A 1 96  ? 1.052   -4.290  10.504  1.00 16.54 ? 132 ALA A CA  1 
ATOM   737  C  C   . ALA A 1 96  ? 1.670   -2.896  10.606  1.00 13.19 ? 132 ALA A C   1 
ATOM   738  O  O   . ALA A 1 96  ? 2.649   -2.593  9.947   1.00 15.40 ? 132 ALA A O   1 
ATOM   739  C  CB  . ALA A 1 96  ? 1.615   -5.044  9.294   1.00 15.37 ? 132 ALA A CB  1 
ATOM   740  N  N   . TRP A 1 97  ? 1.093   -2.052  11.456  1.00 14.47 ? 133 TRP A N   1 
ATOM   741  C  CA  . TRP A 1 97  ? 1.650   -0.729  11.696  1.00 16.48 ? 133 TRP A CA  1 
ATOM   742  C  C   . TRP A 1 97  ? 3.040   -0.787  12.323  1.00 17.27 ? 133 TRP A C   1 
ATOM   743  O  O   . TRP A 1 97  ? 3.287   -1.587  13.225  1.00 17.31 ? 133 TRP A O   1 
ATOM   744  C  CB  . TRP A 1 97  ? 0.728   0.065   12.617  1.00 16.83 ? 133 TRP A CB  1 
ATOM   745  C  CG  . TRP A 1 97  ? -0.594  0.462   12.001  1.00 13.36 ? 133 TRP A CG  1 
ATOM   746  C  CD1 . TRP A 1 97  ? -1.819  -0.052  12.292  1.00 16.61 ? 133 TRP A CD1 1 
ATOM   747  C  CD2 . TRP A 1 97  ? -0.802  1.474   11.005  1.00 12.43 ? 133 TRP A CD2 1 
ATOM   748  N  NE1 . TRP A 1 97  ? -2.788  0.583   11.539  1.00 15.85 ? 133 TRP A NE1 1 
ATOM   749  C  CE2 . TRP A 1 97  ? -2.185  1.521   10.742  1.00 12.18 ? 133 TRP A CE2 1 
ATOM   750  C  CE3 . TRP A 1 97  ? 0.049   2.359   10.329  1.00 14.95 ? 133 TRP A CE3 1 
ATOM   751  C  CZ2 . TRP A 1 97  ? -2.736  2.418   9.825   1.00 12.92 ? 133 TRP A CZ2 1 
ATOM   752  C  CZ3 . TRP A 1 97  ? -0.494  3.236   9.412   1.00 12.85 ? 133 TRP A CZ3 1 
ATOM   753  C  CH2 . TRP A 1 97  ? -1.880  3.256   9.164   1.00 12.57 ? 133 TRP A CH2 1 
ATOM   754  N  N   . GLU A 1 98  ? 3.929   0.065   11.829  1.00 16.48 ? 134 GLU A N   1 
ATOM   755  C  CA  . GLU A 1 98  ? 5.223   0.330   12.445  1.00 19.04 ? 134 GLU A CA  1 
ATOM   756  C  C   . GLU A 1 98  ? 4.977   0.985   13.808  1.00 23.07 ? 134 GLU A C   1 
ATOM   757  O  O   . GLU A 1 98  ? 5.495   0.538   14.834  1.00 23.64 ? 134 GLU A O   1 
ATOM   758  C  CB  . GLU A 1 98  ? 6.035   1.252   11.526  1.00 24.36 ? 134 GLU A CB  1 
ATOM   759  C  CG  . GLU A 1 98  ? 7.479   1.491   11.947  1.00 30.48 ? 134 GLU A CG  1 
ATOM   760  C  CD  . GLU A 1 98  ? 8.267   2.327   10.938  1.00 34.27 ? 134 GLU A CD  1 
ATOM   761  O  OE1 . GLU A 1 98  ? 7.783   2.559   9.813   1.00 26.99 ? 134 GLU A OE1 1 
ATOM   762  O  OE2 . GLU A 1 98  ? 9.392   2.753   11.266  1.00 38.13 ? 134 GLU A OE2 1 
ATOM   763  N  N   . ARG A 1 99  ? 4.171   2.043   13.793  1.00 18.90 ? 135 ARG A N   1 
ATOM   764  C  CA  . ARG A 1 99  ? 3.636   2.690   14.983  1.00 23.43 ? 135 ARG A CA  1 
ATOM   765  C  C   . ARG A 1 99  ? 2.150   2.931   14.764  1.00 17.94 ? 135 ARG A C   1 
ATOM   766  O  O   . ARG A 1 99  ? 1.751   3.459   13.722  1.00 19.35 ? 135 ARG A O   1 
ATOM   767  C  CB  . ARG A 1 99  ? 4.329   4.030   15.240  1.00 25.40 ? 135 ARG A CB  1 
ATOM   768  C  CG  . ARG A 1 99  ? 5.714   3.895   15.823  1.00 30.11 ? 135 ARG A CG  1 
ATOM   769  C  CD  . ARG A 1 99  ? 6.380   5.249   16.020  1.00 30.38 ? 135 ARG A CD  1 
ATOM   770  N  NE  . ARG A 1 99  ? 7.797   5.087   16.323  1.00 37.96 ? 135 ARG A NE  1 
ATOM   771  C  CZ  . ARG A 1 99  ? 8.762   5.134   15.410  1.00 40.34 ? 135 ARG A CZ  1 
ATOM   772  N  NH1 . ARG A 1 99  ? 8.457   5.351   14.136  1.00 40.43 ? 135 ARG A NH1 1 
ATOM   773  N  NH2 . ARG A 1 99  ? 10.028  4.970   15.770  1.00 42.91 ? 135 ARG A NH2 1 
ATOM   774  N  N   . ASN A 1 100 ? 1.325   2.533   15.725  1.00 19.70 ? 136 ASN A N   1 
ATOM   775  C  CA  . ASN A 1 100 ? -0.114  2.750   15.609  1.00 22.42 ? 136 ASN A CA  1 
ATOM   776  C  C   . ASN A 1 100 ? -0.432  4.252   15.546  1.00 22.21 ? 136 ASN A C   1 
ATOM   777  O  O   . ASN A 1 100 ? 0.002   5.018   16.407  1.00 20.45 ? 136 ASN A O   1 
ATOM   778  C  CB  . ASN A 1 100 ? -0.860  2.076   16.768  1.00 24.73 ? 136 ASN A CB  1 
ATOM   779  C  CG  . ASN A 1 100 ? -1.512  0.759   16.362  1.00 32.81 ? 136 ASN A CG  1 
ATOM   780  O  OD1 . ASN A 1 100 ? -2.717  0.701   16.104  1.00 34.77 ? 136 ASN A OD1 1 
ATOM   781  N  ND2 . ASN A 1 100 ? -0.717  -0.303  16.301  1.00 30.13 ? 136 ASN A ND2 1 
ATOM   782  N  N   . PRO A 1 101 ? -1.175  4.684   14.509  1.00 15.77 ? 137 PRO A N   1 
ATOM   783  C  CA  . PRO A 1 101 ? -1.531  6.095   14.336  1.00 19.28 ? 137 PRO A CA  1 
ATOM   784  C  C   . PRO A 1 101 ? -2.262  6.674   15.545  1.00 18.86 ? 137 PRO A C   1 
ATOM   785  O  O   . PRO A 1 101 ? -2.179  7.884   15.757  1.00 21.19 ? 137 PRO A O   1 
ATOM   786  C  CB  . PRO A 1 101 ? -2.460  6.080   13.116  1.00 24.81 ? 137 PRO A CB  1 
ATOM   787  C  CG  . PRO A 1 101 ? -2.127  4.828   12.393  1.00 20.10 ? 137 PRO A CG  1 
ATOM   788  C  CD  . PRO A 1 101 ? -1.694  3.838   13.418  1.00 18.94 ? 137 PRO A CD  1 
ATOM   789  N  N   . SER A 1 102 ? -2.944  5.835   16.318  1.00 19.86 ? 138 SER A N   1 
ATOM   790  C  CA  . SER A 1 102 ? -3.646  6.298   17.516  1.00 22.41 ? 138 SER A CA  1 
ATOM   791  C  C   . SER A 1 102 ? -2.684  6.833   18.585  1.00 23.83 ? 138 SER A C   1 
ATOM   792  O  O   . SER A 1 102 ? -3.109  7.508   19.528  1.00 24.61 ? 138 SER A O   1 
ATOM   793  C  CB  . SER A 1 102 ? -4.534  5.196   18.106  1.00 22.24 ? 138 SER A CB  1 
ATOM   794  O  OG  . SER A 1 102 ? -3.770  4.151   18.677  1.00 25.70 ? 138 SER A OG  1 
ATOM   795  N  N   . THR A 1 103 ? -1.396  6.535   18.431  1.00 18.95 ? 139 THR A N   1 
ATOM   796  C  CA  . THR A 1 103 ? -0.381  7.028   19.362  1.00 18.08 ? 139 THR A CA  1 
ATOM   797  C  C   . THR A 1 103 ? 0.363   8.247   18.840  1.00 18.77 ? 139 THR A C   1 
ATOM   798  O  O   . THR A 1 103 ? 1.298   8.721   19.479  1.00 15.49 ? 139 THR A O   1 
ATOM   799  C  CB  . THR A 1 103 ? 0.657   5.940   19.711  1.00 18.45 ? 139 THR A CB  1 
ATOM   800  O  OG1 . THR A 1 103 ? 1.435   5.610   18.551  1.00 19.74 ? 139 THR A OG1 1 
ATOM   801  C  CG2 . THR A 1 103 ? -0.036  4.691   20.248  1.00 23.26 ? 139 THR A CG2 1 
ATOM   802  N  N   . ILE A 1 104 ? -0.045  8.766   17.688  1.00 16.37 ? 140 ILE A N   1 
ATOM   803  C  CA  . ILE A 1 104 ? 0.641   9.887   17.076  1.00 15.76 ? 140 ILE A CA  1 
ATOM   804  C  C   . ILE A 1 104 ? -0.298  11.072  17.027  1.00 16.82 ? 140 ILE A C   1 
ATOM   805  O  O   . ILE A 1 104 ? -1.440  10.944  16.589  1.00 21.34 ? 140 ILE A O   1 
ATOM   806  C  CB  . ILE A 1 104 ? 1.065   9.546   15.636  1.00 17.08 ? 140 ILE A CB  1 
ATOM   807  C  CG1 . ILE A 1 104 ? 2.002   8.340   15.626  1.00 15.99 ? 140 ILE A CG1 1 
ATOM   808  C  CG2 . ILE A 1 104 ? 1.706   10.742  14.958  1.00 17.40 ? 140 ILE A CG2 1 
ATOM   809  C  CD1 . ILE A 1 104 ? 2.167   7.721   14.235  1.00 17.15 ? 140 ILE A CD1 1 
ATOM   810  N  N   . SER A 1 105 ? 0.167   12.219  17.499  1.00 17.41 ? 141 SER A N   1 
ATOM   811  C  CA  . SER A 1 105 ? -0.604  13.438  17.371  1.00 20.58 ? 141 SER A CA  1 
ATOM   812  C  C   . SER A 1 105 ? -0.470  13.933  15.931  1.00 19.91 ? 141 SER A C   1 
ATOM   813  O  O   . SER A 1 105 ? 0.636   14.131  15.435  1.00 23.74 ? 141 SER A O   1 
ATOM   814  C  CB  . SER A 1 105 ? -0.105  14.477  18.374  1.00 23.14 ? 141 SER A CB  1 
ATOM   815  O  OG  . SER A 1 105 ? -0.722  15.731  18.166  1.00 25.40 ? 141 SER A OG  1 
ATOM   816  N  N   . SER A 1 106 ? -1.592  14.101  15.246  1.00 27.94 ? 142 SER A N   1 
ATOM   817  C  CA  . SER A 1 106 ? -1.554  14.563  13.860  1.00 22.76 ? 142 SER A CA  1 
ATOM   818  C  C   . SER A 1 106 ? -0.734  13.663  12.919  1.00 17.71 ? 142 SER A C   1 
ATOM   819  O  O   . SER A 1 106 ? 0.248   14.101  12.325  1.00 19.21 ? 142 SER A O   1 
ATOM   820  C  CB  . SER A 1 106 ? -1.024  15.996  13.797  1.00 24.29 ? 142 SER A CB  1 
ATOM   821  O  OG  . SER A 1 106 ? -1.329  16.585  12.548  1.00 32.89 ? 142 SER A OG  1 
ATOM   822  N  N   . PRO A 1 107 ? -1.171  12.413  12.745  1.00 17.26 ? 143 PRO A N   1 
ATOM   823  C  CA  . PRO A 1 107 ? -0.464  11.515  11.829  1.00 17.74 ? 143 PRO A CA  1 
ATOM   824  C  C   . PRO A 1 107 ? -0.810  11.836  10.386  1.00 18.62 ? 143 PRO A C   1 
ATOM   825  O  O   . PRO A 1 107 ? -1.752  12.593  10.135  1.00 19.24 ? 143 PRO A O   1 
ATOM   826  C  CB  . PRO A 1 107 ? -1.049  10.149  12.174  1.00 17.23 ? 143 PRO A CB  1 
ATOM   827  C  CG  . PRO A 1 107 ? -2.422  10.445  12.671  1.00 18.01 ? 143 PRO A CG  1 
ATOM   828  C  CD  . PRO A 1 107 ? -2.303  11.752  13.413  1.00 19.69 ? 143 PRO A CD  1 
ATOM   829  N  N   . GLY A 1 108 ? -0.055  11.266  9.452   1.00 14.62 ? 144 GLY A N   1 
ATOM   830  C  CA  . GLY A 1 108 ? -0.463  11.301  8.056   1.00 16.56 ? 144 GLY A CA  1 
ATOM   831  C  C   . GLY A 1 108 ? -1.693  10.425  7.900   1.00 16.08 ? 144 GLY A C   1 
ATOM   832  O  O   . GLY A 1 108 ? -1.952  9.557   8.726   1.00 15.81 ? 144 GLY A O   1 
ATOM   833  N  N   . HIS A 1 109 ? -2.448  10.637  6.831   1.00 12.81 ? 145 HIS A N   1 
ATOM   834  C  CA  . HIS A 1 109 ? -3.737  9.970   6.687   1.00 13.94 ? 145 HIS A CA  1 
ATOM   835  C  C   . HIS A 1 109 ? -3.776  8.951   5.554   1.00 11.99 ? 145 HIS A C   1 
ATOM   836  O  O   . HIS A 1 109 ? -4.835  8.462   5.184   1.00 13.24 ? 145 HIS A O   1 
ATOM   837  C  CB  . HIS A 1 109 ? -4.832  11.025  6.555   1.00 17.16 ? 145 HIS A CB  1 
ATOM   838  C  CG  . HIS A 1 109 ? -4.821  12.013  7.679   1.00 18.66 ? 145 HIS A CG  1 
ATOM   839  N  ND1 . HIS A 1 109 ? -4.881  11.627  9.002   1.00 20.16 ? 145 HIS A ND1 1 
ATOM   840  C  CD2 . HIS A 1 109 ? -4.728  13.361  7.681   1.00 23.90 ? 145 HIS A CD2 1 
ATOM   841  C  CE1 . HIS A 1 109 ? -4.836  12.700  9.771   1.00 24.73 ? 145 HIS A CE1 1 
ATOM   842  N  NE2 . HIS A 1 109 ? -4.746  13.764  8.994   1.00 18.10 ? 145 HIS A NE2 1 
ATOM   843  N  N   . CYS A 1 110 ? -2.594  8.642   5.036   1.00 11.30 ? 146 CYS A N   1 
ATOM   844  C  CA  . CYS A 1 110 ? -2.393  7.540   4.102   1.00 10.75 ? 146 CYS A CA  1 
ATOM   845  C  C   . CYS A 1 110 ? -1.267  6.659   4.634   1.00 12.65 ? 146 CYS A C   1 
ATOM   846  O  O   . CYS A 1 110 ? -0.499  7.091   5.495   1.00 14.76 ? 146 CYS A O   1 
ATOM   847  C  CB  . CYS A 1 110 ? -2.061  8.077   2.705   1.00 10.69 ? 146 CYS A CB  1 
ATOM   848  S  SG  . CYS A 1 110 ? -3.471  8.913   1.915   1.00 11.04 ? 146 CYS A SG  1 
ATOM   849  N  N   . ALA A 1 111 ? -1.178  5.418   4.174   1.00 10.84 ? 147 ALA A N   1 
ATOM   850  C  CA  . ALA A 1 111 ? -0.137  4.513   4.667   1.00 11.51 ? 147 ALA A CA  1 
ATOM   851  C  C   . ALA A 1 111 ? 0.821   4.064   3.569   1.00 12.19 ? 147 ALA A C   1 
ATOM   852  O  O   . ALA A 1 111 ? 0.420   3.847   2.423   1.00 10.47 ? 147 ALA A O   1 
ATOM   853  C  CB  . ALA A 1 111 ? -0.753  3.295   5.360   1.00 14.42 ? 147 ALA A CB  1 
ATOM   854  N  N   . SER A 1 112 ? 2.093   3.951   3.929   1.00 13.29 ? 148 SER A N   1 
ATOM   855  C  CA  . SER A 1 112 ? 3.132   3.481   3.024   1.00 12.10 ? 148 SER A CA  1 
ATOM   856  C  C   . SER A 1 112 ? 3.933   2.351   3.665   1.00 13.22 ? 148 SER A C   1 
ATOM   857  O  O   . SER A 1 112 ? 3.935   2.190   4.882   1.00 12.82 ? 148 SER A O   1 
ATOM   858  C  CB  . SER A 1 112 ? 4.083   4.632   2.703   1.00 12.90 ? 148 SER A CB  1 
ATOM   859  O  OG  . SER A 1 112 ? 4.684   5.097   3.907   1.00 15.61 ? 148 SER A OG  1 
ATOM   860  N  N   . LEU A 1 113 ? 4.612   1.566   2.837   1.00 12.56 ? 149 LEU A N   1 
ATOM   861  C  CA  . LEU A 1 113 ? 5.597   0.610   3.328   1.00 13.77 ? 149 LEU A CA  1 
ATOM   862  C  C   . LEU A 1 113 ? 6.929   1.316   3.490   1.00 13.31 ? 149 LEU A C   1 
ATOM   863  O  O   . LEU A 1 113 ? 7.317   2.114   2.644   1.00 14.15 ? 149 LEU A O   1 
ATOM   864  C  CB  . LEU A 1 113 ? 5.760   -0.550  2.351   1.00 15.31 ? 149 LEU A CB  1 
ATOM   865  C  CG  . LEU A 1 113 ? 4.522   -1.381  2.036   1.00 14.60 ? 149 LEU A CG  1 
ATOM   866  C  CD1 . LEU A 1 113 ? 4.858   -2.401  0.940   1.00 15.82 ? 149 LEU A CD1 1 
ATOM   867  C  CD2 . LEU A 1 113 ? 4.019   -2.076  3.292   1.00 14.96 ? 149 LEU A CD2 1 
ATOM   868  N  N   . SER A 1 114 ? 7.621   1.007   4.584   1.00 14.90 ? 150 SER A N   1 
ATOM   869  C  CA  . SER A 1 114 ? 8.851   1.715   4.934   1.00 18.01 ? 150 SER A CA  1 
ATOM   870  C  C   . SER A 1 114 ? 10.081  0.842   4.744   1.00 17.97 ? 150 SER A C   1 
ATOM   871  O  O   . SER A 1 114 ? 10.100  -0.314  5.175   1.00 18.27 ? 150 SER A O   1 
ATOM   872  C  CB  . SER A 1 114 ? 8.778   2.212   6.380   1.00 19.90 ? 150 SER A CB  1 
ATOM   873  O  OG  . SER A 1 114 ? 8.531   1.142   7.275   1.00 19.41 ? 150 SER A OG  1 
ATOM   874  N  N   . ARG A 1 115 ? 11.103  1.400   4.100   1.00 15.43 ? 151 ARG A N   1 
ATOM   875  C  CA  . ARG A 1 115 ? 12.365  0.687   3.937   1.00 17.95 ? 151 ARG A CA  1 
ATOM   876  C  C   . ARG A 1 115 ? 12.938  0.305   5.295   1.00 21.38 ? 151 ARG A C   1 
ATOM   877  O  O   . ARG A 1 115 ? 13.518  -0.771  5.441   1.00 22.49 ? 151 ARG A O   1 
ATOM   878  C  CB  . ARG A 1 115 ? 13.385  1.530   3.183   1.00 23.69 ? 151 ARG A CB  1 
ATOM   879  C  CG  . ARG A 1 115 ? 14.765  0.886   3.158   1.00 25.23 ? 151 ARG A CG  1 
ATOM   880  C  CD  . ARG A 1 115 ? 15.752  1.727   2.370   1.00 25.62 ? 151 ARG A CD  1 
ATOM   881  N  NE  . ARG A 1 115 ? 15.382  1.812   0.963   1.00 23.93 ? 151 ARG A NE  1 
ATOM   882  C  CZ  . ARG A 1 115 ? 15.637  0.861   0.070   1.00 31.50 ? 151 ARG A CZ  1 
ATOM   883  N  NH1 . ARG A 1 115 ? 16.266  -0.247  0.440   1.00 32.54 ? 151 ARG A NH1 1 
ATOM   884  N  NH2 . ARG A 1 115 ? 15.266  1.014   -1.192  1.00 34.29 ? 151 ARG A NH2 1 
ATOM   885  N  N   . SER A 1 116 ? 12.779  1.184   6.283   1.00 22.15 ? 152 SER A N   1 
ATOM   886  C  CA  . SER A 1 116 ? 13.295  0.933   7.631   1.00 27.02 ? 152 SER A CA  1 
ATOM   887  C  C   . SER A 1 116 ? 12.778  -0.373  8.233   1.00 24.62 ? 152 SER A C   1 
ATOM   888  O  O   . SER A 1 116 ? 13.442  -0.978  9.079   1.00 29.54 ? 152 SER A O   1 
ATOM   889  C  CB  . SER A 1 116 ? 12.974  2.107   8.563   1.00 28.10 ? 152 SER A CB  1 
ATOM   890  O  OG  . SER A 1 116 ? 11.584  2.195   8.828   1.00 32.64 ? 152 SER A OG  1 
ATOM   891  N  N   . THR A 1 117 ? 11.595  -0.807  7.809   1.00 20.65 ? 153 THR A N   1 
ATOM   892  C  CA  . THR A 1 117 ? 11.035  -2.064  8.290   1.00 20.83 ? 153 THR A CA  1 
ATOM   893  C  C   . THR A 1 117 ? 11.095  -3.158  7.219   1.00 17.65 ? 153 THR A C   1 
ATOM   894  O  O   . THR A 1 117 ? 10.348  -4.138  7.275   1.00 20.59 ? 153 THR A O   1 
ATOM   895  C  CB  . THR A 1 117 ? 9.571   -1.899  8.763   1.00 22.15 ? 153 THR A CB  1 
ATOM   896  O  OG1 . THR A 1 117 ? 8.724   -1.658  7.630   1.00 18.69 ? 153 THR A OG1 1 
ATOM   897  C  CG2 . THR A 1 117 ? 9.455   -0.748  9.741   1.00 24.33 ? 153 THR A CG2 1 
ATOM   898  N  N   . ALA A 1 118 ? 12.005  -2.988  6.263   1.00 20.19 ? 154 ALA A N   1 
ATOM   899  C  CA  . ALA A 1 118 ? 12.162  -3.926  5.154   1.00 17.75 ? 154 ALA A CA  1 
ATOM   900  C  C   . ALA A 1 118 ? 10.869  -4.063  4.359   1.00 18.93 ? 154 ALA A C   1 
ATOM   901  O  O   . ALA A 1 118 ? 10.574  -5.118  3.798   1.00 19.65 ? 154 ALA A O   1 
ATOM   902  C  CB  . ALA A 1 118 ? 12.631  -5.281  5.652   1.00 20.57 ? 154 ALA A CB  1 
ATOM   903  N  N   . PHE A 1 119 ? 10.112  -2.974  4.323   1.00 17.16 ? 155 PHE A N   1 
ATOM   904  C  CA  . PHE A 1 119 ? 8.853   -2.896  3.582   1.00 15.08 ? 155 PHE A CA  1 
ATOM   905  C  C   . PHE A 1 119 ? 7.815   -3.901  4.064   1.00 17.07 ? 155 PHE A C   1 
ATOM   906  O  O   . PHE A 1 119 ? 6.934   -4.296  3.306   1.00 14.84 ? 155 PHE A O   1 
ATOM   907  C  CB  . PHE A 1 119 ? 9.084   -3.016  2.068   1.00 15.99 ? 155 PHE A CB  1 
ATOM   908  C  CG  . PHE A 1 119 ? 10.023  -1.977  1.516   1.00 16.55 ? 155 PHE A CG  1 
ATOM   909  C  CD1 . PHE A 1 119 ? 9.607   -0.660  1.355   1.00 17.22 ? 155 PHE A CD1 1 
ATOM   910  C  CD2 . PHE A 1 119 ? 11.312  -2.318  1.145   1.00 20.62 ? 155 PHE A CD2 1 
ATOM   911  C  CE1 . PHE A 1 119 ? 10.472  0.298   0.840   1.00 18.94 ? 155 PHE A CE1 1 
ATOM   912  C  CE2 . PHE A 1 119 ? 12.182  -1.365  0.630   1.00 21.79 ? 155 PHE A CE2 1 
ATOM   913  C  CZ  . PHE A 1 119 ? 11.764  -0.059  0.480   1.00 20.13 ? 155 PHE A CZ  1 
ATOM   914  N  N   . LEU A 1 120 ? 7.908   -4.286  5.331   1.00 16.19 ? 156 LEU A N   1 
ATOM   915  C  CA  . LEU A 1 120 ? 6.972   -5.229  5.929   1.00 16.49 ? 156 LEU A CA  1 
ATOM   916  C  C   . LEU A 1 120 ? 5.922   -4.540  6.789   1.00 19.13 ? 156 LEU A C   1 
ATOM   917  O  O   . LEU A 1 120 ? 4.872   -5.121  7.078   1.00 20.93 ? 156 LEU A O   1 
ATOM   918  C  CB  . LEU A 1 120 ? 7.718   -6.260  6.779   1.00 15.73 ? 156 LEU A CB  1 
ATOM   919  C  CG  . LEU A 1 120 ? 8.475   -7.337  6.009   1.00 17.15 ? 156 LEU A CG  1 
ATOM   920  C  CD1 . LEU A 1 120 ? 9.444   -8.043  6.941   1.00 18.68 ? 156 LEU A CD1 1 
ATOM   921  C  CD2 . LEU A 1 120 ? 7.510   -8.330  5.386   1.00 19.50 ? 156 LEU A CD2 1 
ATOM   922  N  N   . ARG A 1 121 ? 6.207   -3.310  7.210   1.00 17.02 ? 157 ARG A N   1 
ATOM   923  C  CA  . ARG A 1 121 ? 5.314   -2.606  8.122   1.00 15.40 ? 157 ARG A CA  1 
ATOM   924  C  C   . ARG A 1 121 ? 4.885   -1.270  7.538   1.00 12.70 ? 157 ARG A C   1 
ATOM   925  O  O   . ARG A 1 121 ? 5.485   -0.779  6.584   1.00 15.50 ? 157 ARG A O   1 
ATOM   926  C  CB  . ARG A 1 121 ? 5.983   -2.413  9.479   1.00 18.07 ? 157 ARG A CB  1 
ATOM   927  C  CG  . ARG A 1 121 ? 6.627   -3.687  10.014  1.00 24.81 ? 157 ARG A CG  1 
ATOM   928  C  CD  . ARG A 1 121 ? 6.903   -3.588  11.494  1.00 26.42 ? 157 ARG A CD  1 
ATOM   929  N  NE  . ARG A 1 121 ? 5.645   -3.535  12.231  1.00 28.46 ? 157 ARG A NE  1 
ATOM   930  C  CZ  . ARG A 1 121 ? 4.923   -4.604  12.537  1.00 29.38 ? 157 ARG A CZ  1 
ATOM   931  N  NH1 . ARG A 1 121 ? 5.343   -5.812  12.178  1.00 31.34 ? 157 ARG A NH1 1 
ATOM   932  N  NH2 . ARG A 1 121 ? 3.786   -4.466  13.208  1.00 28.40 ? 157 ARG A NH2 1 
ATOM   933  N  N   . TRP A 1 122 ? 3.823   -0.709  8.114   1.00 17.21 ? 158 TRP A N   1 
ATOM   934  C  CA  . TRP A 1 122 ? 3.147   0.452   7.547   1.00 14.07 ? 158 TRP A CA  1 
ATOM   935  C  C   . TRP A 1 122 ? 3.469   1.708   8.333   1.00 13.69 ? 158 TRP A C   1 
ATOM   936  O  O   . TRP A 1 122 ? 3.458   1.712   9.568   1.00 17.16 ? 158 TRP A O   1 
ATOM   937  C  CB  . TRP A 1 122 ? 1.636   0.257   7.586   1.00 14.94 ? 158 TRP A CB  1 
ATOM   938  C  CG  . TRP A 1 122 ? 1.143   -1.062  7.069   1.00 13.19 ? 158 TRP A CG  1 
ATOM   939  C  CD1 . TRP A 1 122 ? 1.781   -1.887  6.191   1.00 13.40 ? 158 TRP A CD1 1 
ATOM   940  C  CD2 . TRP A 1 122 ? -0.095  -1.709  7.409   1.00 12.15 ? 158 TRP A CD2 1 
ATOM   941  N  NE1 . TRP A 1 122 ? 1.015   -3.005  5.958   1.00 13.31 ? 158 TRP A NE1 1 
ATOM   942  C  CE2 . TRP A 1 122 ? -0.139  -2.922  6.694   1.00 13.39 ? 158 TRP A CE2 1 
ATOM   943  C  CE3 . TRP A 1 122 ? -1.172  -1.379  8.245   1.00 12.71 ? 158 TRP A CE3 1 
ATOM   944  C  CZ2 . TRP A 1 122 ? -1.214  -3.806  6.797   1.00 12.16 ? 158 TRP A CZ2 1 
ATOM   945  C  CZ3 . TRP A 1 122 ? -2.233  -2.254  8.346   1.00 15.23 ? 158 TRP A CZ3 1 
ATOM   946  C  CH2 . TRP A 1 122 ? -2.248  -3.457  7.620   1.00 13.85 ? 158 TRP A CH2 1 
ATOM   947  N  N   . LYS A 1 123 ? 3.705   2.782   7.602   1.00 11.93 ? 159 LYS A N   1 
ATOM   948  C  CA  . LYS A 1 123 ? 3.982   4.063   8.212   1.00 14.69 ? 159 LYS A CA  1 
ATOM   949  C  C   . LYS A 1 123 ? 2.945   5.067   7.749   1.00 14.51 ? 159 LYS A C   1 
ATOM   950  O  O   . LYS A 1 123 ? 2.728   5.211   6.549   1.00 12.23 ? 159 LYS A O   1 
ATOM   951  C  CB  . LYS A 1 123 ? 5.374   4.524   7.779   1.00 18.88 ? 159 LYS A CB  1 
ATOM   952  C  CG  . LYS A 1 123 ? 5.753   5.917   8.244   1.00 23.66 ? 159 LYS A CG  1 
ATOM   953  C  CD  . LYS A 1 123 ? 5.726   5.993   9.756   1.00 27.82 ? 159 LYS A CD  1 
ATOM   954  C  CE  . LYS A 1 123 ? 5.836   7.431   10.237  1.00 33.75 ? 159 LYS A CE  1 
ATOM   955  N  NZ  . LYS A 1 123 ? 5.433   7.589   11.668  1.00 35.95 ? 159 LYS A NZ  1 
ATOM   956  N  N   . ASP A 1 124 ? 2.310   5.758   8.693   1.00 12.02 ? 160 ASP A N   1 
ATOM   957  C  CA  . ASP A 1 124 ? 1.420   6.871   8.352   1.00 11.75 ? 160 ASP A CA  1 
ATOM   958  C  C   . ASP A 1 124 ? 2.225   7.917   7.591   1.00 15.07 ? 160 ASP A C   1 
ATOM   959  O  O   . ASP A 1 124 ? 3.391   8.174   7.913   1.00 15.39 ? 160 ASP A O   1 
ATOM   960  C  CB  . ASP A 1 124 ? 0.824   7.481   9.624   1.00 14.72 ? 160 ASP A CB  1 
ATOM   961  C  CG  . ASP A 1 124 ? 1.868   8.197   10.466  1.00 16.22 ? 160 ASP A CG  1 
ATOM   962  O  OD1 . ASP A 1 124 ? 1.867   9.443   10.467  1.00 16.12 ? 160 ASP A OD1 1 
ATOM   963  O  OD2 . ASP A 1 124 ? 2.702   7.499   11.094  1.00 17.24 ? 160 ASP A OD2 1 
ATOM   964  N  N   . TYR A 1 125 ? 1.612   8.534   6.582   1.00 12.09 ? 161 TYR A N   1 
ATOM   965  C  CA  . TYR A 1 125 ? 2.367   9.366   5.657   1.00 11.73 ? 161 TYR A CA  1 
ATOM   966  C  C   . TYR A 1 125 ? 1.464   10.400  5.006   1.00 13.16 ? 161 TYR A C   1 
ATOM   967  O  O   . TYR A 1 125 ? 0.270   10.163  4.813   1.00 13.14 ? 161 TYR A O   1 
ATOM   968  C  CB  . TYR A 1 125 ? 3.025   8.470   4.590   1.00 14.61 ? 161 TYR A CB  1 
ATOM   969  C  CG  . TYR A 1 125 ? 4.394   8.950   4.172   1.00 14.05 ? 161 TYR A CG  1 
ATOM   970  C  CD1 . TYR A 1 125 ? 5.517   8.676   4.957   1.00 15.44 ? 161 TYR A CD1 1 
ATOM   971  C  CD2 . TYR A 1 125 ? 4.570   9.697   3.015   1.00 12.18 ? 161 TYR A CD2 1 
ATOM   972  C  CE1 . TYR A 1 125 ? 6.768   9.122   4.592   1.00 19.43 ? 161 TYR A CE1 1 
ATOM   973  C  CE2 . TYR A 1 125 ? 5.825   10.153  2.644   1.00 16.02 ? 161 TYR A CE2 1 
ATOM   974  C  CZ  . TYR A 1 125 ? 6.916   9.870   3.440   1.00 14.87 ? 161 TYR A CZ  1 
ATOM   975  O  OH  . TYR A 1 125 ? 8.165   10.307  3.084   1.00 18.50 ? 161 TYR A OH  1 
ATOM   976  N  N   . ASN A 1 126 ? 2.040   11.552  4.687   1.00 13.33 ? 162 ASN A N   1 
ATOM   977  C  CA  . ASN A 1 126 ? 1.310   12.634  4.049   1.00 12.28 ? 162 ASN A CA  1 
ATOM   978  C  C   . ASN A 1 126 ? 0.796   12.194  2.686   1.00 12.13 ? 162 ASN A C   1 
ATOM   979  O  O   . ASN A 1 126 ? 1.583   11.919  1.775   1.00 11.36 ? 162 ASN A O   1 
ATOM   980  C  CB  . ASN A 1 126 ? 2.238   13.849  3.914   1.00 12.80 ? 162 ASN A CB  1 
ATOM   981  C  CG  . ASN A 1 126 ? 1.529   15.079  3.387   1.00 16.13 ? 162 ASN A CG  1 
ATOM   982  O  OD1 . ASN A 1 126 ? 0.645   15.003  2.527   1.00 17.00 ? 162 ASN A OD1 1 
ATOM   983  N  ND2 . ASN A 1 126 ? 1.939   16.245  3.887   1.00 16.44 ? 162 ASN A ND2 1 
ATOM   984  N  N   . CYS A 1 127 ? -0.527  12.116  2.560   1.00 11.64 ? 163 CYS A N   1 
ATOM   985  C  CA  . CYS A 1 127 ? -1.178  11.682  1.311   1.00 13.33 ? 163 CYS A CA  1 
ATOM   986  C  C   . CYS A 1 127 ? -0.732  12.418  0.045   1.00 11.48 ? 163 CYS A C   1 
ATOM   987  O  O   . CYS A 1 127 ? -0.834  11.886  -1.061  1.00 11.89 ? 163 CYS A O   1 
ATOM   988  C  CB  . CYS A 1 127 ? -2.690  11.838  1.429   1.00 11.81 ? 163 CYS A CB  1 
ATOM   989  S  SG  . CYS A 1 127 ? -3.447  10.803  2.694   1.00 15.73 ? 163 CYS A SG  1 
ATOM   990  N  N   . ASN A 1 128 ? -0.260  13.651  0.205   1.00 11.76 ? 164 ASN A N   1 
ATOM   991  C  CA  . ASN A 1 128 ? 0.076   14.479  -0.944  1.00 14.12 ? 164 ASN A CA  1 
ATOM   992  C  C   . ASN A 1 128 ? 1.491   14.268  -1.462  1.00 12.54 ? 164 ASN A C   1 
ATOM   993  O  O   . ASN A 1 128 ? 1.835   14.788  -2.518  1.00 13.68 ? 164 ASN A O   1 
ATOM   994  C  CB  . ASN A 1 128 ? -0.142  15.961  -0.615  1.00 13.80 ? 164 ASN A CB  1 
ATOM   995  C  CG  . ASN A 1 128 ? -1.601  16.288  -0.370  1.00 20.95 ? 164 ASN A CG  1 
ATOM   996  O  OD1 . ASN A 1 128 ? -2.479  15.826  -1.094  1.00 24.49 ? 164 ASN A OD1 1 
ATOM   997  N  ND2 . ASN A 1 128 ? -1.867  17.061  0.677   1.00 33.99 ? 164 ASN A ND2 1 
ATOM   998  N  N   . VAL A 1 129 ? 2.302   13.514  -0.726  1.00 11.68 ? 165 VAL A N   1 
ATOM   999  C  CA  . VAL A 1 129 ? 3.664   13.207  -1.170  1.00 12.81 ? 165 VAL A CA  1 
ATOM   1000 C  C   . VAL A 1 129 ? 3.614   12.207  -2.308  1.00 13.81 ? 165 VAL A C   1 
ATOM   1001 O  O   . VAL A 1 129 ? 2.852   11.236  -2.267  1.00 14.02 ? 165 VAL A O   1 
ATOM   1002 C  CB  . VAL A 1 129 ? 4.537   12.666  -0.027  1.00 12.15 ? 165 VAL A CB  1 
ATOM   1003 C  CG1 . VAL A 1 129 ? 5.906   12.229  -0.551  1.00 14.53 ? 165 VAL A CG1 1 
ATOM   1004 C  CG2 . VAL A 1 129 ? 4.687   13.711  1.052   1.00 13.60 ? 165 VAL A CG2 1 
ATOM   1005 N  N   . ARG A 1 130 ? 4.406   12.444  -3.345  1.00 13.97 ? 166 ARG A N   1 
ATOM   1006 C  CA  . ARG A 1 130 ? 4.474   11.511  -4.460  1.00 15.22 ? 166 ARG A CA  1 
ATOM   1007 C  C   . ARG A 1 130 ? 5.475   10.403  -4.164  1.00 16.09 ? 166 ARG A C   1 
ATOM   1008 O  O   . ARG A 1 130 ? 6.652   10.656  -3.869  1.00 17.97 ? 166 ARG A O   1 
ATOM   1009 C  CB  . ARG A 1 130 ? 4.835   12.245  -5.759  1.00 14.36 ? 166 ARG A CB  1 
ATOM   1010 C  CG  . ARG A 1 130 ? 3.845   13.322  -6.166  1.00 18.20 ? 166 ARG A CG  1 
ATOM   1011 C  CD  . ARG A 1 130 ? 4.258   13.970  -7.494  1.00 27.69 ? 166 ARG A CD  1 
ATOM   1012 N  NE  . ARG A 1 130 ? 3.244   14.879  -8.027  1.00 36.09 ? 166 ARG A NE  1 
ATOM   1013 C  CZ  . ARG A 1 130 ? 3.039   16.124  -7.596  1.00 37.89 ? 166 ARG A CZ  1 
ATOM   1014 N  NH1 . ARG A 1 130 ? 2.095   16.870  -8.156  1.00 40.14 ? 166 ARG A NH1 1 
ATOM   1015 N  NH2 . ARG A 1 130 ? 3.766   16.626  -6.605  1.00 33.75 ? 166 ARG A NH2 1 
ATOM   1016 N  N   . LEU A 1 131 ? 4.988   9.170   -4.219  1.00 12.11 ? 167 LEU A N   1 
ATOM   1017 C  CA  . LEU A 1 131 ? 5.808   7.997   -3.967  1.00 13.20 ? 167 LEU A CA  1 
ATOM   1018 C  C   . LEU A 1 131 ? 5.577   6.965   -5.052  1.00 14.53 ? 167 LEU A C   1 
ATOM   1019 O  O   . LEU A 1 131 ? 4.524   6.961   -5.709  1.00 13.41 ? 167 LEU A O   1 
ATOM   1020 C  CB  . LEU A 1 131 ? 5.425   7.342   -2.636  1.00 12.16 ? 167 LEU A CB  1 
ATOM   1021 C  CG  . LEU A 1 131 ? 5.527   8.164   -1.358  1.00 10.55 ? 167 LEU A CG  1 
ATOM   1022 C  CD1 . LEU A 1 131 ? 4.991   7.375   -0.189  1.00 12.54 ? 167 LEU A CD1 1 
ATOM   1023 C  CD2 . LEU A 1 131 ? 6.982   8.575   -1.133  1.00 14.46 ? 167 LEU A CD2 1 
ATOM   1024 N  N   . PRO A 1 132 ? 6.548   6.061   -5.224  1.00 14.47 ? 168 PRO A N   1 
ATOM   1025 C  CA  . PRO A 1 132 ? 6.262   4.840   -5.986  1.00 13.83 ? 168 PRO A CA  1 
ATOM   1026 C  C   . PRO A 1 132 ? 5.146   4.067   -5.279  1.00 13.72 ? 168 PRO A C   1 
ATOM   1027 O  O   . PRO A 1 132 ? 4.842   4.348   -4.118  1.00 12.95 ? 168 PRO A O   1 
ATOM   1028 C  CB  . PRO A 1 132 ? 7.566   4.047   -5.900  1.00 14.71 ? 168 PRO A CB  1 
ATOM   1029 C  CG  . PRO A 1 132 ? 8.587   4.978   -5.355  1.00 23.08 ? 168 PRO A CG  1 
ATOM   1030 C  CD  . PRO A 1 132 ? 7.865   6.025   -4.570  1.00 14.80 ? 168 PRO A CD  1 
ATOM   1031 N  N   . TYR A 1 133 ? 4.564   3.090   -5.959  1.00 12.79 ? 169 TYR A N   1 
ATOM   1032 C  CA  . TYR A 1 133 ? 3.361   2.450   -5.438  1.00 11.41 ? 169 TYR A CA  1 
ATOM   1033 C  C   . TYR A 1 133 ? 3.157   1.064   -6.025  1.00 12.71 ? 169 TYR A C   1 
ATOM   1034 O  O   . TYR A 1 133 ? 3.681   0.740   -7.096  1.00 12.81 ? 169 TYR A O   1 
ATOM   1035 C  CB  . TYR A 1 133 ? 2.137   3.345   -5.703  1.00 11.55 ? 169 TYR A CB  1 
ATOM   1036 C  CG  . TYR A 1 133 ? 1.882   3.677   -7.172  1.00 12.01 ? 169 TYR A CG  1 
ATOM   1037 C  CD1 . TYR A 1 133 ? 2.513   4.761   -7.784  1.00 12.22 ? 169 TYR A CD1 1 
ATOM   1038 C  CD2 . TYR A 1 133 ? 1.003   2.916   -7.939  1.00 13.60 ? 169 TYR A CD2 1 
ATOM   1039 C  CE1 . TYR A 1 133 ? 2.281   5.059   -9.133  1.00 11.92 ? 169 TYR A CE1 1 
ATOM   1040 C  CE2 . TYR A 1 133 ? 0.758   3.203   -9.277  1.00 13.20 ? 169 TYR A CE2 1 
ATOM   1041 C  CZ  . TYR A 1 133 ? 1.396   4.273   -9.866  1.00 15.16 ? 169 TYR A CZ  1 
ATOM   1042 O  OH  . TYR A 1 133 ? 1.138   4.534   -11.193 1.00 17.04 ? 169 TYR A OH  1 
ATOM   1043 N  N   . VAL A 1 134 ? 2.378   0.250   -5.319  1.00 11.33 ? 170 VAL A N   1 
ATOM   1044 C  CA  . VAL A 1 134 ? 2.068   -1.101  -5.783  1.00 11.63 ? 170 VAL A CA  1 
ATOM   1045 C  C   . VAL A 1 134 ? 0.574   -1.233  -6.037  1.00 10.45 ? 170 VAL A C   1 
ATOM   1046 O  O   . VAL A 1 134 ? -0.239  -0.882  -5.175  1.00 12.01 ? 170 VAL A O   1 
ATOM   1047 C  CB  . VAL A 1 134 ? 2.519   -2.172  -4.753  1.00 10.75 ? 170 VAL A CB  1 
ATOM   1048 C  CG1 . VAL A 1 134 ? 2.101   -3.591  -5.182  1.00 11.68 ? 170 VAL A CG1 1 
ATOM   1049 C  CG2 . VAL A 1 134 ? 4.024   -2.100  -4.549  1.00 15.95 ? 170 VAL A CG2 1 
ATOM   1050 N  N   . CYS A 1 135 ? 0.223   -1.733  -7.220  1.00 11.85 ? 171 CYS A N   1 
ATOM   1051 C  CA  . CYS A 1 135 ? -1.173  -2.043  -7.560  1.00 11.53 ? 171 CYS A CA  1 
ATOM   1052 C  C   . CYS A 1 135 ? -1.446  -3.529  -7.432  1.00 12.92 ? 171 CYS A C   1 
ATOM   1053 O  O   . CYS A 1 135 ? -0.575  -4.363  -7.677  1.00 13.17 ? 171 CYS A O   1 
ATOM   1054 C  CB  . CYS A 1 135 ? -1.506  -1.630  -8.998  1.00 12.20 ? 171 CYS A CB  1 
ATOM   1055 S  SG  . CYS A 1 135 ? -1.270  0.091   -9.382  1.00 15.17 ? 171 CYS A SG  1 
ATOM   1056 N  N   . LYS A 1 136 ? -2.684  -3.842  -7.067  1.00 10.67 ? 172 LYS A N   1 
ATOM   1057 C  CA  . LYS A 1 136 ? -3.181  -5.206  -6.945  1.00 11.29 ? 172 LYS A CA  1 
ATOM   1058 C  C   . LYS A 1 136 ? -4.452  -5.271  -7.781  1.00 11.30 ? 172 LYS A C   1 
ATOM   1059 O  O   . LYS A 1 136 ? -5.329  -4.414  -7.661  1.00 12.03 ? 172 LYS A O   1 
ATOM   1060 C  CB  . LYS A 1 136 ? -3.483  -5.492  -5.474  1.00 10.81 ? 172 LYS A CB  1 
ATOM   1061 C  CG  . LYS A 1 136 ? -4.209  -6.792  -5.172  1.00 11.49 ? 172 LYS A CG  1 
ATOM   1062 C  CD  . LYS A 1 136 ? -4.368  -6.887  -3.645  1.00 12.89 ? 172 LYS A CD  1 
ATOM   1063 C  CE  . LYS A 1 136 ? -5.126  -8.136  -3.232  1.00 15.79 ? 172 LYS A CE  1 
ATOM   1064 N  NZ  . LYS A 1 136 ? -5.138  -8.210  -1.734  1.00 13.55 ? 172 LYS A NZ  1 
ATOM   1065 N  N   . PHE A 1 137 ? -4.531  -6.252  -8.668  1.00 12.45 ? 173 PHE A N   1 
ATOM   1066 C  CA  . PHE A 1 137 ? -5.617  -6.291  -9.649  1.00 14.46 ? 173 PHE A CA  1 
ATOM   1067 C  C   . PHE A 1 137 ? -5.884  -7.713  -10.099 1.00 10.99 ? 173 PHE A C   1 
ATOM   1068 O  O   . PHE A 1 137 ? -5.205  -8.650  -9.678  1.00 12.14 ? 173 PHE A O   1 
ATOM   1069 C  CB  . PHE A 1 137 ? -5.335  -5.363  -10.856 1.00 14.46 ? 173 PHE A CB  1 
ATOM   1070 C  CG  . PHE A 1 137 ? -4.112  -5.734  -11.663 1.00 14.25 ? 173 PHE A CG  1 
ATOM   1071 C  CD1 . PHE A 1 137 ? -2.847  -5.388  -11.223 1.00 15.34 ? 173 PHE A CD1 1 
ATOM   1072 C  CD2 . PHE A 1 137 ? -4.235  -6.424  -12.858 1.00 19.10 ? 173 PHE A CD2 1 
ATOM   1073 C  CE1 . PHE A 1 137 ? -1.715  -5.724  -11.963 1.00 17.82 ? 173 PHE A CE1 1 
ATOM   1074 C  CE2 . PHE A 1 137 ? -3.110  -6.753  -13.608 1.00 17.67 ? 173 PHE A CE2 1 
ATOM   1075 C  CZ  . PHE A 1 137 ? -1.860  -6.416  -13.157 1.00 18.26 ? 173 PHE A CZ  1 
ATOM   1076 N  N   . THR A 1 138 ? -6.888  -7.873  -10.952 1.00 13.89 ? 174 THR A N   1 
ATOM   1077 C  CA  . THR A 1 138 ? -7.187  -9.203  -11.471 1.00 15.09 ? 174 THR A CA  1 
ATOM   1078 C  C   . THR A 1 138 ? -6.940  -9.282  -12.975 1.00 12.98 ? 174 THR A C   1 
ATOM   1079 O  O   . THR A 1 138 ? -6.974  -8.269  -13.682 1.00 16.69 ? 174 THR A O   1 
ATOM   1080 C  CB  . THR A 1 138 ? -8.629  -9.616  -11.170 1.00 20.93 ? 174 THR A CB  1 
ATOM   1081 O  OG1 . THR A 1 138 ? -9.519  -8.739  -11.850 1.00 24.71 ? 174 THR A OG1 1 
ATOM   1082 C  CG2 . THR A 1 138 ? -8.907  -9.530  -9.689  1.00 18.20 ? 174 THR A CG2 1 
ATOM   1083 N  N   . ASP A 1 139 ? -6.701  -10.497 -13.453 1.00 14.89 ? 175 ASP A N   1 
ATOM   1084 C  CA  . ASP A 1 139 ? -6.501  -10.697 -14.884 1.00 12.09 ? 175 ASP A CA  1 
ATOM   1085 C  C   . ASP A 1 139 ? -7.288  -11.899 -15.388 1.00 18.01 ? 175 ASP A C   1 
ATOM   1086 O  O   . ASP A 1 139 ? -8.392  -12.151 -14.918 1.00 21.17 ? 175 ASP A O   1 
ATOM   1087 C  CB  . ASP A 1 139 ? -5.019  -10.859 -15.201 1.00 15.77 ? 175 ASP A CB  1 
ATOM   1088 C  CG  . ASP A 1 139 ? -4.740  -10.778 -16.691 1.00 14.29 ? 175 ASP A CG  1 
ATOM   1089 O  OD1 . ASP A 1 139 ? -5.280  -9.863  -17.340 1.00 14.66 ? 175 ASP A OD1 1 
ATOM   1090 O  OD2 . ASP A 1 139 ? -3.990  -11.626 -17.201 1.00 15.36 ? 175 ASP A OD2 1 
ATOM   1091 O  OXT . ASP A 1 139 ? -6.839  -12.615 -16.288 1.00 18.34 ? 175 ASP A OXT 1 
HETATM 1092 ZN ZN  . ZN  B 2 .   ? -11.766 5.305   1.499   1.00 14.13 ? 201 ZN  A ZN  1 
HETATM 1093 ZN ZN  . ZN  C 2 .   ? -9.557  -8.290  -6.056  1.00 26.92 ? 202 ZN  A ZN  1 
HETATM 1094 ZN ZN  . ZN  D 2 .   ? -4.203  15.662  9.730   1.00 28.35 ? 203 ZN  A ZN  1 
HETATM 1095 O  O   . HOH E 3 .   ? -6.608  -1.054  -1.238  1.00 12.40 ? 301 HOH A O   1 
HETATM 1096 O  O   . HOH E 3 .   ? 4.410   -5.573  2.889   1.00 14.34 ? 302 HOH A O   1 
HETATM 1097 O  O   . HOH E 3 .   ? 0.619   -12.979 -19.565 1.00 14.24 ? 303 HOH A O   1 
HETATM 1098 O  O   . HOH E 3 .   ? -2.112  13.058  5.078   1.00 14.80 ? 304 HOH A O   1 
HETATM 1099 O  O   . HOH E 3 .   ? 6.219   14.795  -3.458  1.00 13.85 ? 305 HOH A O   1 
HETATM 1100 O  O   . HOH E 3 .   ? -10.010 -9.103  4.418   1.00 14.61 ? 306 HOH A O   1 
HETATM 1101 O  O   . HOH E 3 .   ? -5.724  -5.680  6.449   1.00 11.54 ? 307 HOH A O   1 
HETATM 1102 O  O   . HOH E 3 .   ? -11.279 -1.531  4.579   1.00 15.48 ? 308 HOH A O   1 
HETATM 1103 O  O   . HOH E 3 .   ? -3.391  11.981  -2.280  1.00 15.36 ? 309 HOH A O   1 
HETATM 1104 O  O   . HOH E 3 .   ? -6.081  -3.799  -3.354  1.00 16.48 ? 310 HOH A O   1 
HETATM 1105 O  O   . HOH E 3 .   ? -6.076  -14.645 -2.896  1.00 34.93 ? 311 HOH A O   1 
HETATM 1106 O  O   . HOH E 3 .   ? 2.570   -5.217  4.921   1.00 16.29 ? 312 HOH A O   1 
HETATM 1107 O  O   . HOH E 3 .   ? 4.970   -0.190  17.840  1.00 38.19 ? 313 HOH A O   1 
HETATM 1108 O  O   . HOH E 3 .   ? 3.855   9.777   -12.033 1.00 28.08 ? 314 HOH A O   1 
HETATM 1109 O  O   . HOH E 3 .   ? 0.105   3.762   -15.264 1.00 44.82 ? 315 HOH A O   1 
HETATM 1110 O  O   . HOH E 3 .   ? 1.590   14.448  7.590   1.00 35.51 ? 316 HOH A O   1 
HETATM 1111 O  O   . HOH E 3 .   ? -15.139 12.287  8.712   1.00 35.83 ? 317 HOH A O   1 
HETATM 1112 O  O   . HOH E 3 .   ? -11.165 -9.666  -7.358  1.00 39.77 ? 318 HOH A O   1 
HETATM 1113 O  O   . HOH E 3 .   ? -14.241 -4.993  -8.573  1.00 37.01 ? 319 HOH A O   1 
HETATM 1114 O  O   . HOH E 3 .   ? 6.261   0.745   -15.164 1.00 42.25 ? 320 HOH A O   1 
HETATM 1115 O  O   . HOH E 3 .   ? 3.150   7.231   -14.847 1.00 36.93 ? 321 HOH A O   1 
HETATM 1116 O  O   . HOH E 3 .   ? 9.231   9.551   -4.596  1.00 29.99 ? 322 HOH A O   1 
HETATM 1117 O  O   . HOH E 3 .   ? 1.596   18.781  -3.187  1.00 32.76 ? 323 HOH A O   1 
HETATM 1118 O  O   . HOH E 3 .   ? 7.214   -15.757 -5.038  1.00 39.31 ? 324 HOH A O   1 
HETATM 1119 O  O   . HOH E 3 .   ? 10.989  8.121   -3.714  1.00 38.23 ? 325 HOH A O   1 
HETATM 1120 O  O   . HOH E 3 .   ? 5.156   -16.387 -3.642  1.00 38.63 ? 326 HOH A O   1 
HETATM 1121 O  O   . HOH E 3 .   ? -5.273  7.955   12.987  1.00 27.15 ? 327 HOH A O   1 
HETATM 1122 O  O   . HOH E 3 .   ? 4.540   12.100  6.047   1.00 23.54 ? 328 HOH A O   1 
HETATM 1123 O  O   . HOH E 3 .   ? 0.492   -12.517 11.480  1.00 35.90 ? 329 HOH A O   1 
HETATM 1124 O  O   . HOH E 3 .   ? 2.388   -16.257 -13.299 1.00 31.07 ? 330 HOH A O   1 
HETATM 1125 O  O   . HOH E 3 .   ? 2.594   -18.236 -9.569  1.00 39.81 ? 331 HOH A O   1 
HETATM 1126 O  O   . HOH E 3 .   ? 2.502   -13.981 9.458   1.00 40.14 ? 332 HOH A O   1 
HETATM 1127 O  O   . HOH E 3 .   ? -10.202 -12.825 14.187  1.00 37.53 ? 333 HOH A O   1 
HETATM 1128 O  O   . HOH E 3 .   ? 20.046  1.281   -4.966  1.00 39.99 ? 334 HOH A O   1 
HETATM 1129 O  O   . HOH E 3 .   ? -11.841 3.581   0.078   1.00 7.97  ? 335 HOH A O   1 
HETATM 1130 O  O   . HOH E 3 .   ? -7.113  10.039  1.563   1.00 22.44 ? 336 HOH A O   1 
HETATM 1131 O  O   . HOH E 3 .   ? 11.007  7.134   -9.432  1.00 28.58 ? 337 HOH A O   1 
HETATM 1132 O  O   . HOH E 3 .   ? -4.826  14.022  4.178   1.00 34.95 ? 338 HOH A O   1 
HETATM 1133 O  O   . HOH E 3 .   ? -14.273 1.525   6.279   1.00 29.07 ? 339 HOH A O   1 
HETATM 1134 O  O   . HOH E 3 .   ? -16.731 -4.770  -1.322  1.00 36.87 ? 340 HOH A O   1 
HETATM 1135 O  O   . HOH E 3 .   ? -3.963  14.492  -3.035  1.00 37.71 ? 341 HOH A O   1 
HETATM 1136 O  O   . HOH E 3 .   ? -5.075  16.420  -9.777  1.00 44.84 ? 342 HOH A O   1 
HETATM 1137 O  O   . HOH E 3 .   ? -9.665  0.087   -21.078 1.00 42.74 ? 343 HOH A O   1 
HETATM 1138 O  O   . HOH E 3 .   ? -7.266  -4.670  -5.640  1.00 18.67 ? 344 HOH A O   1 
HETATM 1139 O  O   . HOH E 3 .   ? 3.898   16.612  -3.215  1.00 16.52 ? 345 HOH A O   1 
HETATM 1140 O  O   . HOH E 3 .   ? -5.786  -7.448  -16.096 1.00 17.67 ? 346 HOH A O   1 
HETATM 1141 O  O   . HOH E 3 .   ? -0.525  -15.161 6.726   1.00 21.24 ? 347 HOH A O   1 
HETATM 1142 O  O   . HOH E 3 .   ? -3.729  -12.389 -3.464  1.00 24.97 ? 348 HOH A O   1 
HETATM 1143 O  O   . HOH E 3 .   ? 0.494   12.690  -8.121  1.00 18.70 ? 349 HOH A O   1 
HETATM 1144 O  O   . HOH E 3 .   ? -0.593  -2.913  13.940  1.00 19.70 ? 350 HOH A O   1 
HETATM 1145 O  O   . HOH E 3 .   ? -5.237  9.419   10.411  1.00 20.21 ? 351 HOH A O   1 
HETATM 1146 O  O   . HOH E 3 .   ? -9.844  -3.675  -6.008  1.00 20.13 ? 352 HOH A O   1 
HETATM 1147 O  O   . HOH E 3 .   ? -8.028  -14.943 -16.844 1.00 24.19 ? 353 HOH A O   1 
HETATM 1148 O  O   . HOH E 3 .   ? -8.571  -7.285  -7.663  1.00 21.22 ? 354 HOH A O   1 
HETATM 1149 O  O   . HOH E 3 .   ? 3.396   5.885   -12.209 1.00 23.66 ? 355 HOH A O   1 
HETATM 1150 O  O   . HOH E 3 .   ? -12.673 -2.638  -12.704 1.00 28.02 ? 356 HOH A O   1 
HETATM 1151 O  O   . HOH E 3 .   ? 4.632   -10.146 6.735   1.00 25.40 ? 357 HOH A O   1 
HETATM 1152 O  O   . HOH E 3 .   ? -5.131  -14.041 -13.445 1.00 24.82 ? 358 HOH A O   1 
HETATM 1153 O  O   . HOH E 3 .   ? -8.082  -11.035 5.323   1.00 21.80 ? 359 HOH A O   1 
HETATM 1154 O  O   . HOH E 3 .   ? 6.163   -5.078  -10.727 1.00 24.85 ? 360 HOH A O   1 
HETATM 1155 O  O   . HOH E 3 .   ? -6.288  -12.610 -11.430 1.00 26.29 ? 361 HOH A O   1 
HETATM 1156 O  O   . HOH E 3 .   ? 0.093   2.858   -12.938 1.00 27.63 ? 362 HOH A O   1 
HETATM 1157 O  O   . HOH E 3 .   ? 6.109   3.731   -13.134 1.00 26.87 ? 363 HOH A O   1 
HETATM 1158 O  O   . HOH E 3 .   ? 9.847   10.776  5.077   1.00 26.74 ? 364 HOH A O   1 
HETATM 1159 O  O   . HOH E 3 .   ? 2.791   4.912   11.596  1.00 24.94 ? 365 HOH A O   1 
HETATM 1160 O  O   . HOH E 3 .   ? -11.870 -0.569  7.404   1.00 20.21 ? 366 HOH A O   1 
HETATM 1161 O  O   . HOH E 3 .   ? -3.501  8.858   -11.900 1.00 21.85 ? 367 HOH A O   1 
HETATM 1162 O  O   . HOH E 3 .   ? -4.077  -12.008 1.879   1.00 25.05 ? 368 HOH A O   1 
HETATM 1163 O  O   . HOH E 3 .   ? -13.451 5.377   7.274   1.00 25.95 ? 369 HOH A O   1 
HETATM 1164 O  O   . HOH E 3 .   ? 3.614   -7.512  6.831   1.00 23.69 ? 370 HOH A O   1 
HETATM 1165 O  O   . HOH E 3 .   ? -0.770  15.047  6.279   1.00 29.65 ? 371 HOH A O   1 
HETATM 1166 O  O   . HOH E 3 .   ? 2.210   -15.002 -15.496 1.00 24.33 ? 372 HOH A O   1 
HETATM 1167 O  O   . HOH E 3 .   ? -1.513  -13.171 8.981   1.00 25.65 ? 373 HOH A O   1 
HETATM 1168 O  O   . HOH E 3 .   ? 7.841   1.753   -13.235 1.00 28.95 ? 374 HOH A O   1 
HETATM 1169 O  O   . HOH E 3 .   ? 4.215   -15.082 1.325   1.00 25.39 ? 375 HOH A O   1 
HETATM 1170 O  O   . HOH E 3 .   ? -4.420  7.349   -13.828 1.00 33.69 ? 376 HOH A O   1 
HETATM 1171 O  O   . HOH E 3 .   ? -11.285 -0.363  -11.503 1.00 27.82 ? 377 HOH A O   1 
HETATM 1172 O  O   . HOH E 3 .   ? -2.111  -14.490 1.864   1.00 28.94 ? 378 HOH A O   1 
HETATM 1173 O  O   . HOH E 3 .   ? 0.533   15.990  -4.591  1.00 28.47 ? 379 HOH A O   1 
HETATM 1174 O  O   . HOH E 3 .   ? 2.054   1.037   18.337  1.00 33.63 ? 380 HOH A O   1 
HETATM 1175 O  O   . HOH E 3 .   ? 8.926   -1.424  -11.749 1.00 34.03 ? 381 HOH A O   1 
HETATM 1176 O  O   . HOH E 3 .   ? 8.172   12.769  -4.116  1.00 29.01 ? 382 HOH A O   1 
HETATM 1177 O  O   . HOH E 3 .   ? -5.257  -12.911 7.289   1.00 24.88 ? 383 HOH A O   1 
HETATM 1178 O  O   . HOH E 3 .   ? -8.901  5.579   -13.013 1.00 25.78 ? 384 HOH A O   1 
HETATM 1179 O  O   . HOH E 3 .   ? -11.824 -5.059  -4.786  1.00 31.31 ? 385 HOH A O   1 
HETATM 1180 O  O   . HOH E 3 .   ? 2.998   -10.582 10.000  1.00 29.44 ? 386 HOH A O   1 
HETATM 1181 O  O   . HOH E 3 .   ? 5.229   -1.979  -13.387 1.00 29.75 ? 387 HOH A O   1 
HETATM 1182 O  O   . HOH E 3 .   ? 3.618   -15.895 -5.588  1.00 32.33 ? 388 HOH A O   1 
HETATM 1183 O  O   . HOH E 3 .   ? -11.329 5.271   -11.700 1.00 32.45 ? 389 HOH A O   1 
HETATM 1184 O  O   . HOH E 3 .   ? 11.998  3.969   5.812   1.00 28.79 ? 390 HOH A O   1 
HETATM 1185 O  O   . HOH E 3 .   ? 3.551   11.038  11.651  1.00 26.79 ? 391 HOH A O   1 
HETATM 1186 O  O   . HOH E 3 .   ? -0.576  -5.018  -19.750 1.00 36.90 ? 392 HOH A O   1 
HETATM 1187 O  O   . HOH E 3 .   ? -8.392  -7.661  -2.448  1.00 29.26 ? 393 HOH A O   1 
HETATM 1188 O  O   . HOH E 3 .   ? -8.710  1.056   -18.146 1.00 29.98 ? 394 HOH A O   1 
HETATM 1189 O  O   . HOH E 3 .   ? -13.571 1.402   1.482   1.00 26.35 ? 395 HOH A O   1 
HETATM 1190 O  O   . HOH E 3 .   ? -7.366  11.321  3.933   1.00 30.08 ? 396 HOH A O   1 
HETATM 1191 O  O   . HOH E 3 .   ? 9.871   -5.502  9.833   1.00 29.34 ? 397 HOH A O   1 
HETATM 1192 O  O   . HOH E 3 .   ? 8.959   -11.748 5.274   1.00 33.92 ? 398 HOH A O   1 
HETATM 1193 O  O   . HOH E 3 .   ? 8.969   12.658  -6.682  1.00 31.95 ? 399 HOH A O   1 
HETATM 1194 O  O   . HOH E 3 .   ? 10.495  -3.678  12.020  1.00 32.73 ? 400 HOH A O   1 
HETATM 1195 O  O   . HOH E 3 .   ? -10.101 -10.060 -14.152 1.00 28.65 ? 401 HOH A O   1 
HETATM 1196 O  O   . HOH E 3 .   ? -5.759  -12.009 9.826   1.00 23.28 ? 402 HOH A O   1 
HETATM 1197 O  O   . HOH E 3 .   ? -10.350 0.893   10.732  1.00 31.38 ? 403 HOH A O   1 
HETATM 1198 O  O   . HOH E 3 .   ? 15.327  -2.477  4.155   1.00 33.16 ? 404 HOH A O   1 
HETATM 1199 O  O   . HOH E 3 .   ? -12.497 -3.258  8.173   1.00 28.07 ? 405 HOH A O   1 
HETATM 1200 O  O   . HOH E 3 .   ? -10.018 -12.473 11.653  1.00 28.17 ? 406 HOH A O   1 
HETATM 1201 O  O   . HOH E 3 .   ? -13.577 -0.533  3.504   1.00 27.73 ? 407 HOH A O   1 
HETATM 1202 O  O   . HOH E 3 .   ? 10.807  -9.357  3.121   1.00 33.89 ? 408 HOH A O   1 
HETATM 1203 O  O   . HOH E 3 .   ? -14.070 -5.290  -1.635  1.00 28.39 ? 409 HOH A O   1 
HETATM 1204 O  O   . HOH E 3 .   ? 1.140   -1.737  -16.387 1.00 37.40 ? 410 HOH A O   1 
HETATM 1205 O  O   . HOH E 3 .   ? -16.442 10.074  10.153  1.00 34.15 ? 411 HOH A O   1 
HETATM 1206 O  O   . HOH E 3 .   ? -5.889  -16.472 -16.966 1.00 17.75 ? 412 HOH A O   1 
HETATM 1207 O  O   . HOH E 3 .   ? -9.928  -10.571 -5.472  1.00 26.67 ? 413 HOH A O   1 
HETATM 1208 O  O   . HOH E 3 .   ? 16.347  -1.548  -2.372  1.00 33.22 ? 414 HOH A O   1 
HETATM 1209 O  O   . HOH E 3 .   ? 0.536   -17.876 -4.119  1.00 32.43 ? 415 HOH A O   1 
HETATM 1210 O  O   . HOH E 3 .   ? 10.211  6.749   -1.703  1.00 27.48 ? 416 HOH A O   1 
HETATM 1211 O  O   . HOH E 3 .   ? 0.310   15.149  -6.971  1.00 32.28 ? 417 HOH A O   1 
HETATM 1212 O  O   . HOH E 3 .   ? -15.328 5.423   9.160   1.00 34.01 ? 418 HOH A O   1 
HETATM 1213 O  O   . HOH E 3 .   ? -16.888 7.775   9.247   1.00 31.46 ? 419 HOH A O   1 
HETATM 1214 O  O   . HOH E 3 .   ? -8.021  -13.019 3.843   1.00 31.97 ? 420 HOH A O   1 
HETATM 1215 O  O   . HOH E 3 .   ? -0.155  -3.517  -14.831 1.00 35.64 ? 421 HOH A O   1 
HETATM 1216 O  O   . HOH E 3 .   ? -1.583  10.960  -12.067 1.00 33.84 ? 422 HOH A O   1 
HETATM 1217 O  O   . HOH E 3 .   ? -12.913 1.909   -10.824 1.00 32.87 ? 423 HOH A O   1 
HETATM 1218 O  O   . HOH E 3 .   ? 3.355   3.564   19.232  1.00 32.73 ? 424 HOH A O   1 
HETATM 1219 O  O   . HOH E 3 .   ? 10.150  4.677   8.633   1.00 34.21 ? 425 HOH A O   1 
HETATM 1220 O  O   . HOH E 3 .   ? -5.242  -16.821 -14.407 1.00 28.67 ? 426 HOH A O   1 
HETATM 1221 O  O   . HOH E 3 .   ? 0.587   18.633  2.756   1.00 32.08 ? 427 HOH A O   1 
HETATM 1222 O  O   . HOH E 3 .   ? -11.630 -6.922  -2.972  1.00 30.25 ? 428 HOH A O   1 
HETATM 1223 O  O   . HOH E 3 .   ? -5.517  11.446  -0.359  1.00 22.16 ? 429 HOH A O   1 
HETATM 1224 O  O   . HOH E 3 .   ? 2.503   -17.602 0.982   1.00 33.42 ? 430 HOH A O   1 
HETATM 1225 O  O   . HOH E 3 .   ? -2.361  15.278  -10.236 1.00 40.12 ? 431 HOH A O   1 
HETATM 1226 O  O   . HOH E 3 .   ? -8.266  0.984   12.019  1.00 33.25 ? 432 HOH A O   1 
HETATM 1227 O  O   . HOH E 3 .   ? -6.623  13.782  -2.905  1.00 31.53 ? 433 HOH A O   1 
HETATM 1228 O  O   . HOH E 3 .   ? -3.876  -2.276  -10.695 1.00 26.86 ? 434 HOH A O   1 
HETATM 1229 O  O   . HOH E 3 .   ? -1.508  -1.927  -12.232 1.00 26.69 ? 435 HOH A O   1 
HETATM 1230 O  O   . HOH E 3 .   ? -5.088  14.451  -7.913  1.00 38.00 ? 436 HOH A O   1 
HETATM 1231 O  O   . HOH E 3 .   ? 15.713  -3.813  0.271   1.00 38.51 ? 437 HOH A O   1 
HETATM 1232 O  O   . HOH E 3 .   ? -5.740  -2.659  -17.939 1.00 33.23 ? 438 HOH A O   1 
HETATM 1233 O  O   . HOH E 3 .   ? 0.301   19.620  -1.033  1.00 36.95 ? 439 HOH A O   1 
HETATM 1234 O  O   . HOH E 3 .   ? 8.465   -1.427  13.100  1.00 36.25 ? 440 HOH A O   1 
HETATM 1235 O  O   . HOH E 3 .   ? -4.050  9.797   16.348  1.00 35.10 ? 441 HOH A O   1 
HETATM 1236 O  O   . HOH E 3 .   ? 6.992   -9.654  -16.444 1.00 34.61 ? 442 HOH A O   1 
HETATM 1237 O  O   . HOH E 3 .   ? 6.577   -1.952  14.727  1.00 37.12 ? 443 HOH A O   1 
HETATM 1238 O  O   . HOH E 3 .   ? -8.825  -6.808  -4.750  1.00 28.07 ? 444 HOH A O   1 
HETATM 1239 O  O   . HOH E 3 .   ? -11.282 -3.846  11.197  1.00 35.74 ? 445 HOH A O   1 
HETATM 1240 O  O   . HOH E 3 .   ? 1.499   -4.239  14.260  1.00 31.66 ? 446 HOH A O   1 
HETATM 1241 O  O   . HOH E 3 .   ? -11.779 -7.452  -6.431  1.00 32.42 ? 447 HOH A O   1 
HETATM 1242 O  O   . HOH E 3 .   ? 7.693   -6.827  11.240  1.00 39.62 ? 448 HOH A O   1 
HETATM 1243 O  O   . HOH E 3 .   ? -3.589  -0.616  -17.582 1.00 38.77 ? 449 HOH A O   1 
HETATM 1244 O  O   . HOH E 3 .   ? -15.091 -3.240  6.439   1.00 38.53 ? 450 HOH A O   1 
HETATM 1245 O  O   . HOH E 3 .   ? -7.516  -14.634 6.153   1.00 30.20 ? 451 HOH A O   1 
HETATM 1246 O  O   . HOH E 3 .   ? 3.222   -3.065  -15.144 1.00 38.62 ? 452 HOH A O   1 
HETATM 1247 O  O   . HOH E 3 .   ? -2.314  6.466   -15.063 1.00 36.17 ? 453 HOH A O   1 
HETATM 1248 O  O   . HOH E 3 .   ? 10.147  2.505   13.282  1.00 19.60 ? 454 HOH A O   1 
HETATM 1249 O  O   . HOH E 3 .   ? 3.820   -14.492 -11.705 1.00 28.70 ? 455 HOH A O   1 
HETATM 1250 O  O   . HOH E 3 .   ? 10.239  14.489  -7.320  1.00 30.96 ? 456 HOH A O   1 
HETATM 1251 O  O   . HOH E 3 .   ? 5.053   -13.337 -13.660 1.00 34.37 ? 457 HOH A O   1 
HETATM 1252 O  O   . HOH E 3 .   ? -5.210  -11.271 -0.952  1.00 31.05 ? 458 HOH A O   1 
HETATM 1253 O  O   . HOH E 3 .   ? -2.487  -16.688 5.473   1.00 36.06 ? 459 HOH A O   1 
HETATM 1254 O  O   . HOH E 3 .   ? 1.819   -5.410  -15.918 1.00 34.20 ? 460 HOH A O   1 
HETATM 1255 O  O   . HOH E 3 .   ? 3.747   16.501  6.089   1.00 33.52 ? 461 HOH A O   1 
HETATM 1256 O  O   . HOH E 3 .   ? 10.984  9.503   7.242   1.00 31.21 ? 462 HOH A O   1 
HETATM 1257 O  O   . HOH E 3 .   ? 14.520  -4.177  2.469   1.00 37.42 ? 463 HOH A O   1 
HETATM 1258 O  O   . HOH E 3 .   ? -3.225  3.147   16.100  1.00 30.37 ? 464 HOH A O   1 
HETATM 1259 O  O   . HOH E 3 .   ? -2.113  15.102  10.419  1.00 31.57 ? 465 HOH A O   1 
HETATM 1260 O  O   . HOH E 3 .   ? 4.979   -14.212 -8.393  1.00 29.45 ? 466 HOH A O   1 
HETATM 1261 O  O   . HOH E 3 .   ? -3.021  14.425  -5.712  1.00 33.63 ? 467 HOH A O   1 
HETATM 1262 O  O   . HOH E 3 .   ? 1.916   11.437  -12.593 1.00 37.83 ? 468 HOH A O   1 
HETATM 1263 O  O   . HOH E 3 .   ? -5.226  16.668  7.929   1.00 32.13 ? 469 HOH A O   1 
HETATM 1264 O  O   . HOH E 3 .   ? 4.885   10.469  8.498   1.00 31.55 ? 470 HOH A O   1 
HETATM 1265 O  O   . HOH E 3 .   ? -2.083  16.148  -3.755  1.00 37.31 ? 471 HOH A O   1 
HETATM 1266 O  O   . HOH E 3 .   ? 4.193   4.914   -14.779 1.00 37.27 ? 472 HOH A O   1 
HETATM 1267 O  O   . HOH E 3 .   ? -10.332 -8.852  -3.973  1.00 32.91 ? 473 HOH A O   1 
HETATM 1268 O  O   . HOH E 3 .   ? -8.638  7.326   12.442  1.00 34.34 ? 474 HOH A O   1 
HETATM 1269 O  O   . HOH E 3 .   ? -0.929  -17.958 -7.710  1.00 34.07 ? 475 HOH A O   1 
HETATM 1270 O  O   . HOH E 3 .   ? -5.681  0.418   12.373  1.00 27.06 ? 476 HOH A O   1 
HETATM 1271 O  O   . HOH E 3 .   ? 5.699   10.125  10.970  1.00 33.95 ? 477 HOH A O   1 
HETATM 1272 O  O   . HOH E 3 .   ? 2.663   12.596  -10.279 1.00 37.36 ? 478 HOH A O   1 
HETATM 1273 O  O   . HOH E 3 .   ? -7.447  -18.358 -8.456  1.00 36.06 ? 479 HOH A O   1 
HETATM 1274 O  O   . HOH E 3 .   ? -6.823  -18.650 -13.434 1.00 37.16 ? 480 HOH A O   1 
HETATM 1275 O  O   . HOH E 3 .   ? 5.996   2.569   18.860  1.00 34.61 ? 481 HOH A O   1 
# 
